data_7AY2
#
_entry.id   7AY2
#
_cell.length_a   134.242
_cell.length_b   134.242
_cell.length_c   274.673
_cell.angle_alpha   90.000
_cell.angle_beta   90.000
_cell.angle_gamma   120.000
#
_symmetry.space_group_name_H-M   'P 65'
#
loop_
_entity.id
_entity.type
_entity.pdbx_description
1 polymer 'WD repeat-containing protein 48'
2 polymer 'Ubiquitin carboxyl-terminal hydrolase 1'
3 polymer Polyubiquitin-B
4 non-polymer 'ZINC ION'
5 non-polymer prop-2-en-1-amine
#
loop_
_entity_poly.entity_id
_entity_poly.type
_entity_poly.pdbx_seq_one_letter_code
_entity_poly.pdbx_strand_id
1 'polypeptide(L)'
;MAAHHRQNTAGRRKVQVSYVIRDEVEKYNRNGVNALQLDPALNRLFTAGRDSIIRIWSVNQHKQDPYIASMEHHTDWVND
IVLCCNGKTLISASSDTTVKVWNAHKGFCMSTLRTHKDYVKALAYAKDKELVASAGLDRQIFLWDVNTLTALTASNNTVT
TSSLSGNKDSIYSLAMNQLGTIIVSGSTEKVLRVWDPRTCAKLMKLKGHTDNVKALLLNRDGTQCLSGSSDGTIRLWSLG
QQRCIATYRVHDEGVWALQVNDAFTHVYSGGRDRKIYCTDLRNPDIRVLICEEKAPVLKMELDRSADPPPAIWVATTKST
VNKWTLKGIHNFRASGDYDNDCTNPITPLCTQPDQVIKGGASIIQCHILNDKRHILTKDTNNNVAYWDVLKACKVEDLGK
VDFEDEIKKRFKMVYVPNWFSVDLKTGMLTITLDESDCFAAWVSAKDAGFSSPDGSDPKLNLGGLLLQALLEYWPRTHVN
PMDEEENEVNHVNGEQENRVQKGNGYFQVPPHTPVIFGEAGGRTLFRLLCRDSGGETESMLLNETVPQWVIDITVDKNMP
KFN
;
A,D
2 'polypeptide(L)'
;GGSPINCEKRENLLPFVGLNNLGNTCYLNSILQVLYFCPGFKSGVKHLFNIISRKKEALKSLASYELICSLQSLIISVEQ
LQASFLLNPEKYTDELATQPRRLLNTLRELNPMYEGYLQHDAQEVLQCILGNIQETCQLLKKEEVKNVAENEVKPINKGE
EQIGFELVEKLFQGQLVLRTRCLECESLTERREDFQDISVPVQEDELSKVEESSEISPEPKTEMKTLRWAISQFASVERI
VGEDKYFCENCHHYTEAERSLLFDKMPEVITIHLKCFAASGLEFDCYGGGLSKINTPLLTPLKLSLEEWSTKPTNDSYGL
FAVVMHSGITISSGHYTASVKVTDLNSLEQSLKEYEGKWLLFDDSEVKVTEEKDFLNSLSPSTSPTSTPYLLFYKKL
;
B,E
3 'polypeptide(L)' MQIFVKTLTGKTITLEVEPSDTIENVKAKIQDKEGIPPDQQRLIFAGKQLEDGRTLSDYNIQKESTLHLVLRLRG C,F
#
loop_
_chem_comp.id
_chem_comp.type
_chem_comp.name
_chem_comp.formula
AYE non-polymer prop-2-en-1-amine 'C3 H7 N'
ZN non-polymer 'ZINC ION' 'Zn 2'
#
# COMPACT_ATOMS: atom_id res chain seq x y z
N ARG A 13 9.27 1.21 -19.97
CA ARG A 13 10.59 1.02 -20.54
C ARG A 13 10.55 0.18 -21.83
N LYS A 14 11.52 -0.71 -22.00
CA LYS A 14 11.62 -1.55 -23.19
C LYS A 14 10.82 -2.83 -23.02
N VAL A 15 9.98 -3.14 -24.01
CA VAL A 15 8.94 -4.16 -23.89
C VAL A 15 9.48 -5.41 -24.59
N GLN A 16 9.44 -6.54 -23.89
CA GLN A 16 9.81 -7.83 -24.45
C GLN A 16 8.61 -8.74 -24.66
N VAL A 17 8.73 -9.62 -25.66
CA VAL A 17 7.75 -10.67 -25.93
C VAL A 17 8.35 -11.98 -25.45
N SER A 18 7.56 -12.77 -24.73
CA SER A 18 8.02 -14.10 -24.34
C SER A 18 6.92 -15.14 -24.54
N TYR A 19 7.33 -16.41 -24.45
CA TYR A 19 6.39 -17.51 -24.53
C TYR A 19 6.99 -18.71 -23.83
N VAL A 20 6.11 -19.62 -23.39
CA VAL A 20 6.48 -20.77 -22.60
C VAL A 20 6.26 -22.04 -23.42
N ILE A 21 7.26 -22.91 -23.45
CA ILE A 21 7.16 -24.19 -24.12
C ILE A 21 6.78 -25.24 -23.09
N ARG A 22 5.59 -25.82 -23.23
CA ARG A 22 4.99 -26.63 -22.17
C ARG A 22 3.81 -27.38 -22.74
N ASP A 23 3.24 -28.28 -21.92
CA ASP A 23 2.02 -28.96 -22.28
C ASP A 23 0.81 -28.11 -21.91
N GLU A 24 -0.31 -28.39 -22.57
CA GLU A 24 -1.56 -27.68 -22.26
C GLU A 24 -1.96 -27.85 -20.80
N VAL A 25 -1.73 -29.04 -20.24
CA VAL A 25 -1.98 -29.31 -18.83
C VAL A 25 -0.68 -29.73 -18.17
N GLU A 26 -0.28 -28.98 -17.13
CA GLU A 26 0.83 -29.35 -16.26
C GLU A 26 0.24 -29.82 -14.92
N LYS A 27 -0.14 -31.09 -14.88
CA LYS A 27 -0.79 -31.67 -13.70
C LYS A 27 0.06 -31.54 -12.45
N TYR A 28 1.37 -31.73 -12.57
CA TYR A 28 2.26 -31.72 -11.43
C TYR A 28 3.07 -30.44 -11.39
N ASN A 29 3.39 -30.00 -10.16
CA ASN A 29 4.31 -28.90 -9.98
C ASN A 29 5.63 -29.19 -10.68
N ARG A 30 6.17 -28.17 -11.34
CA ARG A 30 7.44 -28.27 -12.05
C ARG A 30 8.57 -27.61 -11.30
N ASN A 31 8.35 -27.24 -10.05
CA ASN A 31 9.29 -26.49 -9.23
C ASN A 31 8.81 -26.55 -7.79
N GLY A 32 9.54 -25.88 -6.91
CA GLY A 32 9.15 -25.85 -5.51
C GLY A 32 7.86 -25.09 -5.29
N VAL A 33 7.36 -25.16 -4.06
CA VAL A 33 6.08 -24.56 -3.71
C VAL A 33 6.32 -23.49 -2.65
N ASN A 34 5.84 -22.27 -2.93
CA ASN A 34 6.14 -21.11 -2.11
C ASN A 34 5.16 -20.88 -0.99
N ALA A 35 3.92 -21.37 -1.11
CA ALA A 35 2.85 -20.99 -0.19
C ALA A 35 1.71 -21.98 -0.30
N LEU A 36 0.89 -22.03 0.75
CA LEU A 36 -0.17 -23.03 0.87
C LEU A 36 -1.41 -22.40 1.48
N GLN A 37 -2.58 -22.82 1.00
CA GLN A 37 -3.87 -22.44 1.57
C GLN A 37 -4.80 -23.64 1.57
N LEU A 38 -5.50 -23.82 2.70
CA LEU A 38 -6.40 -24.95 2.91
C LEU A 38 -7.83 -24.46 3.01
N ASP A 39 -8.69 -24.94 2.11
CA ASP A 39 -10.12 -24.64 2.21
C ASP A 39 -10.76 -25.75 3.03
N PRO A 40 -11.19 -25.50 4.27
CA PRO A 40 -11.75 -26.58 5.10
C PRO A 40 -13.17 -27.01 4.72
N ALA A 41 -13.93 -26.17 4.03
CA ALA A 41 -15.30 -26.51 3.63
C ALA A 41 -15.36 -27.47 2.46
N LEU A 42 -14.37 -27.44 1.56
CA LEU A 42 -14.35 -28.27 0.37
C LEU A 42 -13.25 -29.30 0.38
N ASN A 43 -12.44 -29.35 1.44
CA ASN A 43 -11.29 -30.23 1.54
C ASN A 43 -10.34 -30.04 0.37
N ARG A 44 -10.03 -28.78 0.07
CA ARG A 44 -9.17 -28.43 -1.03
C ARG A 44 -7.91 -27.74 -0.54
N LEU A 45 -6.78 -28.10 -1.14
CA LEU A 45 -5.48 -27.49 -0.89
C LEU A 45 -5.03 -26.67 -2.09
N PHE A 46 -4.64 -25.43 -1.85
CA PHE A 46 -4.05 -24.60 -2.89
C PHE A 46 -2.54 -24.58 -2.69
N THR A 47 -1.80 -24.79 -3.78
CA THR A 47 -0.35 -24.64 -3.78
C THR A 47 0.04 -23.50 -4.70
N ALA A 48 0.95 -22.66 -4.23
CA ALA A 48 1.48 -21.56 -5.02
C ALA A 48 2.84 -22.02 -5.53
N GLY A 49 2.91 -22.33 -6.82
CA GLY A 49 4.08 -22.98 -7.37
C GLY A 49 5.13 -21.97 -7.82
N ARG A 50 6.40 -22.33 -7.61
CA ARG A 50 7.48 -21.62 -8.28
C ARG A 50 7.42 -21.78 -9.79
N ASP A 51 6.71 -22.79 -10.30
CA ASP A 51 6.51 -22.95 -11.73
C ASP A 51 5.48 -21.98 -12.32
N SER A 52 5.03 -20.98 -11.56
CA SER A 52 4.07 -19.93 -11.90
C SER A 52 2.63 -20.39 -11.92
N ILE A 53 2.34 -21.66 -11.59
CA ILE A 53 0.97 -22.17 -11.61
C ILE A 53 0.50 -22.42 -10.19
N ILE A 54 -0.75 -22.02 -9.92
CA ILE A 54 -1.46 -22.35 -8.68
C ILE A 54 -2.32 -23.56 -8.99
N ARG A 55 -2.31 -24.55 -8.09
CA ARG A 55 -3.09 -25.76 -8.31
C ARG A 55 -3.98 -26.05 -7.11
N ILE A 56 -5.16 -26.60 -7.42
CA ILE A 56 -6.14 -27.01 -6.43
C ILE A 56 -6.12 -28.53 -6.33
N TRP A 57 -5.96 -29.05 -5.12
CA TRP A 57 -5.90 -30.47 -4.87
C TRP A 57 -7.02 -30.89 -3.92
N SER A 58 -7.53 -32.11 -4.09
CA SER A 58 -8.42 -32.70 -3.08
C SER A 58 -7.58 -33.40 -2.03
N VAL A 59 -7.89 -33.15 -0.75
CA VAL A 59 -7.14 -33.75 0.34
C VAL A 59 -7.90 -34.93 0.97
N ASN A 60 -8.97 -35.39 0.33
CA ASN A 60 -9.60 -36.65 0.70
C ASN A 60 -8.60 -37.80 0.51
N GLN A 61 -8.30 -38.55 1.58
CA GLN A 61 -7.43 -39.72 1.39
C GLN A 61 -8.09 -40.82 0.59
N HIS A 62 -9.36 -40.63 0.25
CA HIS A 62 -10.09 -41.46 -0.72
C HIS A 62 -9.45 -41.35 -2.10
N LYS A 63 -9.48 -40.16 -2.69
CA LYS A 63 -9.13 -39.98 -4.09
C LYS A 63 -7.75 -40.51 -4.41
N GLN A 64 -7.67 -41.13 -5.58
CA GLN A 64 -6.48 -41.74 -6.12
C GLN A 64 -5.62 -40.72 -6.85
N ASP A 65 -6.27 -39.74 -7.47
CA ASP A 65 -5.67 -38.62 -8.17
C ASP A 65 -6.09 -37.33 -7.46
N PRO A 66 -5.31 -36.77 -6.55
CA PRO A 66 -5.79 -35.58 -5.83
C PRO A 66 -5.87 -34.31 -6.68
N TYR A 67 -5.42 -34.34 -7.93
CA TYR A 67 -5.43 -33.14 -8.78
C TYR A 67 -6.86 -32.73 -9.11
N ILE A 68 -7.12 -31.41 -9.04
CA ILE A 68 -8.44 -30.89 -9.38
C ILE A 68 -8.31 -29.91 -10.53
N ALA A 69 -7.48 -28.89 -10.39
CA ALA A 69 -7.33 -27.89 -11.45
C ALA A 69 -6.03 -27.13 -11.25
N SER A 70 -5.58 -26.50 -12.33
CA SER A 70 -4.45 -25.56 -12.35
C SER A 70 -4.98 -24.16 -12.61
N MET A 71 -4.40 -23.15 -11.97
CA MET A 71 -4.86 -21.79 -12.26
C MET A 71 -3.68 -21.00 -12.86
N GLU A 72 -3.74 -20.83 -14.19
CA GLU A 72 -2.60 -20.41 -15.01
C GLU A 72 -2.63 -18.94 -15.42
N HIS A 73 -2.00 -18.04 -14.67
CA HIS A 73 -1.98 -16.67 -15.19
C HIS A 73 -0.63 -16.00 -14.94
N HIS A 74 0.03 -16.37 -13.84
CA HIS A 74 1.30 -15.75 -13.50
C HIS A 74 2.42 -16.23 -14.43
N THR A 75 3.46 -15.40 -14.53
CA THR A 75 4.56 -15.60 -15.47
C THR A 75 5.85 -15.99 -14.76
N ASP A 76 5.85 -15.98 -13.43
CA ASP A 76 7.01 -16.19 -12.58
C ASP A 76 6.52 -16.78 -11.27
N TRP A 77 7.46 -17.00 -10.33
CA TRP A 77 7.14 -17.54 -9.01
C TRP A 77 5.88 -16.93 -8.43
N VAL A 78 5.01 -17.77 -7.90
CA VAL A 78 3.87 -17.30 -7.11
C VAL A 78 4.33 -17.37 -5.66
N ASN A 79 4.52 -16.22 -5.03
CA ASN A 79 5.19 -16.19 -3.73
C ASN A 79 4.24 -16.33 -2.55
N ASP A 80 3.01 -15.87 -2.68
CA ASP A 80 2.04 -15.98 -1.60
C ASP A 80 0.64 -16.10 -2.20
N ILE A 81 -0.25 -16.74 -1.46
CA ILE A 81 -1.67 -16.80 -1.80
C ILE A 81 -2.49 -16.65 -0.53
N VAL A 82 -3.68 -16.07 -0.68
CA VAL A 82 -4.62 -15.89 0.42
C VAL A 82 -6.02 -16.24 -0.07
N LEU A 83 -6.63 -17.24 0.56
CA LEU A 83 -8.03 -17.57 0.33
C LEU A 83 -8.92 -16.61 1.11
N CYS A 84 -9.79 -15.88 0.40
CA CYS A 84 -10.73 -14.96 1.03
C CYS A 84 -12.17 -15.38 0.79
N CYS A 85 -13.06 -14.73 1.54
CA CYS A 85 -14.51 -14.79 1.37
C CYS A 85 -15.03 -16.23 1.41
N ASN A 86 -14.74 -16.90 2.53
CA ASN A 86 -15.16 -18.29 2.76
C ASN A 86 -14.78 -19.19 1.58
N GLY A 87 -13.60 -18.94 1.02
CA GLY A 87 -13.07 -19.80 -0.03
C GLY A 87 -13.53 -19.45 -1.42
N LYS A 88 -14.30 -18.36 -1.58
CA LYS A 88 -14.76 -17.96 -2.90
C LYS A 88 -13.63 -17.33 -3.71
N THR A 89 -12.75 -16.58 -3.05
CA THR A 89 -11.79 -15.70 -3.70
C THR A 89 -10.37 -16.05 -3.27
N LEU A 90 -9.47 -16.16 -4.24
CA LEU A 90 -8.05 -16.29 -3.97
C LEU A 90 -7.32 -15.04 -4.46
N ILE A 91 -6.37 -14.55 -3.65
CA ILE A 91 -5.47 -13.48 -4.06
C ILE A 91 -4.05 -14.01 -4.04
N SER A 92 -3.28 -13.68 -5.08
CA SER A 92 -1.95 -14.23 -5.26
C SER A 92 -0.94 -13.10 -5.46
N ALA A 93 0.30 -13.37 -5.08
CA ALA A 93 1.41 -12.41 -5.18
C ALA A 93 2.53 -13.13 -5.92
N SER A 94 3.11 -12.47 -6.91
CA SER A 94 4.09 -13.13 -7.76
C SER A 94 5.33 -12.27 -7.99
N SER A 95 6.41 -12.97 -8.36
CA SER A 95 7.65 -12.35 -8.80
C SER A 95 7.50 -11.66 -10.14
N ASP A 96 6.35 -11.77 -10.79
CA ASP A 96 6.11 -11.01 -12.00
C ASP A 96 5.61 -9.59 -11.72
N THR A 97 5.67 -9.18 -10.46
CA THR A 97 5.34 -7.87 -9.90
C THR A 97 3.84 -7.66 -9.78
N THR A 98 3.00 -8.62 -10.15
CA THR A 98 1.57 -8.41 -10.09
C THR A 98 0.93 -9.10 -8.90
N VAL A 99 -0.25 -8.60 -8.53
CA VAL A 99 -1.18 -9.28 -7.63
C VAL A 99 -2.38 -9.66 -8.47
N LYS A 100 -2.83 -10.91 -8.38
CA LYS A 100 -4.00 -11.32 -9.13
C LYS A 100 -5.14 -11.76 -8.21
N VAL A 101 -6.36 -11.54 -8.70
CA VAL A 101 -7.59 -11.85 -8.00
C VAL A 101 -8.27 -12.98 -8.74
N TRP A 102 -8.51 -14.09 -8.04
CA TRP A 102 -9.07 -15.27 -8.68
C TRP A 102 -10.43 -15.64 -8.09
N ASN A 103 -11.28 -16.19 -8.96
CA ASN A 103 -12.42 -16.99 -8.52
C ASN A 103 -11.86 -18.35 -8.10
N ALA A 104 -11.89 -18.63 -6.80
CA ALA A 104 -11.27 -19.86 -6.31
C ALA A 104 -12.14 -21.09 -6.56
N HIS A 105 -13.43 -20.91 -6.82
CA HIS A 105 -14.29 -22.07 -7.07
C HIS A 105 -14.17 -22.55 -8.50
N LYS A 106 -14.13 -21.61 -9.45
CA LYS A 106 -14.05 -21.95 -10.87
C LYS A 106 -12.63 -21.92 -11.40
N GLY A 107 -11.70 -21.28 -10.69
CA GLY A 107 -10.29 -21.38 -10.99
C GLY A 107 -9.82 -20.51 -12.14
N PHE A 108 -10.35 -19.30 -12.27
CA PHE A 108 -9.92 -18.39 -13.33
C PHE A 108 -9.59 -17.02 -12.74
N CYS A 109 -8.70 -16.32 -13.44
CA CYS A 109 -8.22 -15.00 -13.02
C CYS A 109 -9.22 -13.92 -13.40
N MET A 110 -9.60 -13.08 -12.44
CA MET A 110 -10.60 -12.06 -12.70
C MET A 110 -10.00 -10.67 -12.93
N SER A 111 -8.97 -10.31 -12.17
CA SER A 111 -8.34 -9.00 -12.30
C SER A 111 -6.85 -9.15 -12.01
N THR A 112 -6.06 -8.22 -12.53
CA THR A 112 -4.62 -8.18 -12.29
C THR A 112 -4.26 -6.78 -11.81
N LEU A 113 -3.74 -6.69 -10.59
CA LEU A 113 -3.26 -5.44 -10.03
C LEU A 113 -1.77 -5.28 -10.34
N ARG A 114 -1.37 -4.08 -10.77
CA ARG A 114 0.00 -3.90 -11.25
C ARG A 114 0.70 -2.74 -10.53
N THR A 115 0.30 -2.44 -9.30
CA THR A 115 0.89 -1.29 -8.60
C THR A 115 2.30 -1.57 -8.09
N HIS A 116 2.68 -2.83 -7.91
CA HIS A 116 4.04 -3.12 -7.46
C HIS A 116 5.02 -2.95 -8.61
N LYS A 117 6.28 -2.72 -8.25
CA LYS A 117 7.30 -2.38 -9.22
C LYS A 117 8.49 -3.35 -9.13
N ASP A 118 8.34 -4.43 -8.37
CA ASP A 118 9.35 -5.47 -8.19
C ASP A 118 8.60 -6.72 -7.71
N TYR A 119 9.37 -7.77 -7.38
CA TYR A 119 8.78 -9.02 -6.89
C TYR A 119 7.87 -8.76 -5.70
N VAL A 120 6.62 -9.19 -5.80
CA VAL A 120 5.71 -9.19 -4.66
C VAL A 120 5.95 -10.46 -3.83
N LYS A 121 6.26 -10.28 -2.55
CA LYS A 121 6.80 -11.37 -1.74
C LYS A 121 5.84 -11.93 -0.71
N ALA A 122 4.89 -11.13 -0.22
CA ALA A 122 4.09 -11.54 0.91
C ALA A 122 2.69 -10.92 0.83
N LEU A 123 1.70 -11.67 1.32
CA LEU A 123 0.35 -11.19 1.44
C LEU A 123 -0.13 -11.35 2.88
N ALA A 124 -1.05 -10.48 3.29
CA ALA A 124 -1.62 -10.48 4.62
C ALA A 124 -3.13 -10.33 4.49
N TYR A 125 -3.86 -10.79 5.50
CA TYR A 125 -5.30 -10.93 5.37
C TYR A 125 -5.98 -10.68 6.70
N ALA A 126 -6.97 -9.80 6.70
CA ALA A 126 -7.75 -9.50 7.89
C ALA A 126 -9.19 -9.96 7.64
N LYS A 127 -9.46 -11.20 8.10
CA LYS A 127 -10.72 -11.89 7.80
C LYS A 127 -11.94 -11.05 8.15
N ASP A 128 -11.88 -10.35 9.29
CA ASP A 128 -13.03 -9.60 9.75
C ASP A 128 -13.31 -8.33 8.94
N LYS A 129 -12.35 -7.87 8.13
CA LYS A 129 -12.57 -6.71 7.29
C LYS A 129 -12.57 -7.02 5.80
N GLU A 130 -12.39 -8.27 5.41
CA GLU A 130 -12.04 -8.65 4.04
C GLU A 130 -11.04 -7.68 3.43
N LEU A 131 -9.92 -7.55 4.14
CA LEU A 131 -8.82 -6.67 3.77
C LEU A 131 -7.62 -7.53 3.45
N VAL A 132 -6.94 -7.25 2.33
CA VAL A 132 -5.69 -7.92 2.05
C VAL A 132 -4.64 -6.85 1.81
N ALA A 133 -3.38 -7.22 2.04
CA ALA A 133 -2.26 -6.33 1.78
C ALA A 133 -1.18 -7.10 1.05
N SER A 134 -0.43 -6.39 0.23
CA SER A 134 0.65 -6.96 -0.55
C SER A 134 1.92 -6.16 -0.31
N ALA A 135 3.05 -6.84 -0.38
CA ALA A 135 4.33 -6.20 -0.11
C ALA A 135 5.41 -6.95 -0.87
N GLY A 136 6.42 -6.23 -1.32
CA GLY A 136 7.52 -6.87 -2.01
C GLY A 136 8.85 -6.16 -1.97
N LEU A 137 9.74 -6.58 -2.88
CA LEU A 137 11.11 -6.07 -2.94
C LEU A 137 11.18 -4.58 -3.27
N ASP A 138 10.08 -3.97 -3.67
CA ASP A 138 10.05 -2.54 -3.98
C ASP A 138 9.82 -1.67 -2.75
N ARG A 139 9.74 -2.28 -1.56
CA ARG A 139 9.54 -1.62 -0.26
C ARG A 139 8.17 -1.00 -0.12
N GLN A 140 7.24 -1.34 -1.01
CA GLN A 140 5.87 -0.85 -0.94
C GLN A 140 4.96 -1.89 -0.28
N ILE A 141 3.95 -1.39 0.44
CA ILE A 141 2.89 -2.21 1.01
C ILE A 141 1.57 -1.57 0.57
N PHE A 142 0.81 -2.27 -0.25
CA PHE A 142 -0.49 -1.79 -0.70
C PHE A 142 -1.61 -2.52 0.03
N LEU A 143 -2.66 -1.78 0.38
CA LEU A 143 -3.85 -2.29 1.04
C LEU A 143 -5.01 -2.38 0.05
N TRP A 144 -5.75 -3.49 0.07
CA TRP A 144 -6.80 -3.73 -0.90
C TRP A 144 -8.06 -4.20 -0.18
N ASP A 145 -9.18 -3.50 -0.41
CA ASP A 145 -10.50 -3.96 0.01
C ASP A 145 -10.99 -5.03 -0.96
N VAL A 146 -11.19 -6.26 -0.48
CA VAL A 146 -11.56 -7.38 -1.34
C VAL A 146 -12.89 -7.14 -2.07
N ASN A 147 -13.89 -6.59 -1.38
CA ASN A 147 -15.20 -6.32 -1.99
C ASN A 147 -15.14 -5.26 -3.09
N THR A 148 -14.21 -4.32 -2.96
CA THR A 148 -13.80 -3.29 -3.91
C THR A 148 -13.15 -3.84 -5.19
N LEU A 149 -12.39 -4.92 -5.09
CA LEU A 149 -11.65 -5.48 -6.23
C LEU A 149 -12.52 -5.97 -7.40
N THR A 150 -13.66 -6.62 -7.17
CA THR A 150 -14.36 -7.08 -8.38
C THR A 150 -14.93 -5.90 -9.19
N ALA A 151 -14.08 -5.38 -10.08
CA ALA A 151 -14.33 -4.25 -10.98
C ALA A 151 -14.49 -4.56 -12.47
N LEU A 152 -15.73 -4.72 -12.93
CA LEU A 152 -15.95 -5.05 -14.34
C LEU A 152 -15.52 -3.90 -15.26
N THR A 153 -15.91 -2.65 -14.98
CA THR A 153 -15.40 -1.56 -15.80
C THR A 153 -15.00 -0.35 -14.95
N ALA A 154 -14.48 0.66 -15.65
CA ALA A 154 -14.00 1.91 -15.07
C ALA A 154 -15.10 2.84 -14.57
N SER A 155 -16.30 2.75 -15.15
CA SER A 155 -17.50 3.50 -14.75
C SER A 155 -18.25 2.85 -13.61
N ASN A 156 -18.54 1.56 -13.71
CA ASN A 156 -19.18 0.94 -12.57
C ASN A 156 -18.23 0.86 -11.37
N ASN A 157 -16.91 0.80 -11.57
CA ASN A 157 -16.03 0.50 -10.42
C ASN A 157 -14.53 0.46 -10.62
N THR A 158 -13.82 1.55 -10.33
CA THR A 158 -12.38 1.61 -10.52
C THR A 158 -11.75 1.06 -9.24
N VAL A 159 -10.81 0.11 -9.34
CA VAL A 159 -10.13 -0.32 -8.12
C VAL A 159 -9.17 0.76 -7.64
N THR A 160 -9.10 0.93 -6.32
CA THR A 160 -8.22 1.89 -5.69
C THR A 160 -7.38 1.27 -4.59
N THR A 161 -6.17 1.78 -4.41
CA THR A 161 -5.18 1.18 -3.51
C THR A 161 -4.91 2.20 -2.41
N SER A 162 -4.28 1.75 -1.33
CA SER A 162 -3.78 2.57 -0.23
C SER A 162 -2.48 1.93 0.24
N SER A 163 -1.44 2.74 0.47
CA SER A 163 -0.15 2.15 0.76
C SER A 163 0.54 2.83 1.94
N LEU A 164 1.48 2.05 2.49
CA LEU A 164 2.29 2.40 3.64
C LEU A 164 3.73 2.67 3.24
N SER A 165 4.35 3.63 3.94
CA SER A 165 5.73 4.00 3.70
C SER A 165 6.55 3.80 4.97
N GLY A 166 7.86 3.70 4.79
CA GLY A 166 8.81 3.69 5.88
C GLY A 166 9.89 2.64 5.71
N ASN A 167 9.57 1.59 4.96
CA ASN A 167 10.51 0.48 4.78
C ASN A 167 11.74 0.96 4.02
N LYS A 168 12.91 0.77 4.61
CA LYS A 168 14.14 1.24 4.04
C LYS A 168 14.81 0.17 3.17
N ASP A 169 14.25 -1.03 3.14
CA ASP A 169 14.82 -2.14 2.38
C ASP A 169 13.70 -3.07 1.94
N SER A 170 14.08 -4.04 1.11
CA SER A 170 13.15 -4.97 0.49
C SER A 170 12.36 -5.77 1.52
N ILE A 171 11.04 -5.84 1.35
CA ILE A 171 10.15 -6.49 2.29
C ILE A 171 10.00 -7.95 1.91
N TYR A 172 10.16 -8.84 2.89
CA TYR A 172 10.09 -10.28 2.67
C TYR A 172 8.94 -10.97 3.37
N SER A 173 8.25 -10.31 4.28
CA SER A 173 7.13 -10.94 4.97
C SER A 173 6.19 -9.85 5.49
N LEU A 174 4.99 -10.27 5.87
CA LEU A 174 3.89 -9.36 6.14
C LEU A 174 2.76 -10.12 6.82
N ALA A 175 2.20 -9.54 7.89
CA ALA A 175 1.07 -10.14 8.56
C ALA A 175 0.12 -9.06 9.05
N MET A 176 -1.16 -9.39 9.05
CA MET A 176 -2.20 -8.60 9.71
C MET A 176 -2.89 -9.47 10.74
N ASN A 177 -3.51 -8.84 11.73
CA ASN A 177 -4.32 -9.61 12.64
C ASN A 177 -5.73 -9.76 12.08
N GLN A 178 -6.49 -10.66 12.71
CA GLN A 178 -7.82 -11.02 12.20
C GLN A 178 -8.74 -9.80 12.20
N LEU A 179 -8.57 -8.91 13.17
CA LEU A 179 -9.39 -7.72 13.32
C LEU A 179 -8.98 -6.60 12.37
N GLY A 180 -7.82 -6.69 11.73
CA GLY A 180 -7.39 -5.66 10.82
C GLY A 180 -7.03 -4.36 11.51
N THR A 181 -6.37 -4.45 12.67
CA THR A 181 -5.98 -3.29 13.45
C THR A 181 -4.47 -3.11 13.52
N ILE A 182 -3.70 -4.14 13.19
CA ILE A 182 -2.25 -4.11 13.17
C ILE A 182 -1.73 -4.80 11.92
N ILE A 183 -0.75 -4.18 11.27
CA ILE A 183 -0.01 -4.80 10.18
C ILE A 183 1.47 -4.65 10.48
N VAL A 184 2.23 -5.72 10.23
CA VAL A 184 3.67 -5.75 10.48
C VAL A 184 4.37 -6.25 9.24
N SER A 185 5.52 -5.65 8.93
CA SER A 185 6.37 -6.09 7.84
C SER A 185 7.71 -6.56 8.36
N GLY A 186 8.30 -7.52 7.67
CA GLY A 186 9.63 -8.02 7.98
C GLY A 186 10.49 -7.83 6.76
N SER A 187 11.76 -7.48 6.97
CA SER A 187 12.59 -7.13 5.83
C SER A 187 14.06 -7.30 6.19
N THR A 188 14.92 -7.02 5.20
CA THR A 188 16.37 -7.04 5.36
C THR A 188 16.89 -5.86 6.16
N GLU A 189 16.01 -4.95 6.57
CA GLU A 189 16.40 -3.89 7.49
C GLU A 189 16.52 -4.38 8.93
N LYS A 190 16.03 -5.59 9.24
CA LYS A 190 16.17 -6.34 10.50
C LYS A 190 15.24 -5.79 11.58
N VAL A 191 14.50 -4.72 11.31
CA VAL A 191 13.45 -4.19 12.17
C VAL A 191 12.08 -4.55 11.62
N LEU A 192 11.16 -4.90 12.53
CA LEU A 192 9.76 -5.04 12.17
C LEU A 192 9.08 -3.68 12.28
N ARG A 193 8.35 -3.30 11.23
CA ARG A 193 7.65 -2.03 11.16
C ARG A 193 6.15 -2.29 11.26
N VAL A 194 5.47 -1.49 12.08
CA VAL A 194 4.06 -1.68 12.41
C VAL A 194 3.26 -0.44 12.04
N TRP A 195 2.11 -0.64 11.39
CA TRP A 195 1.19 0.43 11.07
C TRP A 195 -0.21 0.04 11.54
N ASP A 196 -1.06 1.06 11.66
CA ASP A 196 -2.51 0.86 11.70
C ASP A 196 -3.02 0.83 10.26
N PRO A 197 -3.53 -0.31 9.78
CA PRO A 197 -4.05 -0.35 8.41
C PRO A 197 -5.26 0.54 8.19
N ARG A 198 -5.99 0.90 9.25
CA ARG A 198 -7.18 1.73 9.09
C ARG A 198 -6.82 3.18 8.77
N THR A 199 -5.67 3.65 9.27
CA THR A 199 -5.28 5.05 9.14
C THR A 199 -3.97 5.24 8.38
N CYS A 200 -3.24 4.15 8.09
CA CYS A 200 -1.91 4.14 7.49
C CYS A 200 -0.86 4.80 8.38
N ALA A 201 -1.20 5.06 9.65
CA ALA A 201 -0.28 5.68 10.59
C ALA A 201 0.79 4.70 11.05
N LYS A 202 2.03 5.19 11.14
CA LYS A 202 3.11 4.37 11.71
C LYS A 202 2.86 4.22 13.20
N LEU A 203 3.01 3.00 13.72
CA LEU A 203 2.78 2.76 15.14
C LEU A 203 4.07 2.57 15.94
N MET A 204 5.03 1.79 15.44
CA MET A 204 6.21 1.46 16.24
C MET A 204 7.23 0.75 15.36
N LYS A 205 8.46 0.69 15.86
CA LYS A 205 9.56 -0.02 15.22
C LYS A 205 10.11 -1.02 16.23
N LEU A 206 10.02 -2.30 15.90
CA LEU A 206 10.46 -3.39 16.78
C LEU A 206 11.87 -3.85 16.39
N LYS A 207 12.84 -3.60 17.26
CA LYS A 207 14.23 -3.89 16.98
C LYS A 207 14.67 -5.10 17.81
N GLY A 208 15.53 -5.93 17.23
CA GLY A 208 16.01 -7.10 17.93
C GLY A 208 16.65 -8.15 17.07
N HIS A 209 16.09 -8.39 15.88
CA HIS A 209 16.64 -9.36 14.95
C HIS A 209 17.94 -8.86 14.33
N THR A 210 18.82 -9.80 14.00
CA THR A 210 20.09 -9.47 13.37
C THR A 210 20.18 -9.95 11.93
N ASP A 211 19.05 -10.33 11.32
CA ASP A 211 19.03 -10.75 9.93
C ASP A 211 17.61 -10.54 9.39
N ASN A 212 17.43 -10.88 8.11
CA ASN A 212 16.14 -10.85 7.43
C ASN A 212 15.06 -11.54 8.26
N VAL A 213 13.81 -11.10 8.12
CA VAL A 213 12.67 -11.70 8.79
C VAL A 213 11.69 -12.14 7.72
N LYS A 214 11.61 -13.45 7.49
CA LYS A 214 10.80 -14.06 6.45
C LYS A 214 9.48 -14.67 6.94
N ALA A 215 9.19 -14.63 8.24
CA ALA A 215 7.98 -15.25 8.78
C ALA A 215 7.38 -14.42 9.90
N LEU A 216 6.07 -14.12 9.79
CA LEU A 216 5.40 -13.28 10.77
C LEU A 216 4.02 -13.84 11.07
N LEU A 217 3.63 -13.76 12.35
CA LEU A 217 2.30 -14.16 12.79
C LEU A 217 1.82 -13.20 13.88
N LEU A 218 0.52 -12.95 13.90
CA LEU A 218 -0.12 -12.15 14.92
C LEU A 218 -1.25 -12.95 15.57
N ASN A 219 -1.42 -12.78 16.87
CA ASN A 219 -2.58 -13.35 17.56
C ASN A 219 -3.86 -12.59 17.17
N ARG A 220 -4.99 -13.14 17.62
CA ARG A 220 -6.29 -12.70 17.12
C ARG A 220 -6.55 -11.22 17.42
N ASP A 221 -6.17 -10.74 18.59
CA ASP A 221 -6.41 -9.35 18.94
C ASP A 221 -5.20 -8.46 18.71
N GLY A 222 -4.24 -8.90 17.91
CA GLY A 222 -3.12 -8.07 17.49
C GLY A 222 -2.36 -7.48 18.65
N THR A 223 -2.20 -8.25 19.73
CA THR A 223 -1.42 -7.79 20.87
C THR A 223 -0.06 -8.47 20.98
N GLN A 224 0.11 -9.63 20.37
CA GLN A 224 1.40 -10.30 20.34
C GLN A 224 1.75 -10.66 18.91
N CYS A 225 3.05 -10.75 18.64
CA CYS A 225 3.56 -11.06 17.32
C CYS A 225 4.69 -12.08 17.46
N LEU A 226 4.72 -13.04 16.56
CA LEU A 226 5.84 -13.96 16.42
C LEU A 226 6.54 -13.67 15.10
N SER A 227 7.86 -13.53 15.15
CA SER A 227 8.68 -13.34 13.97
C SER A 227 9.72 -14.45 13.87
N GLY A 228 9.94 -14.89 12.64
CA GLY A 228 10.97 -15.89 12.34
C GLY A 228 11.97 -15.27 11.39
N SER A 229 13.25 -15.51 11.66
CA SER A 229 14.30 -14.73 11.04
C SER A 229 15.43 -15.63 10.56
N SER A 230 16.17 -15.12 9.57
CA SER A 230 17.31 -15.81 9.01
C SER A 230 18.47 -15.88 9.98
N ASP A 231 18.38 -15.20 11.11
CA ASP A 231 19.39 -15.31 12.15
C ASP A 231 19.22 -16.56 13.00
N GLY A 232 18.18 -17.34 12.73
CA GLY A 232 17.97 -18.59 13.42
C GLY A 232 17.08 -18.49 14.64
N THR A 233 16.60 -17.30 14.98
CA THR A 233 15.78 -17.12 16.16
C THR A 233 14.32 -16.85 15.81
N ILE A 234 13.45 -17.22 16.75
CA ILE A 234 12.05 -16.82 16.79
C ILE A 234 11.91 -15.81 17.92
N ARG A 235 11.20 -14.71 17.67
CA ARG A 235 11.01 -13.72 18.73
C ARG A 235 9.54 -13.46 18.96
N LEU A 236 9.16 -13.37 20.22
CA LEU A 236 7.81 -13.03 20.64
C LEU A 236 7.81 -11.58 21.09
N TRP A 237 6.84 -10.81 20.63
CA TRP A 237 6.78 -9.38 20.89
C TRP A 237 5.47 -9.04 21.59
N SER A 238 5.53 -8.12 22.54
CA SER A 238 4.34 -7.51 23.10
C SER A 238 4.16 -6.18 22.41
N LEU A 239 2.99 -6.00 21.76
CA LEU A 239 2.75 -4.76 21.04
C LEU A 239 2.29 -3.65 21.98
N GLY A 240 1.69 -4.02 23.10
CA GLY A 240 1.35 -3.05 24.13
C GLY A 240 2.56 -2.45 24.81
N GLN A 241 3.65 -3.21 24.91
CA GLN A 241 4.88 -2.73 25.50
C GLN A 241 5.92 -2.30 24.47
N GLN A 242 5.70 -2.60 23.19
CA GLN A 242 6.65 -2.31 22.11
C GLN A 242 8.04 -2.86 22.42
N ARG A 243 8.08 -4.13 22.80
CA ARG A 243 9.37 -4.76 23.08
C ARG A 243 9.28 -6.27 22.94
N CYS A 244 10.46 -6.87 22.84
CA CYS A 244 10.61 -8.31 22.72
C CYS A 244 10.49 -8.93 24.11
N ILE A 245 9.63 -9.94 24.25
CA ILE A 245 9.45 -10.56 25.56
C ILE A 245 10.00 -11.98 25.61
N ALA A 246 10.51 -12.51 24.51
CA ALA A 246 11.16 -13.82 24.50
C ALA A 246 11.87 -14.03 23.18
N THR A 247 13.01 -14.72 23.23
CA THR A 247 13.78 -15.06 22.04
C THR A 247 14.01 -16.57 22.10
N TYR A 248 13.72 -17.24 20.98
CA TYR A 248 13.86 -18.68 20.87
C TYR A 248 14.86 -19.03 19.80
N ARG A 249 15.83 -19.88 20.13
CA ARG A 249 16.89 -20.31 19.21
C ARG A 249 16.73 -21.81 19.04
N VAL A 250 15.74 -22.23 18.26
CA VAL A 250 15.52 -23.67 18.11
C VAL A 250 16.07 -24.23 16.79
N HIS A 251 16.49 -23.39 15.87
CA HIS A 251 17.04 -23.87 14.60
C HIS A 251 18.53 -23.58 14.53
N ASP A 252 19.20 -24.27 13.61
CA ASP A 252 20.62 -24.10 13.35
C ASP A 252 20.87 -23.06 12.26
N GLU A 253 19.96 -22.94 11.31
CA GLU A 253 20.05 -22.00 10.21
C GLU A 253 18.77 -21.15 10.19
N GLY A 254 18.58 -20.40 9.11
CA GLY A 254 17.46 -19.47 9.04
C GLY A 254 16.11 -20.15 9.21
N VAL A 255 15.24 -19.48 9.97
CA VAL A 255 13.84 -19.89 10.12
C VAL A 255 13.02 -19.20 9.05
N TRP A 256 12.31 -19.98 8.23
CA TRP A 256 11.65 -19.42 7.07
C TRP A 256 10.13 -19.47 7.16
N ALA A 257 9.58 -20.29 8.06
CA ALA A 257 8.16 -20.58 8.07
C ALA A 257 7.69 -20.77 9.50
N LEU A 258 6.55 -20.16 9.84
CA LEU A 258 5.98 -20.30 11.18
C LEU A 258 4.49 -20.63 11.07
N GLN A 259 4.02 -21.47 11.99
CA GLN A 259 2.61 -21.64 12.27
C GLN A 259 2.39 -21.63 13.78
N VAL A 260 1.17 -21.33 14.19
CA VAL A 260 0.82 -21.27 15.60
C VAL A 260 -0.59 -21.83 15.77
N ASN A 261 -0.83 -22.48 16.91
CA ASN A 261 -2.16 -22.99 17.21
C ASN A 261 -3.11 -21.84 17.57
N ASP A 262 -4.41 -22.19 17.63
CA ASP A 262 -5.45 -21.20 17.92
C ASP A 262 -5.24 -20.50 19.25
N ALA A 263 -4.64 -21.19 20.22
CA ALA A 263 -4.44 -20.65 21.55
C ALA A 263 -3.20 -19.78 21.66
N PHE A 264 -2.44 -19.65 20.57
CA PHE A 264 -1.20 -18.87 20.52
C PHE A 264 -0.21 -19.28 21.60
N THR A 265 -0.06 -20.59 21.78
CA THR A 265 0.78 -21.13 22.83
C THR A 265 1.83 -22.12 22.34
N HIS A 266 1.61 -22.77 21.20
CA HIS A 266 2.62 -23.61 20.57
C HIS A 266 2.92 -23.06 19.18
N VAL A 267 4.21 -22.89 18.87
CA VAL A 267 4.64 -22.40 17.56
C VAL A 267 5.32 -23.52 16.80
N TYR A 268 4.94 -23.69 15.53
CA TYR A 268 5.57 -24.63 14.61
C TYR A 268 6.53 -23.85 13.71
N SER A 269 7.78 -24.30 13.64
CA SER A 269 8.81 -23.58 12.90
C SER A 269 9.56 -24.50 11.94
N GLY A 270 10.02 -23.91 10.84
CA GLY A 270 10.76 -24.60 9.81
C GLY A 270 11.60 -23.62 9.02
N GLY A 271 12.63 -24.16 8.35
CA GLY A 271 13.52 -23.32 7.57
C GLY A 271 14.59 -24.05 6.80
N ARG A 272 15.79 -23.48 6.74
CA ARG A 272 16.84 -23.99 5.84
C ARG A 272 17.38 -25.34 6.29
N ASP A 273 17.32 -25.66 7.58
CA ASP A 273 17.90 -26.89 8.06
C ASP A 273 16.96 -28.08 7.94
N ARG A 274 15.81 -27.88 7.28
CA ARG A 274 14.85 -28.91 6.89
C ARG A 274 14.09 -29.49 8.07
N LYS A 275 14.51 -29.18 9.30
CA LYS A 275 13.89 -29.75 10.49
C LYS A 275 12.71 -28.88 10.87
N ILE A 276 11.63 -29.53 11.32
CA ILE A 276 10.42 -28.83 11.73
C ILE A 276 10.18 -29.12 13.21
N TYR A 277 10.07 -28.07 14.01
CA TYR A 277 9.90 -28.21 15.44
C TYR A 277 8.57 -27.61 15.88
N CYS A 278 8.00 -28.20 16.92
CA CYS A 278 6.92 -27.60 17.70
C CYS A 278 7.46 -27.26 19.08
N THR A 279 7.45 -25.99 19.44
CA THR A 279 8.02 -25.53 20.69
C THR A 279 6.92 -24.87 21.50
N ASP A 280 6.83 -25.23 22.77
CA ASP A 280 5.89 -24.61 23.70
C ASP A 280 6.39 -23.25 24.15
N LEU A 281 5.55 -22.23 23.99
CA LEU A 281 5.92 -20.84 24.27
C LEU A 281 6.08 -20.64 25.77
N ARG A 282 5.29 -21.36 26.57
CA ARG A 282 5.38 -21.24 28.02
C ARG A 282 6.66 -21.86 28.55
N ASN A 283 7.20 -22.89 27.89
CA ASN A 283 8.45 -23.52 28.33
C ASN A 283 9.30 -23.69 27.08
N PRO A 284 10.10 -22.68 26.72
CA PRO A 284 10.83 -22.70 25.44
C PRO A 284 11.79 -23.87 25.24
N ASP A 285 12.56 -24.23 26.27
CA ASP A 285 13.63 -25.23 26.18
C ASP A 285 13.17 -26.62 25.75
N ILE A 286 11.94 -27.00 26.12
CA ILE A 286 11.25 -28.19 25.64
C ILE A 286 10.73 -27.96 24.22
N ARG A 287 11.39 -28.58 23.25
CA ARG A 287 10.94 -28.55 21.86
C ARG A 287 11.01 -29.95 21.27
N VAL A 288 10.12 -30.18 20.31
CA VAL A 288 9.88 -31.48 19.72
C VAL A 288 10.12 -31.43 18.22
N LEU A 289 11.00 -32.31 17.74
CA LEU A 289 11.22 -32.55 16.33
C LEU A 289 10.07 -33.34 15.72
N ILE A 290 9.28 -32.68 14.86
CA ILE A 290 8.13 -33.37 14.26
C ILE A 290 8.60 -34.28 13.12
N CYS A 291 9.52 -33.78 12.30
CA CYS A 291 10.08 -34.52 11.18
C CYS A 291 11.24 -33.70 10.63
N GLU A 292 12.05 -34.34 9.78
CA GLU A 292 13.02 -33.64 8.96
C GLU A 292 12.63 -33.85 7.50
N GLU A 293 12.29 -32.76 6.83
CA GLU A 293 11.89 -32.83 5.45
C GLU A 293 13.12 -33.02 4.55
N LYS A 294 12.88 -33.24 3.27
CA LYS A 294 13.92 -33.64 2.33
C LYS A 294 14.56 -32.44 1.65
N ALA A 295 14.04 -31.24 1.90
CA ALA A 295 14.47 -30.01 1.26
C ALA A 295 14.11 -28.85 2.18
N PRO A 296 14.78 -27.71 2.05
CA PRO A 296 14.46 -26.55 2.91
C PRO A 296 12.98 -26.21 2.92
N VAL A 297 12.45 -25.96 4.11
CA VAL A 297 11.03 -25.70 4.29
C VAL A 297 10.75 -24.24 3.96
N LEU A 298 9.80 -24.01 3.05
CA LEU A 298 9.45 -22.65 2.64
C LEU A 298 8.20 -22.13 3.31
N LYS A 299 7.21 -22.99 3.57
CA LYS A 299 5.93 -22.61 4.16
C LYS A 299 5.28 -23.84 4.75
N MET A 300 4.46 -23.60 5.78
CA MET A 300 3.72 -24.64 6.45
C MET A 300 2.30 -24.14 6.66
N GLU A 301 1.34 -25.06 6.62
CA GLU A 301 -0.05 -24.70 6.84
C GLU A 301 -0.68 -25.75 7.76
N LEU A 302 -1.01 -25.35 8.98
CA LEU A 302 -1.68 -26.25 9.91
C LEU A 302 -3.04 -26.68 9.39
N ASP A 303 -3.35 -27.96 9.58
CA ASP A 303 -4.73 -28.43 9.51
C ASP A 303 -5.42 -28.07 10.82
N ARG A 304 -6.50 -27.29 10.76
CA ARG A 304 -7.19 -26.84 11.95
C ARG A 304 -8.57 -27.47 12.11
N SER A 305 -8.72 -28.72 11.64
CA SER A 305 -9.92 -29.51 11.84
C SER A 305 -10.23 -29.62 13.34
N ALA A 306 -9.20 -29.78 14.19
CA ALA A 306 -9.31 -29.97 15.64
C ALA A 306 -8.32 -29.04 16.29
N ASP A 307 -8.57 -28.69 17.59
CA ASP A 307 -7.78 -27.71 18.34
C ASP A 307 -6.36 -28.21 18.20
N PRO A 308 -5.93 -29.28 18.89
CA PRO A 308 -4.56 -29.75 18.65
C PRO A 308 -4.47 -30.25 17.22
N PRO A 309 -3.78 -29.50 16.34
CA PRO A 309 -3.93 -29.74 14.90
C PRO A 309 -3.56 -31.17 14.53
N PRO A 310 -4.37 -31.80 13.67
CA PRO A 310 -4.13 -33.22 13.39
C PRO A 310 -2.95 -33.43 12.47
N ALA A 311 -2.64 -32.44 11.64
CA ALA A 311 -1.58 -32.57 10.66
C ALA A 311 -1.09 -31.19 10.27
N ILE A 312 0.07 -31.15 9.63
CA ILE A 312 0.64 -29.94 9.07
C ILE A 312 1.09 -30.23 7.64
N TRP A 313 0.65 -29.38 6.70
CA TRP A 313 1.11 -29.44 5.31
C TRP A 313 2.36 -28.60 5.17
N VAL A 314 3.31 -29.07 4.35
CA VAL A 314 4.62 -28.45 4.29
C VAL A 314 5.03 -28.26 2.83
N ALA A 315 5.37 -27.02 2.48
CA ALA A 315 5.88 -26.70 1.15
C ALA A 315 7.39 -26.49 1.23
N THR A 316 8.12 -27.06 0.27
CA THR A 316 9.58 -26.93 0.24
C THR A 316 10.06 -26.50 -1.13
N THR A 317 11.38 -26.52 -1.34
CA THR A 317 11.93 -26.22 -2.65
C THR A 317 11.74 -27.37 -3.63
N LYS A 318 11.38 -28.55 -3.15
CA LYS A 318 11.03 -29.67 -4.01
C LYS A 318 9.59 -29.53 -4.51
N SER A 319 9.28 -30.27 -5.58
CA SER A 319 7.99 -30.16 -6.24
C SER A 319 6.92 -30.97 -5.53
N THR A 320 7.31 -31.87 -4.64
CA THR A 320 6.37 -32.66 -3.87
C THR A 320 5.89 -31.89 -2.64
N VAL A 321 4.65 -32.15 -2.24
CA VAL A 321 4.06 -31.52 -1.05
C VAL A 321 3.62 -32.63 -0.10
N ASN A 322 4.14 -32.61 1.11
CA ASN A 322 3.89 -33.65 2.11
C ASN A 322 2.96 -33.14 3.20
N LYS A 323 1.98 -33.95 3.58
CA LYS A 323 1.21 -33.74 4.80
C LYS A 323 1.79 -34.64 5.87
N TRP A 324 2.15 -34.05 7.01
CA TRP A 324 2.69 -34.80 8.14
C TRP A 324 1.66 -34.85 9.26
N THR A 325 1.44 -36.03 9.83
CA THR A 325 0.47 -36.21 10.88
C THR A 325 1.05 -35.82 12.23
N LEU A 326 0.18 -35.38 13.14
CA LEU A 326 0.59 -34.88 14.43
C LEU A 326 0.03 -35.70 15.59
N LYS A 327 -0.73 -36.76 15.29
CA LYS A 327 -1.29 -37.64 16.31
C LYS A 327 -0.17 -38.37 17.03
N GLY A 328 0.01 -38.07 18.31
CA GLY A 328 1.02 -38.69 19.13
C GLY A 328 1.90 -37.69 19.84
N ILE A 329 1.38 -36.46 19.98
CA ILE A 329 2.01 -35.41 20.77
C ILE A 329 1.24 -35.32 22.08
N HIS A 330 1.90 -35.61 23.19
CA HIS A 330 1.26 -35.54 24.50
C HIS A 330 1.99 -34.54 25.40
N ASN A 340 7.87 -33.14 25.73
CA ASN A 340 8.87 -34.14 26.07
C ASN A 340 9.91 -33.55 27.01
N ASP A 341 11.09 -34.17 27.05
CA ASP A 341 12.19 -33.78 27.93
C ASP A 341 13.38 -33.18 27.19
N CYS A 342 13.69 -33.71 26.01
CA CYS A 342 14.94 -33.37 25.33
C CYS A 342 14.88 -32.03 24.63
N THR A 343 16.00 -31.31 24.67
CA THR A 343 16.13 -30.02 24.02
C THR A 343 16.76 -30.12 22.64
N ASN A 344 17.41 -31.23 22.31
CA ASN A 344 18.03 -31.43 20.99
C ASN A 344 17.76 -32.86 20.51
N PRO A 345 16.52 -33.18 20.19
CA PRO A 345 16.17 -34.57 19.88
C PRO A 345 16.78 -35.03 18.56
N ILE A 346 17.28 -36.26 18.55
CA ILE A 346 17.81 -36.85 17.33
C ILE A 346 16.68 -37.42 16.48
N THR A 347 15.85 -38.28 17.07
CA THR A 347 14.89 -39.04 16.29
C THR A 347 13.64 -38.20 16.02
N PRO A 348 13.24 -38.06 14.76
CA PRO A 348 12.01 -37.33 14.42
C PRO A 348 10.78 -38.06 14.93
N LEU A 349 9.79 -37.28 15.37
CA LEU A 349 8.49 -37.82 15.73
C LEU A 349 7.88 -38.61 14.57
N CYS A 350 8.03 -38.10 13.35
CA CYS A 350 7.48 -38.78 12.18
C CYS A 350 8.60 -39.02 11.18
N THR A 351 8.47 -40.10 10.43
CA THR A 351 9.44 -40.51 9.42
C THR A 351 8.88 -40.58 8.01
N GLN A 352 7.58 -40.82 7.86
CA GLN A 352 6.99 -40.80 6.55
C GLN A 352 5.79 -39.87 6.55
N PRO A 353 5.61 -39.10 5.48
CA PRO A 353 4.43 -38.24 5.36
C PRO A 353 3.13 -39.04 5.43
N ASP A 354 2.07 -38.36 5.84
CA ASP A 354 0.79 -39.03 5.99
C ASP A 354 0.08 -39.03 4.64
N GLN A 355 0.22 -37.91 3.91
CA GLN A 355 -0.16 -37.85 2.50
C GLN A 355 1.02 -37.24 1.74
N VAL A 356 1.08 -37.54 0.45
CA VAL A 356 2.14 -37.04 -0.45
C VAL A 356 1.47 -36.64 -1.76
N ILE A 357 1.56 -35.37 -2.12
CA ILE A 357 1.18 -34.93 -3.46
C ILE A 357 2.43 -34.93 -4.33
N LYS A 358 2.47 -35.79 -5.35
CA LYS A 358 3.68 -35.96 -6.14
C LYS A 358 3.95 -34.74 -7.01
N GLY A 359 5.23 -34.45 -7.23
CA GLY A 359 5.64 -33.40 -8.13
C GLY A 359 6.44 -33.92 -9.31
N GLY A 360 6.64 -33.04 -10.28
CA GLY A 360 7.43 -33.33 -11.45
C GLY A 360 8.81 -32.67 -11.42
N ALA A 361 9.58 -32.96 -12.47
CA ALA A 361 10.96 -32.50 -12.56
C ALA A 361 11.02 -31.07 -13.08
N SER A 362 12.04 -30.34 -12.63
CA SER A 362 12.37 -29.01 -13.14
C SER A 362 13.50 -29.10 -14.15
N ILE A 363 13.43 -28.28 -15.19
CA ILE A 363 14.56 -28.11 -16.11
C ILE A 363 15.57 -27.17 -15.47
N ILE A 364 16.76 -27.69 -15.20
CA ILE A 364 17.78 -26.97 -14.44
C ILE A 364 18.98 -26.57 -15.27
N GLN A 365 19.10 -27.06 -16.51
CA GLN A 365 20.24 -26.72 -17.35
C GLN A 365 19.77 -26.66 -18.80
N CYS A 366 20.27 -25.67 -19.54
CA CYS A 366 19.77 -25.40 -20.89
C CYS A 366 20.96 -24.95 -21.73
N HIS A 367 21.08 -25.49 -22.93
CA HIS A 367 22.14 -25.11 -23.86
C HIS A 367 21.53 -24.84 -25.23
N ILE A 368 21.79 -23.65 -25.77
CA ILE A 368 21.33 -23.30 -27.12
C ILE A 368 22.36 -23.77 -28.13
N LEU A 369 21.90 -24.56 -29.10
CA LEU A 369 22.77 -25.15 -30.09
C LEU A 369 23.22 -24.09 -31.10
N ASN A 370 24.20 -24.47 -31.94
CA ASN A 370 24.80 -23.51 -32.86
C ASN A 370 23.87 -23.05 -33.97
N ASP A 371 22.82 -23.80 -34.28
CA ASP A 371 21.86 -23.42 -35.30
C ASP A 371 20.92 -22.33 -34.83
N LYS A 372 21.00 -21.96 -33.55
CA LYS A 372 20.15 -20.94 -32.92
C LYS A 372 18.67 -21.26 -33.10
N ARG A 373 18.34 -22.54 -33.00
CA ARG A 373 17.03 -23.10 -33.30
C ARG A 373 16.63 -24.21 -32.34
N HIS A 374 17.60 -25.02 -31.92
CA HIS A 374 17.35 -26.13 -31.03
C HIS A 374 17.99 -25.93 -29.67
N ILE A 375 17.41 -26.56 -28.65
CA ILE A 375 17.91 -26.47 -27.28
C ILE A 375 18.00 -27.87 -26.67
N LEU A 376 19.08 -28.11 -25.94
CA LEU A 376 19.25 -29.30 -25.12
C LEU A 376 19.01 -28.93 -23.66
N THR A 377 18.22 -29.74 -22.96
CA THR A 377 17.95 -29.48 -21.55
C THR A 377 18.38 -30.67 -20.71
N LYS A 378 18.59 -30.41 -19.42
CA LYS A 378 18.72 -31.43 -18.39
C LYS A 378 17.77 -31.09 -17.26
N ASP A 379 17.08 -32.09 -16.72
CA ASP A 379 16.18 -31.84 -15.61
C ASP A 379 16.65 -32.53 -14.33
N THR A 380 15.87 -32.34 -13.26
CA THR A 380 16.23 -32.82 -11.94
C THR A 380 16.28 -34.34 -11.89
N ASN A 381 15.67 -35.02 -12.86
CA ASN A 381 15.76 -36.47 -12.97
C ASN A 381 16.94 -36.90 -13.82
N ASN A 382 17.79 -35.95 -14.23
CA ASN A 382 18.92 -36.20 -15.14
C ASN A 382 18.44 -36.67 -16.51
N ASN A 383 17.19 -36.35 -16.85
CA ASN A 383 16.69 -36.59 -18.20
C ASN A 383 17.07 -35.44 -19.13
N VAL A 384 17.37 -35.79 -20.37
CA VAL A 384 17.86 -34.85 -21.38
C VAL A 384 16.84 -34.80 -22.51
N ALA A 385 16.48 -33.60 -22.94
CA ALA A 385 15.52 -33.47 -24.02
C ALA A 385 16.02 -32.47 -25.06
N TYR A 386 15.44 -32.57 -26.25
CA TYR A 386 15.81 -31.79 -27.40
C TYR A 386 14.58 -31.00 -27.85
N TRP A 387 14.71 -29.69 -28.02
CA TRP A 387 13.55 -28.85 -28.29
C TRP A 387 13.77 -27.99 -29.54
N ASP A 388 12.64 -27.58 -30.14
CA ASP A 388 12.61 -26.72 -31.32
C ASP A 388 12.05 -25.37 -30.90
N VAL A 389 12.93 -24.38 -30.74
CA VAL A 389 12.51 -23.06 -30.28
C VAL A 389 11.56 -22.41 -31.29
N LEU A 390 11.84 -22.59 -32.58
CA LEU A 390 11.03 -21.98 -33.63
C LEU A 390 9.60 -22.51 -33.62
N LYS A 391 9.43 -23.82 -33.47
CA LYS A 391 8.09 -24.39 -33.46
C LYS A 391 7.50 -24.47 -32.05
N ALA A 392 8.22 -24.01 -31.03
CA ALA A 392 7.78 -23.97 -29.64
C ALA A 392 7.28 -25.33 -29.14
N CYS A 393 8.13 -26.34 -29.27
CA CYS A 393 7.73 -27.67 -28.85
C CYS A 393 8.95 -28.54 -28.61
N LYS A 394 8.72 -29.68 -27.94
CA LYS A 394 9.73 -30.69 -27.70
C LYS A 394 9.88 -31.51 -28.96
N VAL A 395 11.09 -32.00 -29.22
CA VAL A 395 11.35 -32.85 -30.37
C VAL A 395 11.52 -34.31 -29.96
N GLU A 396 12.39 -34.57 -28.99
CA GLU A 396 12.53 -35.92 -28.45
C GLU A 396 13.15 -35.90 -27.06
N ASP A 397 12.72 -36.85 -26.24
CA ASP A 397 13.38 -37.14 -24.97
C ASP A 397 14.53 -38.10 -25.25
N LEU A 398 15.70 -37.81 -24.68
CA LEU A 398 16.93 -38.56 -24.90
C LEU A 398 17.32 -39.41 -23.72
N GLY A 399 16.54 -39.39 -22.65
CA GLY A 399 16.86 -40.17 -21.47
C GLY A 399 18.06 -39.62 -20.71
N LYS A 400 18.74 -40.51 -20.01
CA LYS A 400 19.82 -40.09 -19.11
C LYS A 400 21.20 -40.15 -19.77
N VAL A 401 21.30 -39.61 -20.99
CA VAL A 401 22.59 -39.46 -21.65
C VAL A 401 23.42 -38.38 -20.95
N ASP A 402 24.73 -38.38 -21.24
CA ASP A 402 25.60 -37.35 -20.71
C ASP A 402 25.30 -36.02 -21.38
N PHE A 403 25.09 -34.98 -20.58
CA PHE A 403 24.59 -33.71 -21.11
C PHE A 403 25.62 -33.04 -22.02
N GLU A 404 26.85 -32.90 -21.53
CA GLU A 404 27.89 -32.24 -22.33
C GLU A 404 28.35 -33.11 -23.48
N ASP A 405 28.34 -34.44 -23.32
CA ASP A 405 28.69 -35.29 -24.45
C ASP A 405 27.61 -35.21 -25.52
N GLU A 406 26.36 -34.98 -25.10
CA GLU A 406 25.27 -34.84 -26.05
C GLU A 406 25.38 -33.50 -26.78
N ILE A 407 25.88 -32.47 -26.08
CA ILE A 407 26.11 -31.17 -26.70
C ILE A 407 27.19 -31.26 -27.76
N LYS A 408 28.32 -31.89 -27.40
CA LYS A 408 29.45 -32.00 -28.32
C LYS A 408 29.11 -32.88 -29.51
N LYS A 409 28.19 -33.83 -29.30
CA LYS A 409 27.77 -34.76 -30.34
C LYS A 409 26.88 -34.10 -31.39
N ARG A 410 26.19 -33.02 -31.03
CA ARG A 410 25.27 -32.36 -31.94
C ARG A 410 25.85 -31.08 -32.50
N PHE A 411 27.13 -30.83 -32.25
CA PHE A 411 27.81 -29.65 -32.75
C PHE A 411 27.78 -29.62 -34.27
N LYS A 412 27.42 -28.48 -34.83
CA LYS A 412 27.47 -28.28 -36.27
C LYS A 412 28.15 -26.94 -36.51
N MET A 413 29.07 -26.93 -37.48
CA MET A 413 29.90 -25.76 -37.76
C MET A 413 29.12 -24.81 -38.66
N VAL A 414 28.28 -23.99 -38.01
CA VAL A 414 27.42 -23.02 -38.67
C VAL A 414 27.32 -21.85 -37.71
N TYR A 415 27.22 -20.64 -38.26
CA TYR A 415 27.01 -19.46 -37.43
C TYR A 415 25.69 -18.81 -37.79
N VAL A 416 24.89 -18.52 -36.77
CA VAL A 416 23.63 -17.81 -36.89
C VAL A 416 23.65 -16.78 -35.77
N PRO A 417 23.34 -15.51 -36.02
CA PRO A 417 23.41 -14.53 -34.94
C PRO A 417 22.40 -14.87 -33.84
N ASN A 418 22.77 -14.58 -32.60
CA ASN A 418 21.87 -14.76 -31.46
C ASN A 418 20.60 -13.93 -31.66
N TRP A 419 19.44 -14.54 -31.38
CA TRP A 419 18.20 -13.81 -31.58
C TRP A 419 17.16 -14.03 -30.49
N PHE A 420 17.44 -14.85 -29.48
CA PHE A 420 16.53 -14.98 -28.35
C PHE A 420 17.36 -15.25 -27.10
N SER A 421 16.67 -15.29 -25.96
CA SER A 421 17.22 -15.74 -24.70
C SER A 421 16.27 -16.74 -24.06
N VAL A 422 16.82 -17.61 -23.24
CA VAL A 422 16.07 -18.66 -22.56
C VAL A 422 16.15 -18.42 -21.06
N ASP A 423 15.06 -18.73 -20.35
CA ASP A 423 15.12 -18.69 -18.90
C ASP A 423 14.44 -19.93 -18.31
N LEU A 424 14.96 -20.37 -17.17
CA LEU A 424 14.49 -21.57 -16.48
C LEU A 424 13.86 -21.26 -15.13
N LYS A 425 13.40 -20.03 -14.91
CA LYS A 425 12.96 -19.62 -13.58
C LYS A 425 11.74 -20.39 -13.10
N THR A 426 10.86 -20.77 -14.00
CA THR A 426 9.69 -21.55 -13.63
C THR A 426 9.93 -23.06 -13.67
N GLY A 427 11.09 -23.50 -14.11
CA GLY A 427 11.34 -24.90 -14.29
C GLY A 427 10.95 -25.42 -15.65
N MET A 428 10.24 -24.60 -16.42
CA MET A 428 9.90 -24.85 -17.82
C MET A 428 10.70 -23.90 -18.70
N LEU A 429 10.69 -24.16 -20.00
CA LEU A 429 11.39 -23.32 -20.96
C LEU A 429 10.60 -22.06 -21.28
N THR A 430 11.15 -20.90 -20.93
CA THR A 430 10.57 -19.63 -21.31
C THR A 430 11.54 -18.92 -22.26
N ILE A 431 11.05 -18.55 -23.43
CA ILE A 431 11.86 -17.95 -24.49
C ILE A 431 11.50 -16.47 -24.53
N THR A 432 12.51 -15.60 -24.56
CA THR A 432 12.29 -14.16 -24.59
C THR A 432 12.90 -13.55 -25.83
N LEU A 433 12.14 -12.66 -26.48
CA LEU A 433 12.58 -11.92 -27.65
C LEU A 433 12.72 -10.44 -27.30
N ASP A 434 13.82 -9.83 -27.75
CA ASP A 434 14.08 -8.43 -27.50
C ASP A 434 14.33 -7.75 -28.84
N GLU A 435 13.87 -6.50 -28.95
CA GLU A 435 14.05 -5.70 -30.16
C GLU A 435 15.50 -5.61 -30.62
N SER A 436 16.45 -5.65 -29.69
CA SER A 436 17.85 -5.44 -30.03
C SER A 436 18.39 -6.52 -30.97
N ASP A 437 17.96 -7.78 -30.78
CA ASP A 437 18.45 -8.88 -31.61
C ASP A 437 17.39 -9.83 -32.13
N CYS A 438 16.10 -9.51 -31.95
CA CYS A 438 15.03 -10.42 -32.40
C CYS A 438 15.10 -10.73 -33.89
N PHE A 439 15.54 -9.79 -34.70
CA PHE A 439 15.52 -9.96 -36.15
C PHE A 439 16.90 -10.27 -36.72
N ALA A 440 17.85 -10.69 -35.87
CA ALA A 440 19.24 -10.85 -36.26
C ALA A 440 19.50 -12.08 -37.11
N ALA A 441 18.57 -13.05 -37.13
CA ALA A 441 18.82 -14.38 -37.70
C ALA A 441 17.99 -14.53 -38.98
N TRP A 442 18.62 -14.29 -40.12
CA TRP A 442 18.08 -14.65 -41.41
C TRP A 442 18.52 -16.07 -41.78
N VAL A 443 17.57 -16.93 -42.19
CA VAL A 443 17.91 -18.23 -42.73
C VAL A 443 17.12 -18.45 -44.01
N SER A 444 17.60 -19.39 -44.83
CA SER A 444 16.91 -19.78 -46.07
C SER A 444 15.77 -20.74 -45.75
N ALA A 445 14.67 -20.63 -46.52
CA ALA A 445 13.54 -21.53 -46.34
C ALA A 445 13.96 -22.99 -46.44
N LYS A 446 14.91 -23.31 -47.34
CA LYS A 446 15.35 -24.69 -47.55
C LYS A 446 16.11 -25.25 -46.36
N ASP A 447 17.03 -24.47 -45.79
CA ASP A 447 17.78 -24.93 -44.63
C ASP A 447 16.95 -24.96 -43.36
N ALA A 448 15.81 -24.27 -43.34
CA ALA A 448 14.93 -24.31 -42.19
C ALA A 448 13.86 -25.39 -42.30
N GLY A 449 13.83 -26.14 -43.40
CA GLY A 449 12.88 -27.23 -43.54
C GLY A 449 11.49 -26.81 -43.95
N PHE A 450 11.35 -25.64 -44.56
CA PHE A 450 10.06 -25.12 -44.99
C PHE A 450 9.95 -25.19 -46.51
N SER A 451 8.72 -24.98 -46.99
CA SER A 451 8.42 -25.13 -48.41
C SER A 451 7.09 -24.47 -48.71
N SER A 452 7.04 -23.75 -49.83
CA SER A 452 5.82 -23.08 -50.26
C SER A 452 5.32 -23.65 -51.58
N GLY A 455 7.30 -23.76 -56.15
CA GLY A 455 7.77 -23.32 -54.84
C GLY A 455 9.00 -22.43 -54.92
N SER A 456 9.23 -21.65 -53.87
CA SER A 456 10.34 -20.72 -53.81
C SER A 456 11.19 -20.98 -52.57
N ASP A 457 12.41 -20.45 -52.60
CA ASP A 457 13.37 -20.60 -51.50
C ASP A 457 13.94 -19.23 -51.11
N PRO A 458 13.12 -18.33 -50.50
CA PRO A 458 13.68 -17.03 -50.08
C PRO A 458 14.20 -17.07 -48.66
N LYS A 459 14.48 -15.89 -48.12
CA LYS A 459 15.25 -15.73 -46.89
C LYS A 459 14.21 -15.39 -45.84
N LEU A 460 14.24 -16.12 -44.73
CA LEU A 460 13.29 -15.94 -43.64
C LEU A 460 14.01 -15.40 -42.42
N ASN A 461 13.34 -14.48 -41.73
CA ASN A 461 13.81 -13.97 -40.45
C ASN A 461 13.09 -14.71 -39.33
N LEU A 462 13.87 -15.44 -38.52
CA LEU A 462 13.31 -16.36 -37.53
C LEU A 462 12.45 -15.60 -36.53
N GLY A 463 12.99 -14.53 -35.95
CA GLY A 463 12.22 -13.77 -34.98
C GLY A 463 10.95 -13.19 -35.57
N GLY A 464 11.01 -12.78 -36.84
CA GLY A 464 9.83 -12.22 -37.46
C GLY A 464 8.75 -13.26 -37.73
N LEU A 465 9.16 -14.49 -38.08
CA LEU A 465 8.17 -15.54 -38.30
C LEU A 465 7.53 -15.98 -36.99
N LEU A 466 8.35 -16.08 -35.94
CA LEU A 466 7.87 -16.52 -34.64
C LEU A 466 6.86 -15.53 -34.09
N LEU A 467 7.20 -14.23 -34.13
CA LEU A 467 6.29 -13.17 -33.70
C LEU A 467 4.94 -13.28 -34.40
N GLN A 468 4.95 -13.63 -35.69
CA GLN A 468 3.71 -13.76 -36.45
C GLN A 468 2.94 -15.00 -36.02
N ALA A 469 3.65 -16.08 -35.70
CA ALA A 469 2.99 -17.27 -35.18
C ALA A 469 2.37 -17.02 -33.81
N LEU A 470 3.09 -16.30 -32.94
CA LEU A 470 2.58 -16.00 -31.61
C LEU A 470 1.29 -15.19 -31.66
N LEU A 471 1.19 -14.27 -32.61
CA LEU A 471 0.03 -13.40 -32.75
C LEU A 471 -0.89 -13.83 -33.90
N GLU A 472 -0.80 -15.10 -34.32
CA GLU A 472 -1.57 -15.62 -35.45
C GLU A 472 -3.07 -15.44 -35.29
N TYR A 473 -3.58 -15.49 -34.07
CA TYR A 473 -5.01 -15.40 -33.81
C TYR A 473 -5.49 -13.98 -33.58
N TRP A 474 -4.58 -13.01 -33.59
CA TRP A 474 -4.91 -11.61 -33.45
C TRP A 474 -5.50 -11.06 -34.75
N PRO A 475 -6.78 -10.71 -34.75
CA PRO A 475 -7.45 -10.27 -36.00
C PRO A 475 -6.76 -9.10 -36.70
N ARG A 476 -6.16 -8.18 -35.94
CA ARG A 476 -5.47 -7.04 -36.52
C ARG A 476 -4.31 -7.45 -37.43
N THR A 477 -3.76 -8.65 -37.25
CA THR A 477 -2.69 -9.13 -38.11
C THR A 477 -3.19 -9.78 -39.40
N HIS A 478 -4.50 -9.90 -39.58
CA HIS A 478 -5.06 -10.57 -40.74
C HIS A 478 -5.12 -9.63 -41.95
N VAL A 479 -5.45 -10.22 -43.10
CA VAL A 479 -5.58 -9.47 -44.34
C VAL A 479 -7.03 -9.47 -44.81
N LYS A 502 -3.92 -15.65 -42.17
CA LYS A 502 -3.65 -16.02 -40.80
C LYS A 502 -2.28 -16.67 -40.64
N GLY A 503 -1.45 -16.12 -39.77
CA GLY A 503 -0.16 -16.71 -39.50
C GLY A 503 0.92 -16.23 -40.46
N ASN A 504 1.97 -17.06 -40.55
CA ASN A 504 3.15 -16.72 -41.31
C ASN A 504 3.36 -17.61 -42.52
N GLY A 505 2.60 -18.70 -42.64
CA GLY A 505 2.63 -19.48 -43.85
C GLY A 505 3.69 -20.56 -43.88
N TYR A 506 4.36 -20.82 -42.75
CA TYR A 506 5.43 -21.81 -42.76
C TYR A 506 5.30 -22.77 -41.58
N PHE A 507 4.76 -22.29 -40.46
CA PHE A 507 4.58 -23.11 -39.27
C PHE A 507 3.65 -22.39 -38.32
N GLN A 508 3.06 -23.16 -37.39
CA GLN A 508 2.33 -22.61 -36.27
C GLN A 508 3.01 -23.01 -34.95
N VAL A 509 2.77 -22.23 -33.91
CA VAL A 509 3.05 -22.65 -32.55
C VAL A 509 1.83 -23.41 -32.03
N PRO A 510 1.94 -24.21 -30.96
CA PRO A 510 0.74 -24.83 -30.38
C PRO A 510 -0.22 -23.78 -29.85
N PRO A 511 -1.52 -23.98 -30.07
CA PRO A 511 -2.51 -22.94 -29.69
C PRO A 511 -2.49 -22.59 -28.21
N HIS A 512 -2.08 -23.52 -27.35
CA HIS A 512 -2.09 -23.31 -25.90
C HIS A 512 -0.87 -22.57 -25.40
N THR A 513 0.11 -22.30 -26.27
CA THR A 513 1.32 -21.59 -25.92
C THR A 513 1.02 -20.28 -25.20
N PRO A 514 1.53 -20.07 -23.98
CA PRO A 514 1.35 -18.78 -23.32
C PRO A 514 2.19 -17.72 -24.01
N VAL A 515 1.59 -16.57 -24.27
CA VAL A 515 2.28 -15.43 -24.89
C VAL A 515 2.31 -14.29 -23.89
N ILE A 516 3.51 -13.81 -23.57
CA ILE A 516 3.71 -12.85 -22.49
C ILE A 516 4.33 -11.58 -23.04
N PHE A 517 3.74 -10.43 -22.70
CA PHE A 517 4.29 -9.11 -23.02
C PHE A 517 4.77 -8.52 -21.71
N GLY A 518 6.08 -8.35 -21.57
CA GLY A 518 6.66 -7.83 -20.37
C GLY A 518 7.69 -6.75 -20.60
N GLU A 519 7.97 -6.06 -19.50
CA GLU A 519 9.03 -5.08 -19.35
C GLU A 519 10.32 -5.82 -19.04
N ALA A 520 11.42 -5.26 -19.54
CA ALA A 520 12.73 -5.82 -19.30
C ALA A 520 13.00 -5.96 -17.80
N GLY A 521 13.54 -7.12 -17.45
CA GLY A 521 13.77 -7.58 -16.11
C GLY A 521 12.56 -7.95 -15.28
N GLY A 522 11.54 -8.60 -15.88
CA GLY A 522 10.50 -9.29 -15.14
C GLY A 522 9.08 -8.80 -15.30
N ARG A 523 8.84 -7.48 -15.34
CA ARG A 523 7.48 -7.05 -15.00
C ARG A 523 6.56 -7.38 -16.16
N THR A 524 5.68 -8.35 -15.94
CA THR A 524 4.60 -8.67 -16.88
C THR A 524 3.58 -7.56 -17.02
N LEU A 525 3.27 -7.24 -18.28
CA LEU A 525 2.22 -6.27 -18.61
C LEU A 525 0.91 -6.97 -18.93
N PHE A 526 0.99 -8.04 -19.72
CA PHE A 526 -0.19 -8.76 -20.21
C PHE A 526 0.20 -10.14 -20.71
N ARG A 527 -0.61 -11.14 -20.34
CA ARG A 527 -0.36 -12.53 -20.68
C ARG A 527 -1.65 -13.18 -21.20
N LEU A 528 -1.53 -13.88 -22.32
CA LEU A 528 -2.62 -14.62 -22.92
C LEU A 528 -2.10 -15.90 -23.57
N LEU A 529 -3.01 -16.81 -23.91
CA LEU A 529 -2.65 -17.98 -24.71
C LEU A 529 -2.82 -17.61 -26.17
N CYS A 530 -1.92 -18.15 -27.01
CA CYS A 530 -1.89 -17.85 -28.44
C CYS A 530 -3.27 -17.90 -29.08
N ARG A 531 -4.03 -18.97 -28.81
CA ARG A 531 -5.33 -19.15 -29.42
C ARG A 531 -6.38 -18.13 -28.97
N ASP A 532 -6.14 -17.40 -27.89
CA ASP A 532 -7.16 -16.52 -27.32
C ASP A 532 -7.13 -15.10 -27.89
N SER A 533 -6.24 -14.81 -28.85
CA SER A 533 -6.05 -13.43 -29.27
C SER A 533 -7.29 -12.85 -29.95
N GLY A 534 -8.17 -13.70 -30.46
CA GLY A 534 -9.39 -13.26 -31.13
C GLY A 534 -10.48 -12.78 -30.21
N GLY A 535 -10.36 -13.03 -28.91
CA GLY A 535 -11.28 -12.54 -27.90
C GLY A 535 -11.48 -11.03 -27.93
N GLU A 536 -12.61 -10.55 -27.41
CA GLU A 536 -12.82 -9.11 -27.38
C GLU A 536 -11.98 -8.45 -26.29
N THR A 537 -11.82 -9.12 -25.14
CA THR A 537 -10.97 -8.56 -24.09
C THR A 537 -9.51 -8.58 -24.50
N GLU A 538 -9.07 -9.73 -25.04
CA GLU A 538 -7.68 -9.90 -25.46
C GLU A 538 -7.28 -8.94 -26.58
N SER A 539 -8.15 -8.73 -27.59
CA SER A 539 -7.79 -7.83 -28.67
C SER A 539 -7.66 -6.39 -28.18
N MET A 540 -8.52 -5.98 -27.26
CA MET A 540 -8.41 -4.64 -26.68
C MET A 540 -7.11 -4.51 -25.89
N LEU A 541 -6.82 -5.49 -25.03
CA LEU A 541 -5.63 -5.45 -24.20
C LEU A 541 -4.36 -5.58 -25.03
N LEU A 542 -4.41 -6.31 -26.14
CA LEU A 542 -3.25 -6.43 -27.02
C LEU A 542 -2.94 -5.08 -27.66
N ASN A 543 -3.98 -4.45 -28.23
CA ASN A 543 -3.88 -3.11 -28.79
C ASN A 543 -3.22 -2.13 -27.83
N GLU A 544 -3.45 -2.30 -26.54
CA GLU A 544 -2.87 -1.44 -25.51
C GLU A 544 -1.45 -1.82 -25.11
N THR A 545 -1.03 -3.06 -25.37
CA THR A 545 0.20 -3.58 -24.80
C THR A 545 1.28 -3.95 -25.82
N VAL A 546 0.91 -4.38 -27.03
CA VAL A 546 1.89 -4.77 -28.04
C VAL A 546 2.72 -3.59 -28.51
N PRO A 547 4.04 -3.62 -28.29
CA PRO A 547 4.88 -2.46 -28.64
C PRO A 547 4.98 -2.28 -30.15
N GLN A 548 5.22 -1.02 -30.56
CA GLN A 548 5.25 -0.66 -31.97
C GLN A 548 6.26 -1.48 -32.77
N TRP A 549 7.33 -1.97 -32.13
CA TRP A 549 8.33 -2.73 -32.89
C TRP A 549 7.84 -4.13 -33.24
N VAL A 550 6.86 -4.63 -32.50
CA VAL A 550 6.19 -5.88 -32.88
C VAL A 550 5.09 -5.60 -33.91
N ILE A 551 4.36 -4.50 -33.71
CA ILE A 551 3.30 -4.09 -34.65
C ILE A 551 3.85 -3.99 -36.07
N ASP A 552 5.03 -3.38 -36.20
CA ASP A 552 5.73 -3.25 -37.49
C ASP A 552 5.76 -4.56 -38.28
N ILE A 553 6.09 -5.67 -37.62
CA ILE A 553 6.19 -6.96 -38.30
C ILE A 553 4.83 -7.65 -38.37
N THR A 554 4.09 -7.70 -37.27
CA THR A 554 2.89 -8.53 -37.23
C THR A 554 1.68 -7.87 -37.88
N VAL A 555 1.57 -6.55 -37.80
CA VAL A 555 0.41 -5.85 -38.37
C VAL A 555 0.73 -5.28 -39.75
N ASP A 556 1.72 -4.39 -39.81
CA ASP A 556 2.06 -3.73 -41.07
C ASP A 556 2.70 -4.68 -42.08
N LYS A 557 3.09 -5.88 -41.68
CA LYS A 557 3.78 -6.88 -42.53
C LYS A 557 5.03 -6.35 -43.25
N ASN A 558 5.91 -5.66 -42.53
CA ASN A 558 7.11 -5.15 -43.16
C ASN A 558 8.26 -5.24 -42.17
N MET A 559 9.42 -5.66 -42.65
CA MET A 559 10.61 -5.77 -41.81
C MET A 559 11.19 -4.39 -41.53
N GLU B 11 71.59 24.99 -2.56
CA GLU B 11 72.66 25.16 -1.58
C GLU B 11 72.51 24.19 -0.42
N ASN B 12 71.34 24.23 0.24
CA ASN B 12 71.04 23.32 1.33
C ASN B 12 70.60 21.99 0.74
N LEU B 13 71.59 21.20 0.32
CA LEU B 13 71.33 19.92 -0.31
C LEU B 13 71.12 18.83 0.76
N LEU B 14 70.44 17.78 0.35
CA LEU B 14 69.99 16.70 1.21
C LEU B 14 70.73 15.40 0.88
N PRO B 15 70.95 14.52 1.86
CA PRO B 15 71.69 13.28 1.60
C PRO B 15 70.89 12.23 0.85
N PHE B 16 69.61 12.47 0.57
CA PHE B 16 68.77 11.50 -0.11
C PHE B 16 68.79 11.74 -1.61
N VAL B 17 68.79 10.65 -2.36
CA VAL B 17 69.06 10.68 -3.80
C VAL B 17 67.76 10.85 -4.56
N GLY B 18 67.79 11.71 -5.58
CA GLY B 18 66.67 11.89 -6.48
C GLY B 18 66.76 10.98 -7.68
N LEU B 19 65.87 11.23 -8.65
CA LEU B 19 65.75 10.40 -9.84
C LEU B 19 65.46 11.29 -11.04
N ASN B 20 66.39 11.34 -11.98
CA ASN B 20 66.25 12.23 -13.13
C ASN B 20 65.02 11.89 -13.94
N ASN B 21 64.33 12.93 -14.42
CA ASN B 21 63.26 12.74 -15.39
C ASN B 21 63.87 12.51 -16.76
N LEU B 22 63.47 11.42 -17.41
CA LEU B 22 63.98 11.06 -18.72
C LEU B 22 62.98 11.34 -19.83
N GLY B 23 61.94 12.11 -19.54
CA GLY B 23 60.90 12.38 -20.52
C GLY B 23 59.58 11.77 -20.12
N ASN B 24 58.82 12.49 -19.28
CA ASN B 24 57.58 11.99 -18.70
C ASN B 24 57.77 10.64 -18.03
N THR B 25 58.75 10.56 -17.12
CA THR B 25 58.95 9.33 -16.36
C THR B 25 58.83 9.56 -14.85
N CYS B 26 58.04 10.56 -14.42
CA CYS B 26 57.81 10.71 -12.99
C CYS B 26 56.90 9.62 -12.46
N TYR B 27 56.07 9.05 -13.35
CA TYR B 27 55.23 7.92 -12.96
C TYR B 27 56.08 6.76 -12.52
N LEU B 28 57.24 6.58 -13.16
CA LEU B 28 58.17 5.52 -12.77
C LEU B 28 58.98 5.93 -11.55
N ASN B 29 59.51 7.17 -11.57
CA ASN B 29 60.32 7.66 -10.47
C ASN B 29 59.55 7.69 -9.15
N SER B 30 58.23 7.94 -9.20
CA SER B 30 57.45 8.05 -7.97
C SER B 30 57.38 6.72 -7.25
N ILE B 31 56.94 5.66 -7.95
CA ILE B 31 56.81 4.36 -7.29
C ILE B 31 58.17 3.75 -7.00
N LEU B 32 59.19 4.07 -7.82
CA LEU B 32 60.53 3.57 -7.54
C LEU B 32 61.06 4.12 -6.22
N GLN B 33 60.80 5.39 -5.95
CA GLN B 33 61.21 5.96 -4.67
C GLN B 33 60.44 5.34 -3.52
N VAL B 34 59.20 4.91 -3.75
CA VAL B 34 58.44 4.24 -2.71
C VAL B 34 58.96 2.82 -2.49
N LEU B 35 59.35 2.14 -3.59
CA LEU B 35 59.84 0.78 -3.47
C LEU B 35 61.16 0.73 -2.71
N TYR B 36 62.01 1.74 -2.92
CA TYR B 36 63.30 1.79 -2.26
C TYR B 36 63.14 1.82 -0.74
N PHE B 37 62.14 2.54 -0.25
CA PHE B 37 61.89 2.69 1.17
C PHE B 37 60.98 1.61 1.76
N CYS B 38 60.43 0.71 0.95
CA CYS B 38 59.66 -0.40 1.53
C CYS B 38 60.60 -1.31 2.31
N PRO B 39 60.14 -1.86 3.46
CA PRO B 39 61.05 -2.55 4.38
C PRO B 39 61.84 -3.70 3.76
N GLY B 40 61.16 -4.69 3.19
CA GLY B 40 61.89 -5.82 2.67
C GLY B 40 62.30 -5.77 1.22
N PHE B 41 62.00 -4.68 0.51
CA PHE B 41 62.21 -4.67 -0.94
C PHE B 41 63.68 -4.71 -1.32
N LYS B 42 64.48 -3.80 -0.76
CA LYS B 42 65.91 -3.74 -1.10
C LYS B 42 66.60 -5.07 -0.80
N SER B 43 66.39 -5.60 0.40
CA SER B 43 67.01 -6.88 0.76
C SER B 43 66.49 -8.00 -0.14
N GLY B 44 65.24 -7.92 -0.58
CA GLY B 44 64.67 -8.99 -1.36
C GLY B 44 65.23 -9.07 -2.78
N VAL B 45 65.42 -7.92 -3.43
CA VAL B 45 65.91 -7.94 -4.81
C VAL B 45 67.38 -8.32 -4.84
N LYS B 46 68.12 -8.05 -3.76
CA LYS B 46 69.50 -8.52 -3.68
C LYS B 46 69.55 -10.04 -3.64
N HIS B 47 68.64 -10.66 -2.88
CA HIS B 47 68.58 -12.11 -2.85
C HIS B 47 68.23 -12.68 -4.20
N LEU B 48 67.29 -12.04 -4.91
CA LEU B 48 66.91 -12.54 -6.22
C LEU B 48 68.00 -12.27 -7.25
N PHE B 49 68.79 -11.22 -7.03
CA PHE B 49 69.95 -10.97 -7.88
C PHE B 49 71.03 -12.01 -7.61
N ASN B 50 71.19 -12.42 -6.35
CA ASN B 50 72.22 -13.39 -5.99
C ASN B 50 71.87 -14.79 -6.46
N ILE B 51 70.59 -15.07 -6.70
CA ILE B 51 70.22 -16.37 -7.23
C ILE B 51 70.40 -16.41 -8.73
N ILE B 52 70.01 -15.32 -9.41
CA ILE B 52 70.26 -15.20 -10.84
C ILE B 52 71.75 -15.13 -11.11
N SER B 53 72.52 -14.52 -10.20
CA SER B 53 73.97 -14.44 -10.38
C SER B 53 74.62 -15.82 -10.34
N ARG B 54 74.02 -16.76 -9.61
CA ARG B 54 74.55 -18.11 -9.55
C ARG B 54 74.13 -18.93 -10.78
N LYS B 55 72.82 -19.02 -11.00
CA LYS B 55 72.28 -19.94 -12.00
C LYS B 55 72.48 -19.41 -13.43
N LYS B 56 71.77 -18.33 -13.77
CA LYS B 56 71.83 -17.79 -15.13
C LYS B 56 72.35 -16.36 -15.14
N LEU B 62 67.99 -10.48 -19.92
CA LEU B 62 66.93 -11.18 -20.64
C LEU B 62 65.63 -11.30 -19.83
N ALA B 63 64.61 -10.59 -20.30
CA ALA B 63 63.23 -10.69 -19.82
C ALA B 63 63.17 -10.37 -18.33
N SER B 64 62.65 -11.25 -17.48
CA SER B 64 62.52 -10.97 -16.06
C SER B 64 63.86 -10.88 -15.35
N TYR B 65 64.85 -11.69 -15.76
CA TYR B 65 66.16 -11.62 -15.14
C TYR B 65 66.78 -10.23 -15.32
N GLU B 66 66.62 -9.65 -16.50
CA GLU B 66 67.13 -8.31 -16.75
C GLU B 66 66.47 -7.29 -15.83
N LEU B 67 65.17 -7.44 -15.59
CA LEU B 67 64.45 -6.51 -14.71
C LEU B 67 64.99 -6.55 -13.29
N ILE B 68 65.34 -7.74 -12.80
CA ILE B 68 65.92 -7.83 -11.46
C ILE B 68 67.29 -7.16 -11.44
N CYS B 69 68.11 -7.41 -12.46
CA CYS B 69 69.41 -6.77 -12.56
C CYS B 69 69.29 -5.25 -12.63
N SER B 70 68.39 -4.76 -13.48
CA SER B 70 68.13 -3.32 -13.56
C SER B 70 67.73 -2.73 -12.21
N LEU B 71 66.89 -3.45 -11.46
CA LEU B 71 66.49 -2.98 -10.13
C LEU B 71 67.67 -2.95 -9.18
N GLN B 72 68.50 -4.00 -9.20
CA GLN B 72 69.71 -3.99 -8.37
C GLN B 72 70.71 -2.98 -8.89
N SER B 73 70.79 -2.78 -10.21
CA SER B 73 71.64 -1.74 -10.77
C SER B 73 71.29 -0.37 -10.22
N LEU B 74 69.99 -0.04 -10.15
CA LEU B 74 69.58 1.27 -9.65
C LEU B 74 69.74 1.40 -8.14
N ILE B 75 69.30 0.39 -7.38
CA ILE B 75 69.40 0.43 -5.92
C ILE B 75 70.85 0.62 -5.47
N ILE B 76 71.77 -0.11 -6.08
CA ILE B 76 73.17 0.09 -5.76
C ILE B 76 73.62 1.48 -6.21
N SER B 77 73.13 1.94 -7.36
CA SER B 77 73.48 3.28 -7.85
C SER B 77 72.97 4.36 -6.91
N VAL B 78 71.79 4.15 -6.32
CA VAL B 78 71.25 5.10 -5.35
C VAL B 78 72.01 5.01 -4.04
N GLU B 79 72.34 3.79 -3.59
CA GLU B 79 73.08 3.62 -2.35
C GLU B 79 74.49 4.17 -2.46
N GLN B 80 75.10 4.04 -3.64
CA GLN B 80 76.45 4.53 -3.85
C GLN B 80 76.47 6.05 -3.90
N LEU B 81 75.52 6.65 -4.59
CA LEU B 81 75.47 8.10 -4.70
C LEU B 81 75.23 8.76 -3.35
N GLN B 82 74.43 8.11 -2.49
CA GLN B 82 74.25 8.62 -1.13
C GLN B 82 75.54 8.52 -0.33
N ALA B 83 76.26 7.40 -0.46
CA ALA B 83 77.54 7.25 0.21
C ALA B 83 78.58 8.21 -0.38
N SER B 84 78.52 8.48 -1.68
CA SER B 84 79.42 9.47 -2.28
C SER B 84 79.17 10.86 -1.69
N PHE B 85 77.91 11.16 -1.38
CA PHE B 85 77.59 12.46 -0.79
C PHE B 85 77.96 12.51 0.68
N LEU B 86 77.76 11.40 1.41
CA LEU B 86 78.05 11.40 2.84
C LEU B 86 79.54 11.46 3.11
N LEU B 87 80.36 10.95 2.19
CA LEU B 87 81.81 10.98 2.35
C LEU B 87 82.32 12.41 2.26
N ASN B 88 82.18 13.03 1.09
CA ASN B 88 82.50 14.44 0.91
C ASN B 88 81.34 15.11 0.18
N PRO B 89 80.47 15.83 0.89
CA PRO B 89 79.33 16.48 0.24
C PRO B 89 79.69 17.73 -0.53
N GLU B 90 80.92 18.22 -0.42
CA GLU B 90 81.34 19.41 -1.15
C GLU B 90 81.61 19.13 -2.62
N LYS B 91 81.50 17.87 -3.05
CA LYS B 91 81.61 17.54 -4.47
C LYS B 91 80.35 17.95 -5.23
N TYR B 92 79.20 17.95 -4.57
CA TYR B 92 77.91 18.20 -5.18
C TYR B 92 77.43 19.60 -4.81
N THR B 93 76.63 20.19 -5.70
CA THR B 93 76.24 21.58 -5.55
C THR B 93 74.74 21.72 -5.31
N ASP B 94 73.93 21.60 -6.37
CA ASP B 94 72.49 21.78 -6.28
C ASP B 94 71.74 20.62 -6.90
N GLU B 95 72.33 19.43 -6.90
CA GLU B 95 71.71 18.26 -7.50
C GLU B 95 72.31 17.01 -6.89
N LEU B 96 71.48 15.99 -6.74
CA LEU B 96 71.95 14.69 -6.24
C LEU B 96 70.92 13.64 -6.70
N ALA B 97 71.16 13.09 -7.89
CA ALA B 97 70.20 12.19 -8.50
C ALA B 97 70.92 11.28 -9.49
N THR B 98 70.28 10.15 -9.79
CA THR B 98 70.81 9.19 -10.76
C THR B 98 69.72 8.86 -11.76
N GLN B 99 70.14 8.46 -12.97
CA GLN B 99 69.14 8.09 -13.95
C GLN B 99 68.93 6.57 -13.95
N PRO B 100 67.67 6.12 -14.01
CA PRO B 100 67.41 4.68 -14.12
C PRO B 100 67.09 4.23 -15.54
N ARG B 101 68.06 4.34 -16.46
CA ARG B 101 67.75 4.07 -17.86
C ARG B 101 67.61 2.57 -18.14
N ARG B 102 68.40 1.73 -17.45
CA ARG B 102 68.32 0.29 -17.68
C ARG B 102 66.97 -0.27 -17.31
N LEU B 103 66.36 0.25 -16.24
CA LEU B 103 65.03 -0.19 -15.84
C LEU B 103 63.98 0.26 -16.83
N LEU B 104 64.11 1.48 -17.36
CA LEU B 104 63.15 1.96 -18.34
C LEU B 104 63.24 1.14 -19.62
N ASN B 105 64.44 0.74 -20.03
CA ASN B 105 64.60 -0.03 -21.26
C ASN B 105 64.01 -1.42 -21.14
N THR B 106 64.22 -2.08 -20.00
CA THR B 106 63.64 -3.40 -19.79
C THR B 106 62.11 -3.34 -19.75
N LEU B 107 61.56 -2.31 -19.08
CA LEU B 107 60.12 -2.11 -19.08
C LEU B 107 59.58 -1.88 -20.48
N ARG B 108 60.35 -1.16 -21.31
CA ARG B 108 59.97 -0.98 -22.71
C ARG B 108 59.94 -2.30 -23.45
N GLU B 109 60.83 -3.23 -23.10
CA GLU B 109 60.83 -4.55 -23.71
C GLU B 109 59.71 -5.43 -23.15
N LEU B 110 59.34 -5.22 -21.89
CA LEU B 110 58.25 -5.98 -21.30
C LEU B 110 56.89 -5.53 -21.84
N ASN B 111 56.70 -4.22 -21.96
CA ASN B 111 55.48 -3.64 -22.48
C ASN B 111 55.83 -2.45 -23.37
N PRO B 112 55.59 -2.53 -24.68
CA PRO B 112 56.02 -1.46 -25.58
C PRO B 112 55.23 -0.16 -25.43
N MET B 113 54.22 -0.11 -24.56
CA MET B 113 53.53 1.16 -24.31
C MET B 113 54.45 2.15 -23.60
N TYR B 114 55.43 1.65 -22.83
CA TYR B 114 56.36 2.51 -22.12
C TYR B 114 57.44 3.07 -23.02
N GLU B 115 57.45 2.70 -24.30
CA GLU B 115 58.35 3.31 -25.26
C GLU B 115 57.97 4.76 -25.52
N GLY B 116 58.86 5.49 -26.19
CA GLY B 116 58.62 6.90 -26.38
C GLY B 116 58.79 7.66 -25.08
N TYR B 117 58.09 8.79 -24.98
CA TYR B 117 58.14 9.63 -23.79
C TYR B 117 56.76 10.19 -23.48
N LEU B 118 55.77 9.30 -23.36
CA LEU B 118 54.42 9.70 -23.03
C LEU B 118 54.19 9.62 -21.53
N GLN B 119 53.03 10.12 -21.10
CA GLN B 119 52.66 10.09 -19.69
C GLN B 119 51.93 8.80 -19.38
N HIS B 120 52.14 8.27 -18.18
CA HIS B 120 51.60 6.97 -17.82
C HIS B 120 51.13 6.98 -16.39
N ASP B 121 50.42 5.90 -16.03
CA ASP B 121 49.81 5.75 -14.71
C ASP B 121 50.83 5.11 -13.78
N ALA B 122 50.98 5.68 -12.57
CA ALA B 122 51.95 5.16 -11.62
C ALA B 122 51.53 3.80 -11.09
N GLN B 123 50.23 3.63 -10.80
CA GLN B 123 49.72 2.32 -10.37
C GLN B 123 49.98 1.26 -11.43
N GLU B 124 49.76 1.60 -12.71
CA GLU B 124 49.96 0.63 -13.78
C GLU B 124 51.40 0.15 -13.88
N VAL B 125 52.36 1.04 -13.62
CA VAL B 125 53.76 0.62 -13.75
C VAL B 125 54.18 -0.17 -12.52
N LEU B 126 53.60 0.15 -11.35
CA LEU B 126 53.86 -0.65 -10.16
C LEU B 126 53.34 -2.07 -10.35
N GLN B 127 52.14 -2.21 -10.91
CA GLN B 127 51.59 -3.53 -11.20
C GLN B 127 52.49 -4.32 -12.14
N CYS B 128 53.02 -3.65 -13.17
CA CYS B 128 53.89 -4.32 -14.12
C CYS B 128 55.19 -4.76 -13.48
N ILE B 129 55.74 -3.95 -12.58
CA ILE B 129 57.00 -4.32 -11.93
C ILE B 129 56.77 -5.47 -10.95
N LEU B 130 55.84 -5.31 -10.01
CA LEU B 130 55.59 -6.35 -9.02
C LEU B 130 55.11 -7.63 -9.67
N GLY B 131 54.25 -7.53 -10.68
CA GLY B 131 53.77 -8.72 -11.36
C GLY B 131 54.85 -9.47 -12.10
N ASN B 132 55.86 -8.76 -12.61
CA ASN B 132 56.95 -9.44 -13.30
C ASN B 132 57.93 -10.06 -12.32
N ILE B 133 58.22 -9.38 -11.21
CA ILE B 133 59.10 -9.95 -10.19
C ILE B 133 58.52 -11.24 -9.65
N GLN B 134 57.19 -11.29 -9.48
CA GLN B 134 56.54 -12.50 -9.02
C GLN B 134 56.65 -13.60 -10.06
N GLU B 135 56.55 -13.26 -11.35
CA GLU B 135 56.76 -14.25 -12.40
C GLU B 135 58.16 -14.83 -12.32
N THR B 136 59.14 -13.99 -11.98
CA THR B 136 60.50 -14.47 -11.79
C THR B 136 60.59 -15.44 -10.62
N CYS B 137 59.95 -15.07 -9.50
CA CYS B 137 59.97 -15.93 -8.32
C CYS B 137 59.35 -17.29 -8.60
N GLN B 138 58.24 -17.30 -9.34
CA GLN B 138 57.57 -18.56 -9.64
C GLN B 138 58.29 -19.35 -10.72
N LEU B 139 59.01 -18.67 -11.61
CA LEU B 139 59.80 -19.37 -12.62
C LEU B 139 61.05 -19.98 -12.01
N LEU B 140 61.59 -19.34 -10.97
CA LEU B 140 62.77 -19.86 -10.30
C LEU B 140 62.41 -20.88 -9.23
N LYS B 141 61.17 -20.86 -8.75
CA LYS B 141 60.72 -21.92 -7.87
C LYS B 141 60.68 -23.24 -8.62
N LYS B 142 60.22 -23.21 -9.88
CA LYS B 142 60.13 -24.43 -10.66
C LYS B 142 61.51 -24.96 -11.02
N GLU B 143 62.40 -24.08 -11.44
CA GLU B 143 63.74 -24.49 -11.84
C GLU B 143 64.58 -24.99 -10.66
N GLU B 144 64.24 -24.57 -9.45
CA GLU B 144 64.94 -25.03 -8.25
C GLU B 144 64.37 -26.34 -7.73
N VAL B 145 63.03 -26.43 -7.61
CA VAL B 145 62.41 -27.62 -7.05
C VAL B 145 62.58 -28.82 -7.98
N LYS B 146 62.74 -28.57 -9.29
CA LYS B 146 62.98 -29.67 -10.22
C LYS B 146 64.35 -30.30 -9.97
N ASN B 147 65.35 -29.48 -9.67
CA ASN B 147 66.68 -29.98 -9.35
C ASN B 147 66.68 -30.60 -7.95
N ILE B 163 61.22 -17.95 1.00
CA ILE B 163 61.62 -16.67 1.59
C ILE B 163 62.15 -15.74 0.51
N GLY B 164 63.05 -16.25 -0.33
CA GLY B 164 63.52 -15.49 -1.47
C GLY B 164 62.43 -15.27 -2.49
N PHE B 165 61.84 -16.36 -2.97
CA PHE B 165 60.76 -16.30 -3.95
C PHE B 165 59.43 -15.87 -3.34
N GLU B 166 59.39 -15.68 -2.03
CA GLU B 166 58.20 -15.18 -1.34
C GLU B 166 58.19 -13.66 -1.25
N LEU B 167 58.94 -12.98 -2.13
CA LEU B 167 59.22 -11.56 -1.97
C LEU B 167 57.95 -10.73 -2.14
N VAL B 168 57.34 -10.79 -3.33
CA VAL B 168 56.15 -9.99 -3.59
C VAL B 168 55.00 -10.45 -2.69
N GLU B 169 54.97 -11.74 -2.36
CA GLU B 169 53.82 -12.29 -1.65
C GLU B 169 53.78 -11.86 -0.19
N LYS B 170 54.94 -11.64 0.43
CA LYS B 170 54.94 -11.22 1.83
C LYS B 170 54.99 -9.72 2.02
N LEU B 171 55.37 -8.97 0.98
CA LEU B 171 55.51 -7.54 1.14
C LEU B 171 54.26 -6.79 0.71
N PHE B 172 53.74 -7.09 -0.49
CA PHE B 172 52.69 -6.28 -1.07
C PHE B 172 51.40 -7.03 -1.30
N GLN B 173 51.43 -8.35 -1.45
CA GLN B 173 50.28 -9.13 -1.86
C GLN B 173 49.50 -9.69 -0.67
N GLY B 174 48.17 -9.66 -0.77
CA GLY B 174 47.31 -10.19 0.25
C GLY B 174 46.22 -11.08 -0.35
N GLN B 175 45.52 -11.79 0.53
CA GLN B 175 44.48 -12.73 0.15
C GLN B 175 43.11 -12.14 0.49
N LEU B 176 42.24 -12.06 -0.50
CA LEU B 176 40.90 -11.50 -0.34
C LEU B 176 39.86 -12.63 -0.39
N VAL B 177 38.75 -12.42 0.32
CA VAL B 177 37.66 -13.40 0.40
C VAL B 177 36.35 -12.71 0.04
N LEU B 178 35.79 -13.03 -1.13
CA LEU B 178 34.58 -12.37 -1.63
C LEU B 178 33.38 -13.28 -1.37
N ARG B 179 32.52 -12.87 -0.43
CA ARG B 179 31.37 -13.66 -0.03
C ARG B 179 30.11 -13.15 -0.72
N THR B 180 29.36 -14.06 -1.35
CA THR B 180 28.10 -13.75 -2.01
C THR B 180 27.00 -14.63 -1.41
N ARG B 181 25.95 -14.00 -0.89
CA ARG B 181 24.89 -14.71 -0.17
C ARG B 181 23.55 -14.38 -0.82
N CYS B 182 22.93 -15.39 -1.44
CA CYS B 182 21.60 -15.26 -2.00
C CYS B 182 20.58 -15.10 -0.88
N LEU B 183 19.80 -14.02 -0.90
CA LEU B 183 18.85 -13.80 0.17
C LEU B 183 17.63 -14.71 0.10
N GLU B 184 17.46 -15.42 -1.01
CA GLU B 184 16.34 -16.35 -1.11
C GLU B 184 16.62 -17.64 -0.35
N CYS B 185 17.67 -18.36 -0.74
CA CYS B 185 18.01 -19.64 -0.14
C CYS B 185 19.08 -19.53 0.94
N GLU B 186 19.73 -18.37 1.08
CA GLU B 186 20.74 -18.11 2.10
C GLU B 186 21.96 -19.00 1.94
N SER B 187 22.23 -19.41 0.70
CA SER B 187 23.48 -20.09 0.38
C SER B 187 24.57 -19.05 0.18
N LEU B 188 25.72 -19.28 0.80
CA LEU B 188 26.82 -18.32 0.82
C LEU B 188 27.98 -18.96 0.07
N THR B 189 28.30 -18.43 -1.09
CA THR B 189 29.43 -18.89 -1.87
C THR B 189 30.63 -17.97 -1.64
N GLU B 190 31.81 -18.47 -1.98
CA GLU B 190 33.04 -17.76 -1.66
C GLU B 190 34.03 -17.85 -2.80
N ARG B 191 34.82 -16.79 -2.94
CA ARG B 191 35.93 -16.76 -3.90
C ARG B 191 37.12 -16.13 -3.21
N ARG B 192 38.29 -16.75 -3.39
CA ARG B 192 39.54 -16.21 -2.88
C ARG B 192 40.30 -15.65 -4.08
N GLU B 193 40.55 -14.36 -4.04
CA GLU B 193 41.30 -13.66 -5.07
C GLU B 193 42.47 -12.97 -4.40
N ASP B 194 43.63 -13.01 -5.07
CA ASP B 194 44.76 -12.27 -4.55
C ASP B 194 44.63 -10.80 -4.89
N PHE B 195 45.38 -9.97 -4.17
CA PHE B 195 45.36 -8.55 -4.40
C PHE B 195 46.67 -7.98 -3.90
N GLN B 196 47.08 -6.89 -4.52
CA GLN B 196 48.29 -6.16 -4.17
C GLN B 196 47.98 -4.76 -3.67
N ASP B 197 46.97 -4.10 -4.23
CA ASP B 197 46.43 -2.86 -3.71
C ASP B 197 44.92 -3.01 -3.51
N ILE B 198 44.35 -2.05 -2.79
CA ILE B 198 42.91 -2.03 -2.51
C ILE B 198 42.32 -0.86 -3.30
N SER B 199 41.58 -1.19 -4.36
CA SER B 199 40.95 -0.21 -5.22
C SER B 199 39.77 0.39 -4.47
N VAL B 200 39.82 1.70 -4.24
CA VAL B 200 38.95 2.37 -3.28
C VAL B 200 38.31 3.61 -3.91
N PRO B 201 37.04 3.88 -3.66
CA PRO B 201 36.43 5.10 -4.20
C PRO B 201 36.73 6.31 -3.33
N VAL B 202 36.71 7.47 -3.97
CA VAL B 202 37.02 8.73 -3.31
C VAL B 202 35.75 9.48 -2.91
N GLN B 203 34.73 9.47 -3.76
CA GLN B 203 33.47 10.14 -3.46
C GLN B 203 32.32 9.24 -3.87
N GLU B 204 31.12 9.61 -3.46
CA GLU B 204 29.90 8.90 -3.79
C GLU B 204 29.18 9.60 -4.94
N ASP B 205 28.56 8.81 -5.81
CA ASP B 205 27.85 9.36 -6.96
C ASP B 205 26.70 8.45 -7.37
N GLU B 223 30.21 16.13 4.66
CA GLU B 223 30.77 16.36 3.33
C GLU B 223 31.91 15.39 3.03
N MET B 224 32.98 15.48 3.84
CA MET B 224 34.19 14.73 3.57
C MET B 224 34.04 13.28 3.98
N LYS B 225 34.54 12.39 3.12
CA LYS B 225 34.51 10.95 3.37
C LYS B 225 35.86 10.52 3.94
N THR B 226 35.82 9.78 5.05
CA THR B 226 37.06 9.25 5.61
C THR B 226 37.49 8.00 4.86
N LEU B 227 38.71 7.53 5.15
CA LEU B 227 39.17 6.29 4.57
C LEU B 227 38.38 5.10 5.10
N ARG B 228 37.92 5.18 6.35
CA ARG B 228 37.02 4.18 6.90
C ARG B 228 35.79 3.97 6.01
N TRP B 229 35.16 5.07 5.58
CA TRP B 229 34.04 4.99 4.67
C TRP B 229 34.46 4.34 3.36
N ALA B 230 35.62 4.74 2.85
CA ALA B 230 36.06 4.33 1.54
C ALA B 230 36.40 2.84 1.48
N ILE B 231 37.06 2.33 2.51
CA ILE B 231 37.32 0.89 2.55
C ILE B 231 36.02 0.14 2.75
N SER B 232 35.06 0.73 3.47
CA SER B 232 33.76 0.11 3.68
C SER B 232 32.98 0.00 2.37
N GLN B 233 33.12 0.99 1.49
CA GLN B 233 32.54 0.88 0.16
C GLN B 233 33.13 -0.31 -0.59
N PHE B 234 34.39 -0.65 -0.31
CA PHE B 234 35.06 -1.76 -0.98
C PHE B 234 34.71 -3.09 -0.34
N ALA B 235 34.73 -3.14 0.99
CA ALA B 235 34.72 -4.42 1.71
C ALA B 235 33.41 -4.74 2.41
N SER B 236 32.72 -3.74 2.96
CA SER B 236 31.55 -4.03 3.79
C SER B 236 30.42 -4.60 2.95
N VAL B 237 29.33 -4.97 3.62
CA VAL B 237 28.22 -5.63 2.96
C VAL B 237 27.58 -4.68 1.97
N GLU B 238 27.30 -5.18 0.78
CA GLU B 238 26.69 -4.42 -0.31
C GLU B 238 25.53 -5.24 -0.83
N ARG B 239 24.32 -4.74 -0.63
CA ARG B 239 23.14 -5.50 -1.03
C ARG B 239 22.90 -5.28 -2.51
N ILE B 240 22.72 -6.38 -3.25
CA ILE B 240 22.52 -6.34 -4.69
C ILE B 240 21.04 -6.58 -4.96
N VAL B 241 20.37 -5.55 -5.44
CA VAL B 241 18.91 -5.51 -5.55
C VAL B 241 18.52 -4.82 -6.84
N GLY B 242 17.24 -4.96 -7.20
CA GLY B 242 16.61 -4.17 -8.23
C GLY B 242 16.86 -4.68 -9.63
N GLU B 243 17.11 -3.77 -10.57
CA GLU B 243 17.44 -4.17 -11.93
C GLU B 243 18.89 -4.65 -12.08
N ASP B 244 19.48 -5.19 -11.02
CA ASP B 244 20.85 -5.70 -11.10
C ASP B 244 21.02 -6.94 -10.22
N LYS B 245 19.97 -7.76 -10.15
CA LYS B 245 19.91 -8.86 -9.20
C LYS B 245 20.93 -9.96 -9.48
N TYR B 246 21.43 -10.54 -8.39
CA TYR B 246 22.28 -11.74 -8.46
C TYR B 246 21.49 -12.90 -9.05
N PHE B 247 22.17 -13.75 -9.81
CA PHE B 247 21.57 -14.97 -10.32
C PHE B 247 22.00 -16.14 -9.45
N CYS B 248 21.06 -16.69 -8.69
CA CYS B 248 21.33 -17.84 -7.85
C CYS B 248 21.18 -19.11 -8.68
N GLU B 249 22.28 -19.82 -8.88
CA GLU B 249 22.24 -21.09 -9.61
C GLU B 249 21.53 -22.17 -8.82
N ASN B 250 21.51 -22.04 -7.49
CA ASN B 250 20.76 -22.99 -6.66
C ASN B 250 19.26 -22.75 -6.77
N CYS B 251 18.84 -21.49 -6.64
CA CYS B 251 17.43 -21.14 -6.82
C CYS B 251 17.01 -21.18 -8.28
N HIS B 252 17.98 -21.14 -9.20
CA HIS B 252 17.73 -21.03 -10.64
C HIS B 252 16.90 -19.79 -10.96
N HIS B 253 17.24 -18.68 -10.31
CA HIS B 253 16.42 -17.47 -10.39
C HIS B 253 17.25 -16.25 -10.01
N TYR B 254 16.88 -15.10 -10.56
CA TYR B 254 17.44 -13.84 -10.12
C TYR B 254 16.93 -13.52 -8.73
N THR B 255 17.85 -13.25 -7.81
CA THR B 255 17.50 -12.98 -6.42
C THR B 255 18.30 -11.80 -5.91
N GLU B 256 17.85 -11.26 -4.77
CA GLU B 256 18.62 -10.25 -4.06
C GLU B 256 19.76 -10.92 -3.31
N ALA B 257 20.90 -10.24 -3.23
CA ALA B 257 22.07 -10.83 -2.60
C ALA B 257 22.80 -9.81 -1.74
N GLU B 258 23.56 -10.34 -0.78
CA GLU B 258 24.44 -9.55 0.09
C GLU B 258 25.87 -9.95 -0.20
N ARG B 259 26.69 -8.99 -0.61
CA ARG B 259 28.07 -9.20 -1.00
C ARG B 259 29.01 -8.57 0.02
N SER B 260 29.96 -9.34 0.52
CA SER B 260 30.97 -8.81 1.43
C SER B 260 32.34 -9.35 1.04
N LEU B 261 33.37 -8.51 1.17
CA LEU B 261 34.74 -8.89 0.90
C LEU B 261 35.53 -8.82 2.21
N LEU B 262 36.34 -9.83 2.46
CA LEU B 262 37.07 -9.91 3.72
C LEU B 262 38.55 -10.14 3.47
N PHE B 263 39.38 -9.45 4.25
CA PHE B 263 40.81 -9.64 4.16
C PHE B 263 41.22 -10.83 5.02
N ASP B 264 41.97 -11.76 4.45
CA ASP B 264 42.30 -13.00 5.12
C ASP B 264 43.78 -13.01 5.47
N LYS B 265 44.67 -13.16 4.49
CA LYS B 265 46.11 -13.05 4.70
C LYS B 265 46.55 -11.63 4.35
N MET B 266 47.27 -10.99 5.27
CA MET B 266 47.68 -9.62 5.02
C MET B 266 49.20 -9.52 4.90
N PRO B 267 49.70 -8.67 4.01
CA PRO B 267 51.15 -8.55 3.85
C PRO B 267 51.80 -7.51 4.74
N GLU B 268 53.04 -7.16 4.43
CA GLU B 268 53.79 -6.18 5.20
C GLU B 268 53.44 -4.75 4.81
N VAL B 269 53.07 -4.54 3.55
CA VAL B 269 52.72 -3.22 3.05
C VAL B 269 51.32 -3.28 2.47
N ILE B 270 50.45 -2.38 2.91
CA ILE B 270 49.11 -2.28 2.37
C ILE B 270 49.10 -1.07 1.44
N THR B 271 48.86 -1.34 0.16
CA THR B 271 48.75 -0.29 -0.84
C THR B 271 47.28 0.04 -1.01
N ILE B 272 46.95 1.32 -0.98
CA ILE B 272 45.58 1.77 -1.19
C ILE B 272 45.58 2.62 -2.45
N HIS B 273 44.79 2.19 -3.42
CA HIS B 273 44.77 2.79 -4.76
C HIS B 273 43.44 3.53 -4.87
N LEU B 274 43.51 4.85 -4.85
CA LEU B 274 42.30 5.67 -4.80
C LEU B 274 41.76 5.88 -6.21
N LYS B 275 40.44 5.80 -6.34
CA LYS B 275 39.78 6.02 -7.63
C LYS B 275 39.35 7.48 -7.71
N CYS B 276 40.36 8.34 -7.81
CA CYS B 276 40.19 9.80 -7.79
C CYS B 276 39.75 10.32 -9.15
N PHE B 277 38.62 9.78 -9.62
CA PHE B 277 38.08 10.08 -10.94
C PHE B 277 36.68 9.48 -11.03
N ALA B 278 35.91 10.02 -11.98
CA ALA B 278 34.54 9.55 -12.20
C ALA B 278 34.14 9.93 -13.62
N ALA B 279 32.98 9.42 -14.03
CA ALA B 279 32.50 9.61 -15.39
C ALA B 279 31.02 9.95 -15.38
N SER B 280 30.61 10.74 -16.38
CA SER B 280 29.21 11.05 -16.60
C SER B 280 28.66 10.47 -17.89
N GLY B 281 29.47 10.43 -18.95
CA GLY B 281 29.02 10.02 -20.26
C GLY B 281 28.76 11.22 -21.15
N LEU B 282 29.60 12.24 -21.02
CA LEU B 282 29.40 13.50 -21.72
C LEU B 282 30.70 14.02 -22.33
N GLY B 289 37.57 14.02 -22.00
CA GLY B 289 36.61 13.35 -22.85
C GLY B 289 35.69 12.40 -22.09
N GLY B 290 34.57 12.93 -21.60
CA GLY B 290 33.60 12.14 -20.87
C GLY B 290 33.98 11.87 -19.43
N LEU B 291 35.27 11.72 -19.16
CA LEU B 291 35.79 11.40 -17.85
C LEU B 291 36.32 12.66 -17.17
N SER B 292 36.49 12.58 -15.86
CA SER B 292 37.02 13.71 -15.10
C SER B 292 37.72 13.20 -13.86
N LYS B 293 38.72 13.96 -13.41
CA LYS B 293 39.41 13.70 -12.16
C LYS B 293 38.61 14.27 -11.00
N ILE B 294 38.77 13.64 -9.83
CA ILE B 294 38.22 14.16 -8.57
C ILE B 294 39.40 14.72 -7.77
N ASN B 295 39.47 16.04 -7.69
CA ASN B 295 40.56 16.72 -6.99
C ASN B 295 40.43 16.62 -5.47
N THR B 296 39.22 16.55 -4.94
CA THR B 296 39.09 16.49 -3.49
C THR B 296 39.43 15.08 -3.01
N PRO B 297 40.31 14.96 -2.00
CA PRO B 297 40.70 13.63 -1.50
C PRO B 297 39.99 13.19 -0.24
N LEU B 298 40.31 12.00 0.24
CA LEU B 298 39.67 11.48 1.44
C LEU B 298 40.36 12.03 2.67
N LEU B 299 39.77 11.77 3.84
CA LEU B 299 40.41 12.11 5.10
C LEU B 299 41.36 10.96 5.43
N THR B 300 42.66 11.21 5.32
CA THR B 300 43.66 10.14 5.34
C THR B 300 44.29 9.97 6.72
N PRO B 301 44.09 8.84 7.39
CA PRO B 301 44.64 8.64 8.73
C PRO B 301 46.10 8.18 8.70
N LEU B 302 46.74 8.32 9.86
CA LEU B 302 48.12 7.87 10.05
C LEU B 302 48.17 6.38 10.37
N LYS B 303 47.33 5.92 11.29
CA LYS B 303 47.26 4.52 11.70
C LYS B 303 46.04 3.87 11.07
N LEU B 304 46.22 2.64 10.58
CA LEU B 304 45.16 1.91 9.90
C LEU B 304 45.07 0.49 10.43
N SER B 305 43.84 0.02 10.66
CA SER B 305 43.60 -1.35 11.07
C SER B 305 42.44 -1.92 10.27
N LEU B 306 42.64 -3.10 9.69
CA LEU B 306 41.62 -3.78 8.91
C LEU B 306 40.88 -4.85 9.71
N GLU B 307 40.85 -4.71 11.05
CA GLU B 307 40.20 -5.73 11.88
C GLU B 307 38.73 -5.88 11.54
N GLU B 308 38.02 -4.77 11.36
CA GLU B 308 36.58 -4.85 11.10
C GLU B 308 36.26 -5.51 9.77
N TRP B 309 37.20 -5.51 8.82
CA TRP B 309 37.00 -6.15 7.52
C TRP B 309 37.88 -7.37 7.37
N SER B 310 38.38 -7.89 8.47
CA SER B 310 39.27 -9.03 8.40
C SER B 310 38.43 -10.29 8.54
N THR B 311 39.03 -11.42 8.17
CA THR B 311 38.31 -12.66 8.31
C THR B 311 38.34 -13.15 9.75
N LYS B 312 39.43 -12.86 10.46
CA LYS B 312 39.70 -13.23 11.84
C LYS B 312 40.18 -12.01 12.61
N PRO B 313 39.81 -11.89 13.88
CA PRO B 313 40.23 -10.73 14.68
C PRO B 313 41.75 -10.66 14.80
N THR B 314 42.31 -9.51 14.44
CA THR B 314 43.74 -9.30 14.57
C THR B 314 44.00 -8.05 15.39
N ASN B 315 45.26 -7.85 15.75
CA ASN B 315 45.72 -6.66 16.45
C ASN B 315 46.86 -6.03 15.66
N ASP B 316 46.82 -6.23 14.36
CA ASP B 316 47.79 -5.65 13.45
C ASP B 316 47.31 -4.27 13.05
N SER B 317 48.09 -3.25 13.36
CA SER B 317 47.83 -1.90 12.94
C SER B 317 48.94 -1.49 11.99
N TYR B 318 48.59 -0.72 10.96
CA TYR B 318 49.53 -0.31 9.94
C TYR B 318 49.72 1.20 9.97
N GLY B 319 50.94 1.63 9.66
CA GLY B 319 51.29 3.04 9.71
C GLY B 319 51.61 3.62 8.35
N LEU B 320 50.97 4.74 8.00
CA LEU B 320 51.24 5.39 6.74
C LEU B 320 52.69 5.86 6.65
N PHE B 321 53.36 5.53 5.54
CA PHE B 321 54.74 5.94 5.34
C PHE B 321 55.04 6.52 3.97
N ALA B 322 54.22 6.26 2.95
CA ALA B 322 54.47 6.81 1.63
C ALA B 322 53.15 7.17 0.96
N VAL B 323 53.18 8.25 0.16
CA VAL B 323 52.01 8.73 -0.57
C VAL B 323 52.49 9.18 -1.94
N VAL B 324 51.85 8.66 -3.00
CA VAL B 324 52.13 9.09 -4.36
C VAL B 324 50.98 10.00 -4.80
N MET B 325 51.33 11.17 -5.30
CA MET B 325 50.36 12.20 -5.61
C MET B 325 50.41 12.57 -7.09
N HIS B 326 49.28 13.09 -7.58
CA HIS B 326 49.13 13.53 -8.95
C HIS B 326 48.62 14.97 -8.93
N SER B 327 49.12 15.78 -9.86
CA SER B 327 48.77 17.19 -9.93
C SER B 327 48.32 17.51 -11.35
N GLY B 328 47.13 18.06 -11.47
CA GLY B 328 46.52 18.35 -12.76
C GLY B 328 45.02 18.26 -12.64
N ILE B 329 44.33 18.99 -13.53
CA ILE B 329 42.88 19.00 -13.52
C ILE B 329 42.29 17.81 -14.27
N THR B 330 42.98 17.31 -15.29
CA THR B 330 42.47 16.23 -16.12
C THR B 330 43.14 14.91 -15.78
N ILE B 331 42.61 13.85 -16.37
CA ILE B 331 43.22 12.52 -16.30
C ILE B 331 44.27 12.34 -17.38
N SER B 332 44.13 13.06 -18.51
CA SER B 332 44.95 12.81 -19.70
C SER B 332 46.43 13.09 -19.44
N SER B 333 46.73 14.04 -18.56
CA SER B 333 48.12 14.34 -18.24
C SER B 333 48.17 14.93 -16.85
N GLY B 334 49.39 14.98 -16.31
CA GLY B 334 49.59 15.53 -14.98
C GLY B 334 51.04 15.34 -14.57
N HIS B 335 51.27 15.48 -13.27
CA HIS B 335 52.62 15.36 -12.73
C HIS B 335 52.59 14.49 -11.48
N TYR B 336 53.42 13.47 -11.46
CA TYR B 336 53.50 12.56 -10.32
C TYR B 336 54.69 12.94 -9.47
N THR B 337 54.48 12.90 -8.16
CA THR B 337 55.55 13.04 -7.18
C THR B 337 55.30 12.01 -6.10
N ALA B 338 56.29 11.84 -5.23
CA ALA B 338 56.17 10.91 -4.13
C ALA B 338 56.61 11.60 -2.86
N SER B 339 56.15 11.07 -1.73
CA SER B 339 56.47 11.61 -0.43
C SER B 339 56.64 10.42 0.49
N VAL B 340 57.78 10.36 1.18
CA VAL B 340 58.16 9.21 1.97
C VAL B 340 58.59 9.68 3.35
N LYS B 341 58.17 8.94 4.36
CA LYS B 341 58.53 9.21 5.74
C LYS B 341 59.70 8.31 6.14
N VAL B 342 60.68 8.91 6.82
CA VAL B 342 61.83 8.17 7.34
C VAL B 342 61.49 7.55 8.69
N THR B 343 61.75 6.26 8.82
CA THR B 343 61.49 5.52 10.05
C THR B 343 62.59 4.49 10.23
N ASP B 344 62.63 3.91 11.44
CA ASP B 344 63.62 2.90 11.81
C ASP B 344 65.04 3.39 11.61
N GLU B 349 68.55 4.08 10.13
CA GLU B 349 69.28 3.25 11.09
C GLU B 349 70.69 3.79 11.32
N GLN B 350 71.27 4.35 10.25
CA GLN B 350 72.54 5.03 10.30
C GLN B 350 72.34 6.46 10.80
N SER B 351 73.42 7.07 11.28
CA SER B 351 73.35 8.44 11.79
C SER B 351 72.77 9.41 10.77
N LEU B 352 71.48 9.67 10.92
CA LEU B 352 70.70 10.50 10.00
C LEU B 352 69.39 10.82 10.72
N LYS B 353 69.42 10.70 12.04
CA LYS B 353 68.24 10.72 12.90
C LYS B 353 67.70 12.14 13.13
N GLU B 354 68.39 13.17 12.62
CA GLU B 354 67.78 14.50 12.58
C GLU B 354 66.46 14.49 11.81
N TYR B 355 66.28 13.54 10.92
CA TYR B 355 65.14 13.51 10.01
C TYR B 355 64.03 12.57 10.43
N GLU B 356 64.31 11.59 11.30
CA GLU B 356 63.31 10.62 11.73
C GLU B 356 62.03 11.28 12.22
N GLY B 357 60.92 10.97 11.56
CA GLY B 357 59.65 11.60 11.84
C GLY B 357 59.24 12.65 10.83
N LYS B 358 60.15 13.06 9.95
CA LYS B 358 59.85 14.05 8.93
C LYS B 358 59.53 13.36 7.61
N TRP B 359 58.96 14.12 6.68
CA TRP B 359 58.49 13.60 5.40
C TRP B 359 59.33 14.15 4.27
N LEU B 360 60.07 13.27 3.59
CA LEU B 360 60.85 13.67 2.43
C LEU B 360 59.97 13.66 1.19
N LEU B 361 60.02 14.74 0.42
CA LEU B 361 59.24 14.88 -0.80
C LEU B 361 60.17 14.73 -2.00
N PHE B 362 59.91 13.74 -2.84
CA PHE B 362 60.75 13.46 -4.00
C PHE B 362 60.01 13.93 -5.25
N ASP B 363 60.57 14.93 -5.93
CA ASP B 363 59.99 15.53 -7.13
C ASP B 363 60.99 15.35 -8.25
N ASP B 364 61.04 14.14 -8.81
CA ASP B 364 62.03 13.72 -9.81
C ASP B 364 63.42 13.97 -9.23
N SER B 365 64.30 14.72 -9.90
CA SER B 365 65.66 14.90 -9.41
C SER B 365 65.75 15.73 -8.16
N GLU B 366 64.68 16.47 -7.83
CA GLU B 366 64.65 17.30 -6.63
C GLU B 366 64.21 16.46 -5.42
N VAL B 367 64.48 17.00 -4.23
CA VAL B 367 64.01 16.39 -2.99
C VAL B 367 63.99 17.44 -1.89
N LYS B 368 62.88 17.50 -1.14
CA LYS B 368 62.71 18.41 -0.02
C LYS B 368 62.40 17.64 1.25
N VAL B 369 62.42 18.36 2.37
CA VAL B 369 61.97 17.86 3.66
C VAL B 369 60.82 18.75 4.13
N THR B 370 59.65 18.16 4.31
CA THR B 370 58.49 18.85 4.84
C THR B 370 58.17 18.35 6.24
N GLU B 371 57.46 19.17 7.00
CA GLU B 371 57.15 18.84 8.38
C GLU B 371 55.97 17.86 8.44
N GLU B 372 55.92 17.12 9.55
CA GLU B 372 54.84 16.15 9.76
C GLU B 372 53.47 16.81 9.69
N LYS B 373 53.29 17.90 10.43
CA LYS B 373 52.01 18.60 10.42
C LYS B 373 51.79 19.35 9.11
N ASP B 374 52.86 19.89 8.53
CA ASP B 374 52.70 20.70 7.33
C ASP B 374 52.41 19.84 6.10
N PHE B 375 53.00 18.64 6.03
CA PHE B 375 52.65 17.72 4.94
C PHE B 375 51.26 17.15 5.14
N LEU B 376 50.90 16.85 6.39
CA LEU B 376 49.61 16.23 6.68
C LEU B 376 48.44 17.14 6.30
N ASN B 377 48.65 18.45 6.39
CA ASN B 377 47.61 19.39 5.96
C ASN B 377 47.40 19.34 4.46
N SER B 378 48.49 19.28 3.68
CA SER B 378 48.37 19.21 2.22
C SER B 378 47.75 17.90 1.76
N LEU B 379 47.80 16.86 2.58
CA LEU B 379 47.27 15.55 2.23
C LEU B 379 45.75 15.48 2.30
N SER B 380 45.13 16.37 3.05
CA SER B 380 43.69 16.38 3.30
C SER B 380 43.14 17.77 2.99
N PRO B 381 41.84 17.87 2.68
CA PRO B 381 41.33 19.21 2.32
C PRO B 381 41.19 20.16 3.51
N PRO B 385 45.68 22.94 -2.00
CA PRO B 385 45.60 21.51 -2.35
C PRO B 385 46.77 21.03 -3.21
N THR B 386 47.04 21.71 -4.32
CA THR B 386 48.09 21.35 -5.28
C THR B 386 47.91 19.91 -5.77
N SER B 387 48.77 19.01 -5.32
CA SER B 387 48.68 17.62 -5.75
C SER B 387 47.62 16.87 -4.96
N THR B 388 47.06 15.84 -5.58
CA THR B 388 46.03 15.01 -4.98
C THR B 388 46.54 13.60 -4.80
N PRO B 389 46.25 12.94 -3.67
CA PRO B 389 46.78 11.59 -3.45
C PRO B 389 46.18 10.60 -4.43
N TYR B 390 47.01 9.66 -4.88
CA TYR B 390 46.59 8.57 -5.76
C TYR B 390 46.89 7.21 -5.19
N LEU B 391 48.00 7.07 -4.47
CA LEU B 391 48.36 5.83 -3.78
C LEU B 391 48.76 6.15 -2.35
N LEU B 392 48.44 5.23 -1.45
CA LEU B 392 48.80 5.35 -0.04
C LEU B 392 49.41 4.04 0.39
N PHE B 393 50.55 4.11 1.08
CA PHE B 393 51.27 2.91 1.48
C PHE B 393 51.39 2.89 2.99
N TYR B 394 50.88 1.84 3.60
CA TYR B 394 50.96 1.63 5.03
C TYR B 394 51.81 0.40 5.29
N LYS B 395 52.37 0.32 6.48
CA LYS B 395 53.29 -0.77 6.79
C LYS B 395 53.03 -1.28 8.19
N LYS B 396 53.15 -2.59 8.36
CA LYS B 396 52.85 -3.26 9.61
C LYS B 396 53.70 -2.71 10.75
N LEU B 397 53.09 -2.64 11.93
CA LEU B 397 53.76 -2.16 13.14
C LEU B 397 53.74 -3.26 14.20
N MET C 1 27.10 -16.79 -18.29
CA MET C 1 27.38 -16.67 -16.87
C MET C 1 27.32 -15.21 -16.42
N GLN C 2 27.20 -15.01 -15.11
CA GLN C 2 27.07 -13.68 -14.52
C GLN C 2 28.32 -13.37 -13.71
N ILE C 3 28.99 -12.27 -14.05
CA ILE C 3 30.18 -11.82 -13.34
C ILE C 3 29.87 -10.48 -12.70
N PHE C 4 30.70 -10.11 -11.74
CA PHE C 4 30.57 -8.87 -11.01
C PHE C 4 31.65 -7.87 -11.45
N VAL C 5 31.30 -6.59 -11.42
CA VAL C 5 32.21 -5.51 -11.76
C VAL C 5 32.05 -4.44 -10.71
N LYS C 6 33.16 -4.09 -10.04
CA LYS C 6 33.16 -3.02 -9.06
C LYS C 6 33.48 -1.70 -9.78
N THR C 7 32.51 -0.79 -9.79
CA THR C 7 32.63 0.44 -10.56
C THR C 7 33.48 1.45 -9.81
N LEU C 8 33.61 2.65 -10.39
CA LEU C 8 34.50 3.65 -9.83
C LEU C 8 33.99 4.18 -8.50
N THR C 9 32.68 4.16 -8.28
CA THR C 9 32.10 4.61 -7.03
C THR C 9 32.14 3.55 -5.95
N GLY C 10 32.60 2.34 -6.26
CA GLY C 10 32.54 1.24 -5.34
C GLY C 10 31.30 0.39 -5.46
N LYS C 11 30.35 0.79 -6.31
CA LYS C 11 29.13 0.05 -6.50
C LYS C 11 29.38 -1.14 -7.41
N THR C 12 28.75 -2.27 -7.11
CA THR C 12 28.89 -3.49 -7.88
C THR C 12 27.74 -3.61 -8.86
N ILE C 13 28.07 -3.97 -10.10
CA ILE C 13 27.08 -4.23 -11.14
C ILE C 13 27.35 -5.62 -11.71
N THR C 14 26.31 -6.23 -12.25
CA THR C 14 26.44 -7.55 -12.85
C THR C 14 26.53 -7.44 -14.37
N LEU C 15 27.24 -8.38 -14.98
CA LEU C 15 27.40 -8.46 -16.42
C LEU C 15 27.15 -9.90 -16.87
N GLU C 16 26.30 -10.06 -17.87
CA GLU C 16 26.05 -11.37 -18.47
C GLU C 16 27.05 -11.57 -19.60
N VAL C 17 27.94 -12.55 -19.43
CA VAL C 17 29.03 -12.81 -20.35
C VAL C 17 29.12 -14.31 -20.60
N GLU C 18 30.00 -14.69 -21.52
CA GLU C 18 30.33 -16.08 -21.78
C GLU C 18 31.84 -16.24 -21.75
N PRO C 19 32.34 -17.45 -21.42
CA PRO C 19 33.80 -17.61 -21.25
C PRO C 19 34.59 -17.32 -22.51
N SER C 20 34.01 -17.47 -23.69
CA SER C 20 34.68 -17.16 -24.94
C SER C 20 34.65 -15.69 -25.30
N ASP C 21 34.00 -14.85 -24.50
CA ASP C 21 33.96 -13.42 -24.75
C ASP C 21 35.34 -12.81 -24.57
N THR C 22 35.73 -11.95 -25.51
CA THR C 22 36.98 -11.21 -25.37
C THR C 22 36.83 -10.11 -24.33
N ILE C 23 37.98 -9.57 -23.91
CA ILE C 23 37.96 -8.49 -22.93
C ILE C 23 37.37 -7.22 -23.55
N GLU C 24 37.48 -7.08 -24.88
CA GLU C 24 36.85 -5.96 -25.55
C GLU C 24 35.33 -6.02 -25.42
N ASN C 25 34.76 -7.23 -25.47
CA ASN C 25 33.32 -7.36 -25.27
C ASN C 25 32.91 -6.89 -23.87
N VAL C 26 33.71 -7.24 -22.86
CA VAL C 26 33.38 -6.86 -21.49
C VAL C 26 33.45 -5.34 -21.34
N LYS C 27 34.50 -4.71 -21.89
CA LYS C 27 34.61 -3.26 -21.82
C LYS C 27 33.48 -2.58 -22.56
N ALA C 28 33.00 -3.17 -23.65
CA ALA C 28 31.86 -2.62 -24.37
C ALA C 28 30.56 -2.79 -23.58
N LYS C 29 30.45 -3.89 -22.81
CA LYS C 29 29.29 -4.05 -21.95
C LYS C 29 29.32 -3.07 -20.78
N ILE C 30 30.52 -2.73 -20.29
CA ILE C 30 30.64 -1.71 -19.26
C ILE C 30 30.31 -0.34 -19.84
N GLN C 31 30.67 -0.10 -21.11
CA GLN C 31 30.29 1.14 -21.78
C GLN C 31 28.77 1.24 -21.90
N ASP C 32 28.09 0.12 -22.14
CA ASP C 32 26.63 0.13 -22.21
C ASP C 32 26.02 0.52 -20.87
N LYS C 33 26.65 0.11 -19.77
CA LYS C 33 26.14 0.33 -18.43
C LYS C 33 26.71 1.57 -17.74
N GLU C 34 27.96 1.94 -18.03
CA GLU C 34 28.63 3.03 -17.32
C GLU C 34 29.08 4.19 -18.20
N GLY C 35 28.92 4.10 -19.52
CA GLY C 35 29.23 5.23 -20.38
C GLY C 35 30.69 5.64 -20.41
N ILE C 36 31.59 4.69 -20.19
CA ILE C 36 33.03 4.93 -20.15
C ILE C 36 33.63 4.31 -21.40
N PRO C 37 34.49 5.01 -22.14
CA PRO C 37 35.05 4.42 -23.36
C PRO C 37 35.91 3.21 -23.01
N PRO C 38 35.88 2.17 -23.85
CA PRO C 38 36.69 0.97 -23.56
C PRO C 38 38.19 1.23 -23.56
N ASP C 39 38.69 2.08 -24.46
CA ASP C 39 40.12 2.41 -24.45
C ASP C 39 40.53 3.16 -23.20
N GLN C 40 39.57 3.68 -22.44
CA GLN C 40 39.84 4.38 -21.19
C GLN C 40 39.64 3.51 -19.97
N GLN C 41 39.25 2.25 -20.15
CA GLN C 41 38.98 1.33 -19.04
C GLN C 41 40.22 0.51 -18.70
N ARG C 42 40.36 0.23 -17.40
CA ARG C 42 41.34 -0.74 -16.91
C ARG C 42 40.63 -1.71 -15.97
N LEU C 43 40.78 -3.00 -16.23
CA LEU C 43 40.05 -4.04 -15.50
C LEU C 43 41.04 -4.97 -14.81
N ILE C 44 40.90 -5.11 -13.50
CA ILE C 44 41.77 -5.96 -12.70
C ILE C 44 40.96 -7.17 -12.25
N PHE C 45 41.53 -8.37 -12.44
CA PHE C 45 40.95 -9.60 -11.91
C PHE C 45 41.99 -10.30 -11.05
N ALA C 46 41.74 -10.34 -9.74
CA ALA C 46 42.62 -10.99 -8.76
C ALA C 46 44.05 -10.48 -8.86
N GLY C 47 44.19 -9.16 -9.05
CA GLY C 47 45.49 -8.53 -9.15
C GLY C 47 46.08 -8.47 -10.52
N LYS C 48 45.58 -9.27 -11.47
CA LYS C 48 46.07 -9.27 -12.84
C LYS C 48 45.19 -8.37 -13.71
N GLN C 49 45.82 -7.45 -14.42
CA GLN C 49 45.11 -6.57 -15.34
C GLN C 49 44.82 -7.29 -16.64
N LEU C 50 43.55 -7.25 -17.07
CA LEU C 50 43.13 -7.96 -18.26
C LEU C 50 43.58 -7.23 -19.51
N GLU C 51 43.84 -8.00 -20.57
CA GLU C 51 44.35 -7.48 -21.82
C GLU C 51 43.39 -7.81 -22.95
N ASP C 52 43.20 -6.85 -23.86
CA ASP C 52 42.37 -7.08 -25.03
C ASP C 52 43.00 -8.15 -25.92
N GLY C 53 42.16 -8.80 -26.71
CA GLY C 53 42.58 -9.91 -27.54
C GLY C 53 42.49 -11.26 -26.86
N ARG C 54 42.55 -11.30 -25.53
CA ARG C 54 42.35 -12.52 -24.78
C ARG C 54 40.89 -12.63 -24.34
N THR C 55 40.48 -13.84 -23.99
CA THR C 55 39.11 -14.09 -23.57
C THR C 55 39.05 -14.25 -22.05
N LEU C 56 37.83 -14.41 -21.54
CA LEU C 56 37.64 -14.56 -20.10
C LEU C 56 38.18 -15.89 -19.61
N SER C 57 38.06 -16.94 -20.43
CA SER C 57 38.61 -18.24 -20.07
C SER C 57 40.13 -18.25 -19.99
N ASP C 58 40.79 -17.33 -20.71
CA ASP C 58 42.24 -17.21 -20.60
C ASP C 58 42.66 -16.82 -19.19
N TYR C 59 41.84 -16.05 -18.48
CA TYR C 59 42.12 -15.64 -17.12
C TYR C 59 41.41 -16.50 -16.09
N ASN C 60 40.71 -17.54 -16.53
CA ASN C 60 39.95 -18.45 -15.65
C ASN C 60 38.86 -17.69 -14.89
N ILE C 61 38.24 -16.73 -15.56
CA ILE C 61 37.14 -15.98 -14.98
C ILE C 61 35.86 -16.81 -15.10
N GLN C 62 35.19 -17.01 -13.97
CA GLN C 62 34.01 -17.85 -13.88
C GLN C 62 32.83 -17.01 -13.38
N LYS C 63 31.74 -17.70 -13.08
CA LYS C 63 30.61 -17.05 -12.42
C LYS C 63 31.04 -16.52 -11.07
N GLU C 64 30.47 -15.38 -10.69
CA GLU C 64 30.74 -14.67 -9.44
C GLU C 64 32.16 -14.13 -9.36
N SER C 65 32.91 -14.17 -10.45
CA SER C 65 34.20 -13.52 -10.46
C SER C 65 34.01 -12.01 -10.46
N THR C 66 34.93 -11.30 -9.79
CA THR C 66 34.82 -9.87 -9.63
C THR C 66 35.94 -9.18 -10.40
N LEU C 67 35.55 -8.29 -11.31
CA LEU C 67 36.48 -7.40 -11.98
C LEU C 67 36.42 -6.05 -11.29
N HIS C 68 37.57 -5.40 -11.18
CA HIS C 68 37.66 -4.07 -10.57
C HIS C 68 37.98 -3.07 -11.67
N LEU C 69 37.07 -2.11 -11.86
CA LEU C 69 37.21 -1.10 -12.90
C LEU C 69 37.97 0.11 -12.37
N VAL C 70 39.00 0.52 -13.09
CA VAL C 70 39.77 1.73 -12.80
C VAL C 70 40.12 2.41 -14.12
N LEU C 71 40.76 3.57 -14.02
CA LEU C 71 41.16 4.36 -15.18
C LEU C 71 42.67 4.56 -15.17
N ARG C 72 43.17 5.22 -16.22
CA ARG C 72 44.60 5.48 -16.38
C ARG C 72 44.89 6.93 -16.02
N LEU C 73 45.34 7.16 -14.79
CA LEU C 73 45.74 8.50 -14.36
C LEU C 73 47.13 8.78 -14.93
N ARG C 74 47.16 9.28 -16.17
CA ARG C 74 48.43 9.52 -16.84
C ARG C 74 49.12 10.73 -16.23
N GLY C 75 50.42 10.59 -15.98
CA GLY C 75 51.20 11.66 -15.41
C GLY C 75 52.64 11.54 -15.82
N ARG D 13 -25.28 -6.20 2.59
CA ARG D 13 -25.19 -7.64 2.34
C ARG D 13 -26.35 -8.18 1.51
N LYS D 14 -27.58 -7.77 1.82
CA LYS D 14 -28.70 -8.28 1.03
C LYS D 14 -28.87 -7.34 -0.16
N VAL D 15 -29.45 -7.86 -1.24
CA VAL D 15 -29.68 -7.04 -2.43
C VAL D 15 -31.13 -6.59 -2.53
N GLN D 16 -31.34 -5.30 -2.78
CA GLN D 16 -32.66 -4.77 -3.12
C GLN D 16 -32.70 -4.33 -4.58
N VAL D 17 -33.90 -4.30 -5.15
CA VAL D 17 -34.14 -3.81 -6.50
C VAL D 17 -34.98 -2.55 -6.39
N SER D 18 -34.55 -1.47 -7.03
CA SER D 18 -35.37 -0.28 -7.03
C SER D 18 -35.53 0.30 -8.43
N TYR D 19 -36.51 1.20 -8.56
CA TYR D 19 -36.74 1.90 -9.80
C TYR D 19 -37.33 3.27 -9.47
N VAL D 20 -37.18 4.19 -10.41
CA VAL D 20 -37.64 5.57 -10.23
C VAL D 20 -38.75 5.86 -11.22
N ILE D 21 -39.85 6.44 -10.74
CA ILE D 21 -40.95 6.80 -11.62
C ILE D 21 -40.76 8.28 -11.95
N ARG D 22 -40.34 8.54 -13.19
CA ARG D 22 -39.88 9.86 -13.59
C ARG D 22 -39.95 9.96 -15.11
N ASP D 23 -39.67 11.15 -15.63
CA ASP D 23 -39.63 11.32 -17.07
C ASP D 23 -38.27 10.86 -17.59
N GLU D 24 -38.20 10.55 -18.88
CA GLU D 24 -36.92 10.20 -19.47
C GLU D 24 -35.90 11.34 -19.32
N VAL D 25 -36.36 12.58 -19.47
CA VAL D 25 -35.56 13.76 -19.22
C VAL D 25 -36.20 14.54 -18.09
N GLU D 26 -35.44 14.74 -17.02
CA GLU D 26 -35.82 15.60 -15.90
C GLU D 26 -35.00 16.88 -15.98
N LYS D 27 -35.51 17.82 -16.79
CA LYS D 27 -34.80 19.03 -17.14
C LYS D 27 -34.47 19.89 -15.93
N TYR D 28 -35.37 19.93 -14.95
CA TYR D 28 -35.21 20.83 -13.82
C TYR D 28 -34.84 20.05 -12.57
N ASN D 29 -34.08 20.70 -11.69
CA ASN D 29 -33.79 20.15 -10.37
C ASN D 29 -35.06 19.79 -9.65
N ARG D 30 -35.13 18.58 -9.10
CA ARG D 30 -36.30 18.10 -8.39
C ARG D 30 -36.15 18.18 -6.88
N ASN D 31 -35.08 18.81 -6.41
CA ASN D 31 -34.75 18.94 -4.99
C ASN D 31 -33.76 20.10 -4.86
N GLY D 32 -33.19 20.28 -3.67
CA GLY D 32 -32.23 21.36 -3.49
C GLY D 32 -30.93 21.09 -4.22
N VAL D 33 -30.07 22.11 -4.21
CA VAL D 33 -28.76 22.05 -4.86
C VAL D 33 -27.68 22.19 -3.81
N ASN D 34 -26.76 21.23 -3.79
CA ASN D 34 -25.75 21.17 -2.74
C ASN D 34 -24.46 21.90 -3.08
N ALA D 35 -24.17 22.14 -4.36
CA ALA D 35 -22.86 22.62 -4.76
C ALA D 35 -22.93 23.17 -6.17
N LEU D 36 -22.06 24.15 -6.47
CA LEU D 36 -22.07 24.85 -7.73
C LEU D 36 -20.65 24.94 -8.29
N GLN D 37 -20.54 24.93 -9.61
CA GLN D 37 -19.29 25.21 -10.31
C GLN D 37 -19.58 25.99 -11.58
N LEU D 38 -18.66 26.89 -11.92
CA LEU D 38 -18.80 27.81 -13.04
C LEU D 38 -17.62 27.66 -13.99
N ASP D 39 -17.90 27.24 -15.22
CA ASP D 39 -16.88 27.22 -16.26
C ASP D 39 -16.89 28.58 -16.96
N PRO D 40 -15.87 29.42 -16.76
CA PRO D 40 -15.87 30.76 -17.37
C PRO D 40 -15.59 30.77 -18.86
N ALA D 41 -14.96 29.72 -19.41
CA ALA D 41 -14.64 29.67 -20.83
C ALA D 41 -15.82 29.33 -21.72
N LEU D 42 -16.79 28.58 -21.21
CA LEU D 42 -17.96 28.18 -21.98
C LEU D 42 -19.24 28.83 -21.47
N ASN D 43 -19.13 29.65 -20.42
CA ASN D 43 -20.27 30.24 -19.72
C ASN D 43 -21.30 29.18 -19.33
N ARG D 44 -20.82 28.14 -18.65
CA ARG D 44 -21.67 27.07 -18.15
C ARG D 44 -21.65 27.01 -16.63
N LEU D 45 -22.83 26.78 -16.05
CA LEU D 45 -22.98 26.51 -14.62
C LEU D 45 -23.32 25.03 -14.39
N PHE D 46 -22.59 24.39 -13.48
CA PHE D 46 -22.91 23.04 -13.02
C PHE D 46 -23.61 23.13 -11.67
N THR D 47 -24.73 22.44 -11.54
CA THR D 47 -25.45 22.29 -10.28
C THR D 47 -25.34 20.84 -9.79
N ALA D 48 -25.02 20.67 -8.51
CA ALA D 48 -24.99 19.34 -7.90
C ALA D 48 -26.29 19.20 -7.12
N GLY D 49 -27.18 18.32 -7.59
CA GLY D 49 -28.52 18.24 -7.06
C GLY D 49 -28.67 17.25 -5.91
N ARG D 50 -29.53 17.60 -4.96
CA ARG D 50 -30.03 16.62 -4.00
C ARG D 50 -30.88 15.54 -4.67
N ASP D 51 -31.32 15.76 -5.91
CA ASP D 51 -32.06 14.76 -6.66
C ASP D 51 -31.16 13.73 -7.35
N SER D 52 -29.85 13.73 -7.07
CA SER D 52 -28.80 12.82 -7.56
C SER D 52 -28.30 13.15 -8.96
N ILE D 53 -28.81 14.19 -9.61
CA ILE D 53 -28.44 14.52 -10.99
C ILE D 53 -27.62 15.80 -11.00
N ILE D 54 -26.51 15.78 -11.74
CA ILE D 54 -25.74 16.99 -12.01
C ILE D 54 -26.22 17.56 -13.34
N ARG D 55 -26.48 18.86 -13.38
CA ARG D 55 -26.95 19.51 -14.60
C ARG D 55 -26.02 20.62 -15.04
N ILE D 56 -25.91 20.78 -16.37
CA ILE D 56 -25.11 21.81 -17.00
C ILE D 56 -26.05 22.87 -17.55
N TRP D 57 -25.80 24.13 -17.21
CA TRP D 57 -26.65 25.24 -17.65
C TRP D 57 -25.83 26.30 -18.37
N SER D 58 -26.42 26.90 -19.41
CA SER D 58 -25.89 28.12 -20.01
C SER D 58 -26.25 29.34 -19.17
N VAL D 59 -25.26 30.18 -18.87
CA VAL D 59 -25.49 31.40 -18.09
C VAL D 59 -25.68 32.63 -18.96
N ASN D 60 -25.66 32.49 -20.29
CA ASN D 60 -26.01 33.60 -21.17
C ASN D 60 -27.43 34.05 -20.87
N GLN D 61 -27.61 35.35 -20.71
CA GLN D 61 -28.94 35.86 -20.44
C GLN D 61 -29.79 35.97 -21.71
N HIS D 62 -29.20 35.69 -22.86
CA HIS D 62 -29.93 35.69 -24.12
C HIS D 62 -30.95 34.55 -24.22
N LYS D 63 -30.59 33.36 -23.73
CA LYS D 63 -31.43 32.17 -23.90
C LYS D 63 -32.61 32.11 -22.95
N GLN D 64 -33.68 31.47 -23.43
CA GLN D 64 -34.93 31.28 -22.70
C GLN D 64 -34.96 29.93 -22.00
N ASP D 65 -34.21 28.96 -22.51
CA ASP D 65 -34.05 27.66 -21.85
C ASP D 65 -32.56 27.43 -21.60
N PRO D 66 -32.09 27.65 -20.36
CA PRO D 66 -30.66 27.53 -20.05
C PRO D 66 -30.16 26.10 -19.91
N TYR D 67 -31.02 25.11 -20.07
CA TYR D 67 -30.64 23.71 -19.92
C TYR D 67 -29.77 23.22 -21.08
N ILE D 68 -28.68 22.53 -20.72
CA ILE D 68 -27.77 21.93 -21.70
C ILE D 68 -27.79 20.40 -21.62
N ALA D 69 -27.55 19.84 -20.43
CA ALA D 69 -27.44 18.39 -20.33
C ALA D 69 -27.61 17.96 -18.87
N SER D 70 -27.91 16.68 -18.70
CA SER D 70 -27.99 16.05 -17.38
C SER D 70 -26.89 14.99 -17.25
N MET D 71 -26.27 14.95 -16.09
CA MET D 71 -25.22 14.00 -15.75
C MET D 71 -25.76 13.09 -14.65
N GLU D 72 -26.10 11.85 -15.01
CA GLU D 72 -26.87 10.92 -14.18
C GLU D 72 -26.13 9.61 -13.98
N HIS D 73 -25.25 9.53 -12.98
CA HIS D 73 -24.79 8.24 -12.49
C HIS D 73 -25.08 7.99 -11.01
N HIS D 74 -25.05 9.02 -10.17
CA HIS D 74 -25.28 8.91 -8.73
C HIS D 74 -26.72 8.51 -8.38
N THR D 75 -26.88 7.93 -7.19
CA THR D 75 -28.14 7.41 -6.69
C THR D 75 -28.61 8.11 -5.43
N ASP D 76 -27.88 9.10 -4.94
CA ASP D 76 -28.23 9.86 -3.75
C ASP D 76 -27.71 11.28 -3.95
N TRP D 77 -27.98 12.15 -2.97
CA TRP D 77 -27.48 13.53 -2.99
C TRP D 77 -26.07 13.64 -3.55
N VAL D 78 -25.88 14.58 -4.46
CA VAL D 78 -24.54 14.96 -4.91
C VAL D 78 -24.12 16.12 -4.02
N ASN D 79 -23.15 15.89 -3.14
CA ASN D 79 -22.84 16.86 -2.10
C ASN D 79 -21.81 17.90 -2.51
N ASP D 80 -20.90 17.56 -3.41
CA ASP D 80 -19.92 18.53 -3.89
C ASP D 80 -19.46 18.15 -5.29
N ILE D 81 -19.01 19.15 -6.04
CA ILE D 81 -18.45 18.95 -7.37
C ILE D 81 -17.27 19.90 -7.55
N VAL D 82 -16.31 19.47 -8.37
CA VAL D 82 -15.12 20.25 -8.65
C VAL D 82 -14.84 20.15 -10.14
N LEU D 83 -14.76 21.29 -10.81
CA LEU D 83 -14.41 21.35 -12.23
C LEU D 83 -12.89 21.41 -12.32
N CYS D 84 -12.29 20.47 -13.05
CA CYS D 84 -10.85 20.41 -13.22
C CYS D 84 -10.46 20.54 -14.69
N CYS D 85 -9.15 20.74 -14.88
CA CYS D 85 -8.48 20.70 -16.17
C CYS D 85 -9.14 21.59 -17.21
N ASN D 86 -9.20 22.90 -16.91
CA ASN D 86 -9.79 23.89 -17.82
C ASN D 86 -11.23 23.54 -18.21
N GLY D 87 -11.94 22.86 -17.32
CA GLY D 87 -13.33 22.51 -17.56
C GLY D 87 -13.56 21.22 -18.31
N LYS D 88 -12.51 20.43 -18.54
CA LYS D 88 -12.69 19.16 -19.24
C LYS D 88 -13.24 18.08 -18.32
N THR D 89 -12.85 18.10 -17.06
CA THR D 89 -13.10 17.03 -16.10
C THR D 89 -13.90 17.54 -14.91
N LEU D 90 -15.00 16.85 -14.58
CA LEU D 90 -15.73 17.10 -13.34
C LEU D 90 -15.55 15.92 -12.40
N ILE D 91 -15.30 16.23 -11.13
CA ILE D 91 -15.28 15.24 -10.06
C ILE D 91 -16.42 15.55 -9.08
N SER D 92 -17.15 14.52 -8.67
CA SER D 92 -18.33 14.69 -7.83
C SER D 92 -18.23 13.80 -6.60
N ALA D 93 -18.87 14.25 -5.52
CA ALA D 93 -18.94 13.51 -4.26
C ALA D 93 -20.40 13.36 -3.87
N SER D 94 -20.77 12.17 -3.40
CA SER D 94 -22.18 11.84 -3.22
C SER D 94 -22.43 11.13 -1.89
N SER D 95 -23.67 11.28 -1.41
CA SER D 95 -24.18 10.49 -0.29
C SER D 95 -24.28 9.01 -0.61
N ASP D 96 -24.08 8.59 -1.85
CA ASP D 96 -24.06 7.16 -2.16
C ASP D 96 -22.70 6.53 -1.87
N THR D 97 -21.84 7.24 -1.15
CA THR D 97 -20.48 6.90 -0.71
C THR D 97 -19.46 6.89 -1.83
N THR D 98 -19.83 7.20 -3.07
CA THR D 98 -18.88 7.14 -4.17
C THR D 98 -18.35 8.52 -4.54
N VAL D 99 -17.22 8.53 -5.22
CA VAL D 99 -16.69 9.69 -5.93
C VAL D 99 -16.63 9.33 -7.41
N LYS D 100 -17.11 10.22 -8.26
CA LYS D 100 -17.17 9.92 -9.68
C LYS D 100 -16.39 10.94 -10.49
N VAL D 101 -15.88 10.46 -11.63
CA VAL D 101 -15.07 11.24 -12.54
C VAL D 101 -15.83 11.36 -13.85
N TRP D 102 -16.03 12.59 -14.30
CA TRP D 102 -16.87 12.83 -15.46
C TRP D 102 -16.08 13.53 -16.56
N ASN D 103 -16.41 13.19 -17.80
CA ASN D 103 -16.13 14.07 -18.95
C ASN D 103 -17.13 15.22 -18.90
N ALA D 104 -16.65 16.42 -18.54
CA ALA D 104 -17.56 17.54 -18.33
C ALA D 104 -18.04 18.15 -19.65
N HIS D 105 -17.33 17.94 -20.75
CA HIS D 105 -17.80 18.44 -22.04
C HIS D 105 -18.90 17.56 -22.60
N LYS D 106 -18.73 16.24 -22.53
CA LYS D 106 -19.68 15.34 -23.14
C LYS D 106 -20.76 14.89 -22.17
N GLY D 107 -20.51 14.97 -20.87
CA GLY D 107 -21.54 14.73 -19.89
C GLY D 107 -21.75 13.28 -19.49
N PHE D 108 -20.70 12.47 -19.47
CA PHE D 108 -20.83 11.08 -19.04
C PHE D 108 -19.80 10.76 -17.97
N CYS D 109 -20.10 9.70 -17.21
CA CYS D 109 -19.25 9.28 -16.10
C CYS D 109 -18.13 8.39 -16.61
N MET D 110 -16.89 8.75 -16.24
CA MET D 110 -15.71 8.02 -16.67
C MET D 110 -15.25 7.00 -15.65
N SER D 111 -15.31 7.34 -14.36
CA SER D 111 -14.99 6.34 -13.36
C SER D 111 -15.69 6.63 -12.04
N THR D 112 -15.64 5.64 -11.15
CA THR D 112 -16.29 5.70 -9.85
C THR D 112 -15.30 5.22 -8.81
N LEU D 113 -15.07 6.03 -7.80
CA LEU D 113 -14.19 5.72 -6.69
C LEU D 113 -14.99 5.29 -5.47
N ARG D 114 -14.66 4.14 -4.89
CA ARG D 114 -15.46 3.52 -3.85
C ARG D 114 -14.68 3.43 -2.54
N THR D 115 -13.70 4.31 -2.34
CA THR D 115 -12.85 4.19 -1.16
C THR D 115 -13.57 4.67 0.10
N HIS D 116 -14.52 5.57 -0.03
CA HIS D 116 -15.22 5.99 1.17
C HIS D 116 -16.25 4.94 1.55
N LYS D 117 -16.61 4.96 2.83
CA LYS D 117 -17.47 3.96 3.43
C LYS D 117 -18.76 4.59 3.93
N ASP D 118 -18.92 5.89 3.74
CA ASP D 118 -20.07 6.64 4.21
C ASP D 118 -20.19 7.84 3.27
N TYR D 119 -21.16 8.72 3.56
CA TYR D 119 -21.42 9.88 2.71
C TYR D 119 -20.15 10.67 2.47
N VAL D 120 -19.82 10.92 1.20
CA VAL D 120 -18.71 11.80 0.87
C VAL D 120 -19.28 13.22 0.83
N LYS D 121 -18.67 14.12 1.57
CA LYS D 121 -19.34 15.38 1.88
C LYS D 121 -18.69 16.59 1.22
N ALA D 122 -17.39 16.56 0.95
CA ALA D 122 -16.65 17.75 0.52
C ALA D 122 -15.53 17.36 -0.42
N LEU D 123 -15.27 18.21 -1.41
CA LEU D 123 -14.11 18.10 -2.31
C LEU D 123 -13.25 19.36 -2.28
N ALA D 124 -11.94 19.18 -2.48
CA ALA D 124 -10.97 20.27 -2.51
C ALA D 124 -10.12 20.14 -3.78
N TYR D 125 -9.60 21.26 -4.29
CA TYR D 125 -8.95 21.29 -5.60
C TYR D 125 -7.73 22.20 -5.61
N ALA D 126 -6.59 21.68 -6.11
CA ALA D 126 -5.37 22.48 -6.28
C ALA D 126 -5.09 22.63 -7.78
N LYS D 127 -5.54 23.77 -8.33
CA LYS D 127 -5.44 24.04 -9.76
C LYS D 127 -4.04 23.80 -10.32
N ASP D 128 -3.00 24.20 -9.59
CA ASP D 128 -1.65 24.14 -10.12
C ASP D 128 -1.07 22.73 -10.10
N LYS D 129 -1.63 21.82 -9.32
CA LYS D 129 -1.11 20.45 -9.27
C LYS D 129 -2.06 19.43 -9.88
N GLU D 130 -3.20 19.87 -10.42
CA GLU D 130 -4.35 19.03 -10.72
C GLU D 130 -4.51 17.91 -9.70
N LEU D 131 -4.74 18.31 -8.45
CA LEU D 131 -4.90 17.39 -7.34
C LEU D 131 -6.27 17.67 -6.73
N VAL D 132 -7.02 16.61 -6.41
CA VAL D 132 -8.29 16.80 -5.71
C VAL D 132 -8.30 15.88 -4.50
N ALA D 133 -9.18 16.21 -3.54
CA ALA D 133 -9.28 15.46 -2.30
C ALA D 133 -10.77 15.26 -2.01
N SER D 134 -11.07 14.12 -1.39
CA SER D 134 -12.42 13.79 -0.99
C SER D 134 -12.44 13.48 0.50
N ALA D 135 -13.49 13.93 1.17
CA ALA D 135 -13.68 13.68 2.60
C ALA D 135 -15.17 13.46 2.84
N GLY D 136 -15.48 12.66 3.85
CA GLY D 136 -16.87 12.49 4.24
C GLY D 136 -17.05 12.08 5.68
N LEU D 137 -18.24 11.53 5.96
CA LEU D 137 -18.63 11.12 7.30
C LEU D 137 -17.84 9.94 7.84
N ASP D 138 -16.97 9.33 7.04
CA ASP D 138 -16.18 8.19 7.49
C ASP D 138 -14.85 8.63 8.09
N ARG D 139 -14.63 9.94 8.22
CA ARG D 139 -13.44 10.58 8.79
C ARG D 139 -12.19 10.38 7.97
N GLN D 140 -12.32 9.96 6.72
CA GLN D 140 -11.19 9.79 5.81
C GLN D 140 -11.09 10.96 4.85
N ILE D 141 -9.85 11.32 4.51
CA ILE D 141 -9.56 12.26 3.43
C ILE D 141 -8.63 11.55 2.47
N PHE D 142 -9.05 11.43 1.21
CA PHE D 142 -8.25 10.78 0.18
C PHE D 142 -7.79 11.80 -0.85
N LEU D 143 -6.54 11.67 -1.30
CA LEU D 143 -5.99 12.53 -2.33
C LEU D 143 -5.94 11.78 -3.66
N TRP D 144 -6.26 12.49 -4.75
CA TRP D 144 -6.35 11.89 -6.07
C TRP D 144 -5.66 12.80 -7.06
N ASP D 145 -4.71 12.25 -7.83
CA ASP D 145 -4.16 12.97 -8.96
C ASP D 145 -5.15 12.91 -10.12
N VAL D 146 -5.67 14.08 -10.51
CA VAL D 146 -6.73 14.15 -11.52
C VAL D 146 -6.27 13.54 -12.83
N ASN D 147 -5.03 13.84 -13.24
CA ASN D 147 -4.49 13.32 -14.49
C ASN D 147 -4.43 11.80 -14.49
N THR D 148 -4.21 11.20 -13.31
CA THR D 148 -4.30 9.74 -13.20
C THR D 148 -5.73 9.27 -13.39
N LEU D 149 -6.73 10.03 -12.93
CA LEU D 149 -8.09 9.54 -13.04
C LEU D 149 -8.59 9.58 -14.48
N THR D 150 -8.17 10.59 -15.25
CA THR D 150 -8.62 10.77 -16.63
C THR D 150 -7.83 9.92 -17.61
N ALA D 151 -6.78 9.28 -17.11
CA ALA D 151 -5.85 8.31 -17.69
C ALA D 151 -6.19 6.84 -17.54
N LEU D 152 -7.28 6.44 -16.89
CA LEU D 152 -7.36 4.99 -16.85
C LEU D 152 -7.71 4.37 -18.21
N THR D 153 -7.44 3.06 -18.25
CA THR D 153 -7.65 2.14 -19.35
C THR D 153 -7.76 0.73 -18.78
N ALA D 154 -8.07 -0.23 -19.65
CA ALA D 154 -8.14 -1.62 -19.24
C ALA D 154 -6.80 -2.10 -18.68
N SER D 155 -5.69 -1.55 -19.19
CA SER D 155 -4.33 -1.87 -18.74
C SER D 155 -3.98 -1.13 -17.44
N ASN D 156 -4.33 0.16 -17.34
CA ASN D 156 -4.07 0.93 -16.13
C ASN D 156 -5.46 1.23 -15.60
N ASN D 157 -5.87 0.40 -14.66
CA ASN D 157 -7.19 0.44 -14.04
C ASN D 157 -7.18 0.80 -12.57
N THR D 158 -6.09 0.53 -11.86
CA THR D 158 -6.02 0.80 -10.43
C THR D 158 -5.47 2.21 -10.20
N VAL D 159 -6.30 3.10 -9.68
CA VAL D 159 -5.79 4.37 -9.22
C VAL D 159 -5.02 4.12 -7.91
N THR D 160 -4.16 5.06 -7.51
CA THR D 160 -3.66 4.89 -6.16
C THR D 160 -3.94 6.13 -5.33
N THR D 161 -4.06 5.93 -4.03
CA THR D 161 -4.63 6.94 -3.15
C THR D 161 -3.60 7.28 -2.10
N SER D 162 -3.74 8.46 -1.52
CA SER D 162 -2.96 8.89 -0.37
C SER D 162 -3.94 9.57 0.55
N SER D 163 -3.85 9.29 1.85
CA SER D 163 -4.95 9.57 2.75
C SER D 163 -4.42 10.19 4.01
N LEU D 164 -5.25 11.01 4.63
CA LEU D 164 -4.90 11.66 5.88
C LEU D 164 -5.67 11.06 7.05
N SER D 165 -4.94 10.91 8.15
CA SER D 165 -5.42 10.34 9.40
C SER D 165 -5.49 11.42 10.47
N GLY D 166 -6.48 11.32 11.34
CA GLY D 166 -6.50 12.17 12.51
C GLY D 166 -7.88 12.66 12.92
N ASN D 167 -8.80 12.75 11.96
CA ASN D 167 -10.13 13.26 12.28
C ASN D 167 -10.83 12.28 13.22
N LYS D 168 -11.42 12.82 14.28
CA LYS D 168 -12.07 12.04 15.30
C LYS D 168 -13.59 12.02 15.13
N ASP D 169 -14.12 12.84 14.22
CA ASP D 169 -15.54 12.86 13.95
C ASP D 169 -15.76 13.13 12.47
N SER D 170 -17.02 13.06 12.06
CA SER D 170 -17.40 13.13 10.65
C SER D 170 -16.98 14.47 10.03
N ILE D 171 -16.40 14.40 8.84
CA ILE D 171 -15.88 15.58 8.16
C ILE D 171 -16.96 16.18 7.27
N TYR D 172 -17.14 17.49 7.38
CA TYR D 172 -18.19 18.20 6.65
C TYR D 172 -17.68 19.20 5.64
N SER D 173 -16.41 19.60 5.71
CA SER D 173 -15.88 20.57 4.77
C SER D 173 -14.38 20.33 4.61
N LEU D 174 -13.82 20.93 3.56
CA LEU D 174 -12.47 20.62 3.13
C LEU D 174 -11.99 21.68 2.14
N ALA D 175 -10.74 22.10 2.25
CA ALA D 175 -10.22 23.08 1.31
C ALA D 175 -8.73 22.86 1.10
N MET D 176 -8.28 23.09 -0.13
CA MET D 176 -6.87 23.13 -0.49
C MET D 176 -6.58 24.47 -1.16
N ASN D 177 -5.31 24.88 -1.12
CA ASN D 177 -4.91 26.11 -1.79
C ASN D 177 -4.52 25.80 -3.23
N GLN D 178 -4.36 26.87 -4.03
CA GLN D 178 -4.11 26.69 -5.46
C GLN D 178 -2.80 25.96 -5.72
N LEU D 179 -1.83 26.13 -4.84
CA LEU D 179 -0.51 25.55 -5.01
C LEU D 179 -0.45 24.10 -4.58
N GLY D 180 -1.47 23.60 -3.87
CA GLY D 180 -1.43 22.26 -3.36
C GLY D 180 -0.46 22.07 -2.21
N THR D 181 -0.28 23.09 -1.37
CA THR D 181 0.66 22.97 -0.26
C THR D 181 0.00 22.89 1.10
N ILE D 182 -1.25 23.31 1.25
CA ILE D 182 -1.98 23.25 2.51
C ILE D 182 -3.35 22.65 2.24
N ILE D 183 -3.80 21.75 3.11
CA ILE D 183 -5.17 21.24 3.08
C ILE D 183 -5.73 21.30 4.50
N VAL D 184 -7.01 21.65 4.62
CA VAL D 184 -7.68 21.78 5.92
C VAL D 184 -9.05 21.11 5.86
N SER D 185 -9.44 20.48 6.97
CA SER D 185 -10.73 19.83 7.11
C SER D 185 -11.56 20.50 8.19
N GLY D 186 -12.87 20.52 7.97
CA GLY D 186 -13.82 20.99 8.97
C GLY D 186 -14.73 19.84 9.35
N SER D 187 -15.13 19.80 10.62
CA SER D 187 -15.87 18.64 11.10
C SER D 187 -16.57 18.96 12.41
N THR D 188 -17.30 17.97 12.93
CA THR D 188 -18.04 18.04 14.18
C THR D 188 -17.13 17.94 15.39
N GLU D 189 -15.84 17.76 15.18
CA GLU D 189 -14.87 17.85 16.26
C GLU D 189 -14.65 19.28 16.70
N LYS D 190 -15.14 20.26 15.92
CA LYS D 190 -15.10 21.70 16.16
C LYS D 190 -13.73 22.30 15.96
N VAL D 191 -12.71 21.49 15.71
CA VAL D 191 -11.36 21.93 15.43
C VAL D 191 -11.01 21.70 13.96
N LEU D 192 -10.36 22.69 13.36
CA LEU D 192 -9.80 22.55 12.01
C LEU D 192 -8.48 21.79 12.06
N ARG D 193 -8.34 20.79 11.18
CA ARG D 193 -7.13 19.99 11.07
C ARG D 193 -6.45 20.25 9.73
N VAL D 194 -5.12 20.33 9.76
CA VAL D 194 -4.31 20.81 8.64
C VAL D 194 -3.18 19.83 8.33
N TRP D 195 -2.97 19.58 7.02
CA TRP D 195 -1.90 18.70 6.56
C TRP D 195 -1.18 19.37 5.39
N ASP D 196 0.03 18.86 5.11
CA ASP D 196 0.76 19.14 3.89
C ASP D 196 0.43 18.09 2.84
N PRO D 197 -0.28 18.43 1.76
CA PRO D 197 -0.67 17.40 0.79
C PRO D 197 0.50 16.73 0.09
N ARG D 198 1.69 17.35 0.10
CA ARG D 198 2.86 16.73 -0.51
C ARG D 198 3.37 15.56 0.31
N THR D 199 3.35 15.69 1.63
CA THR D 199 3.96 14.70 2.52
C THR D 199 2.95 13.93 3.35
N CYS D 200 1.69 14.37 3.41
CA CYS D 200 0.63 13.87 4.29
C CYS D 200 0.92 14.14 5.75
N ALA D 201 1.92 14.96 6.05
CA ALA D 201 2.30 15.26 7.43
C ALA D 201 1.29 16.17 8.11
N LYS D 202 0.92 15.81 9.34
CA LYS D 202 0.12 16.68 10.19
C LYS D 202 0.89 17.97 10.45
N LEU D 203 0.20 19.10 10.35
CA LEU D 203 0.86 20.40 10.50
C LEU D 203 0.44 21.16 11.74
N MET D 204 -0.85 21.16 12.08
CA MET D 204 -1.35 21.93 13.21
C MET D 204 -2.81 21.58 13.44
N LYS D 205 -3.29 21.89 14.63
CA LYS D 205 -4.69 21.75 14.99
C LYS D 205 -5.16 23.14 15.38
N LEU D 206 -6.21 23.64 14.72
CA LEU D 206 -6.69 25.02 14.93
C LEU D 206 -7.98 25.03 15.74
N LYS D 207 -7.88 25.42 17.01
CA LYS D 207 -9.01 25.38 17.93
C LYS D 207 -9.65 26.77 18.02
N GLY D 208 -10.92 26.77 18.39
CA GLY D 208 -11.67 28.01 18.49
C GLY D 208 -13.18 27.93 18.31
N HIS D 209 -13.61 27.24 17.25
CA HIS D 209 -15.03 27.08 16.97
C HIS D 209 -15.71 26.23 18.03
N THR D 210 -17.00 26.50 18.23
CA THR D 210 -17.80 25.78 19.22
C THR D 210 -18.91 24.97 18.59
N ASP D 211 -18.89 24.79 17.27
CA ASP D 211 -19.85 23.91 16.60
C ASP D 211 -19.21 23.42 15.30
N ASN D 212 -20.00 22.67 14.52
CA ASN D 212 -19.57 22.12 13.24
C ASN D 212 -19.02 23.22 12.33
N VAL D 213 -18.06 22.84 11.48
CA VAL D 213 -17.50 23.77 10.48
C VAL D 213 -17.86 23.22 9.11
N LYS D 214 -18.79 23.90 8.44
CA LYS D 214 -19.31 23.49 7.14
C LYS D 214 -18.73 24.28 5.96
N ALA D 215 -17.91 25.29 6.20
CA ALA D 215 -17.35 26.14 5.14
C ALA D 215 -15.89 26.48 5.40
N LEU D 216 -15.05 26.36 4.37
CA LEU D 216 -13.62 26.65 4.51
C LEU D 216 -13.09 27.31 3.24
N LEU D 217 -12.11 28.18 3.41
CA LEU D 217 -11.48 28.86 2.27
C LEU D 217 -10.01 29.17 2.53
N LEU D 218 -9.19 29.05 1.49
CA LEU D 218 -7.76 29.36 1.55
C LEU D 218 -7.38 30.37 0.49
N ASN D 219 -6.47 31.29 0.83
CA ASN D 219 -5.92 32.23 -0.14
C ASN D 219 -4.91 31.51 -1.02
N ARG D 220 -4.46 32.19 -2.10
CA ARG D 220 -3.60 31.54 -3.09
C ARG D 220 -2.40 30.87 -2.43
N ASP D 221 -1.68 31.60 -1.58
CA ASP D 221 -0.44 31.05 -1.04
C ASP D 221 -0.65 30.22 0.21
N GLY D 222 -1.90 29.98 0.62
CA GLY D 222 -2.15 29.07 1.72
C GLY D 222 -1.60 29.58 3.03
N THR D 223 -1.58 30.89 3.23
CA THR D 223 -1.14 31.46 4.50
C THR D 223 -2.30 31.83 5.40
N GLN D 224 -3.48 32.04 4.86
CA GLN D 224 -4.63 32.35 5.68
C GLN D 224 -5.81 31.47 5.32
N CYS D 225 -6.65 31.21 6.31
CA CYS D 225 -7.84 30.39 6.14
C CYS D 225 -9.05 31.12 6.72
N LEU D 226 -10.20 30.99 6.05
CA LEU D 226 -11.50 31.41 6.57
C LEU D 226 -12.33 30.17 6.82
N SER D 227 -13.05 30.15 7.95
CA SER D 227 -13.96 29.06 8.25
C SER D 227 -15.31 29.62 8.67
N GLY D 228 -16.36 28.96 8.21
CA GLY D 228 -17.73 29.27 8.59
C GLY D 228 -18.31 28.11 9.37
N SER D 229 -18.97 28.40 10.48
CA SER D 229 -19.32 27.38 11.45
C SER D 229 -20.80 27.46 11.81
N SER D 230 -21.35 26.31 12.22
CA SER D 230 -22.73 26.26 12.71
C SER D 230 -22.93 27.08 13.98
N ASP D 231 -21.86 27.53 14.63
CA ASP D 231 -21.99 28.39 15.80
C ASP D 231 -22.30 29.82 15.44
N GLY D 232 -22.35 30.13 14.14
CA GLY D 232 -22.75 31.45 13.70
C GLY D 232 -21.60 32.39 13.46
N THR D 233 -20.35 31.95 13.66
CA THR D 233 -19.21 32.81 13.45
C THR D 233 -18.37 32.40 12.25
N ILE D 234 -17.63 33.39 11.74
CA ILE D 234 -16.58 33.23 10.74
C ILE D 234 -15.25 33.55 11.43
N ARG D 235 -14.30 32.64 11.35
CA ARG D 235 -12.98 32.93 11.91
C ARG D 235 -11.93 32.95 10.80
N LEU D 236 -11.06 33.96 10.88
CA LEU D 236 -9.87 34.06 10.04
C LEU D 236 -8.68 33.52 10.82
N TRP D 237 -7.82 32.76 10.14
CA TRP D 237 -6.69 32.14 10.81
C TRP D 237 -5.37 32.49 10.11
N SER D 238 -4.32 32.72 10.90
CA SER D 238 -2.96 32.77 10.37
C SER D 238 -2.34 31.40 10.54
N LEU D 239 -1.88 30.81 9.43
CA LEU D 239 -1.22 29.51 9.52
C LEU D 239 0.24 29.61 9.93
N GLY D 240 0.90 30.72 9.60
CA GLY D 240 2.23 31.00 10.13
C GLY D 240 2.28 31.04 11.64
N GLN D 241 1.30 31.68 12.25
CA GLN D 241 1.26 31.81 13.70
C GLN D 241 0.44 30.72 14.38
N GLN D 242 -0.32 29.95 13.61
CA GLN D 242 -1.19 28.88 14.09
C GLN D 242 -2.26 29.35 15.09
N ARG D 243 -2.94 30.45 14.76
CA ARG D 243 -3.78 31.13 15.73
C ARG D 243 -4.92 31.82 15.00
N CYS D 244 -6.08 31.87 15.67
CA CYS D 244 -7.19 32.65 15.15
C CYS D 244 -6.90 34.14 15.38
N ILE D 245 -6.97 34.92 14.31
CA ILE D 245 -6.63 36.34 14.39
C ILE D 245 -7.82 37.24 14.23
N ALA D 246 -9.01 36.70 13.97
CA ALA D 246 -10.23 37.50 13.96
C ALA D 246 -11.44 36.56 14.00
N THR D 247 -12.47 36.97 14.73
CA THR D 247 -13.73 36.24 14.78
C THR D 247 -14.83 37.20 14.37
N TYR D 248 -15.71 36.74 13.48
CA TYR D 248 -16.79 37.55 12.96
C TYR D 248 -18.11 36.88 13.30
N ARG D 249 -19.03 37.64 13.91
CA ARG D 249 -20.34 37.13 14.29
C ARG D 249 -21.39 37.95 13.56
N VAL D 250 -21.59 37.65 12.27
CA VAL D 250 -22.50 38.42 11.44
C VAL D 250 -23.78 37.66 11.11
N HIS D 251 -23.93 36.44 11.59
CA HIS D 251 -25.14 35.66 11.33
C HIS D 251 -25.87 35.32 12.62
N ASP D 252 -27.16 35.00 12.48
CA ASP D 252 -28.00 34.67 13.62
C ASP D 252 -28.06 33.18 13.89
N GLU D 253 -27.88 32.37 12.85
CA GLU D 253 -27.85 30.91 12.97
C GLU D 253 -26.64 30.39 12.21
N GLY D 254 -26.55 29.07 12.01
CA GLY D 254 -25.38 28.47 11.40
C GLY D 254 -24.92 29.05 10.06
N VAL D 255 -23.61 29.23 9.90
CA VAL D 255 -23.04 29.69 8.65
C VAL D 255 -22.64 28.46 7.83
N TRP D 256 -23.15 28.38 6.61
CA TRP D 256 -23.05 27.17 5.81
C TRP D 256 -22.25 27.34 4.54
N ALA D 257 -22.07 28.57 4.07
CA ALA D 257 -21.41 28.84 2.80
C ALA D 257 -20.55 30.09 2.90
N LEU D 258 -19.35 30.03 2.32
CA LEU D 258 -18.47 31.18 2.24
C LEU D 258 -17.90 31.35 0.85
N GLN D 259 -17.67 32.60 0.48
CA GLN D 259 -16.93 32.96 -0.71
C GLN D 259 -16.06 34.16 -0.36
N VAL D 260 -15.00 34.36 -1.13
CA VAL D 260 -14.07 35.46 -0.88
C VAL D 260 -13.57 35.98 -2.23
N ASN D 261 -13.36 37.29 -2.31
CA ASN D 261 -12.83 37.89 -3.52
C ASN D 261 -11.37 37.51 -3.71
N ASP D 262 -10.88 37.78 -4.92
CA ASP D 262 -9.51 37.41 -5.30
C ASP D 262 -8.47 37.95 -4.33
N ALA D 263 -8.70 39.15 -3.80
CA ALA D 263 -7.70 39.80 -2.96
C ALA D 263 -7.78 39.35 -1.50
N PHE D 264 -8.66 38.41 -1.19
CA PHE D 264 -8.87 37.89 0.17
C PHE D 264 -9.15 39.00 1.18
N THR D 265 -10.04 39.91 0.83
CA THR D 265 -10.35 41.03 1.70
C THR D 265 -11.83 41.22 1.97
N HIS D 266 -12.72 40.72 1.13
CA HIS D 266 -14.15 40.73 1.41
C HIS D 266 -14.65 39.30 1.39
N VAL D 267 -15.41 38.90 2.42
CA VAL D 267 -15.95 37.55 2.49
C VAL D 267 -17.47 37.61 2.36
N TYR D 268 -18.02 36.68 1.59
CA TYR D 268 -19.44 36.53 1.34
C TYR D 268 -19.92 35.29 2.09
N SER D 269 -20.92 35.46 2.95
CA SER D 269 -21.36 34.37 3.82
C SER D 269 -22.87 34.15 3.72
N GLY D 270 -23.27 32.90 3.94
CA GLY D 270 -24.67 32.51 3.97
C GLY D 270 -24.84 31.24 4.75
N GLY D 271 -26.07 30.98 5.16
CA GLY D 271 -26.37 29.83 6.00
C GLY D 271 -27.85 29.61 6.23
N ARG D 272 -28.17 29.25 7.47
CA ARG D 272 -29.52 28.83 7.86
C ARG D 272 -30.49 29.98 7.96
N ASP D 273 -30.01 31.18 8.24
CA ASP D 273 -30.91 32.31 8.42
C ASP D 273 -31.32 32.96 7.12
N ARG D 274 -30.78 32.48 6.00
CA ARG D 274 -31.12 32.76 4.61
C ARG D 274 -30.56 34.09 4.15
N LYS D 275 -30.04 34.91 5.06
CA LYS D 275 -29.49 36.20 4.71
C LYS D 275 -28.06 36.01 4.25
N ILE D 276 -27.70 36.70 3.17
CA ILE D 276 -26.33 36.65 2.65
C ILE D 276 -25.68 38.01 2.87
N TYR D 277 -24.52 38.02 3.52
CA TYR D 277 -23.80 39.23 3.84
C TYR D 277 -22.44 39.24 3.14
N CYS D 278 -22.00 40.43 2.75
CA CYS D 278 -20.62 40.70 2.39
C CYS D 278 -19.97 41.54 3.49
N THR D 279 -18.92 41.02 4.11
CA THR D 279 -18.27 41.69 5.23
C THR D 279 -16.82 41.96 4.86
N ASP D 280 -16.40 43.21 5.04
CA ASP D 280 -15.01 43.63 4.88
C ASP D 280 -14.13 43.11 6.01
N LEU D 281 -13.03 42.46 5.65
CA LEU D 281 -12.15 41.85 6.64
C LEU D 281 -11.35 42.90 7.38
N ARG D 282 -11.16 44.08 6.79
CA ARG D 282 -10.42 45.16 7.42
C ARG D 282 -11.30 45.95 8.39
N ASN D 283 -12.62 45.97 8.19
CA ASN D 283 -13.53 46.52 9.20
C ASN D 283 -14.63 45.46 9.35
N PRO D 284 -14.50 44.57 10.33
CA PRO D 284 -15.55 43.56 10.58
C PRO D 284 -16.98 44.00 10.90
N ASP D 285 -17.16 45.04 11.73
CA ASP D 285 -18.50 45.42 12.17
C ASP D 285 -19.37 46.04 11.09
N ILE D 286 -18.78 46.41 9.97
CA ILE D 286 -19.45 46.86 8.75
C ILE D 286 -19.79 45.68 7.84
N ARG D 287 -21.03 45.20 7.96
CA ARG D 287 -21.52 44.11 7.13
C ARG D 287 -22.67 44.69 6.32
N VAL D 288 -22.78 44.20 5.08
CA VAL D 288 -23.87 44.54 4.17
C VAL D 288 -24.61 43.30 3.72
N LEU D 289 -25.91 43.30 4.00
CA LEU D 289 -26.91 42.36 3.51
C LEU D 289 -27.13 42.49 2.01
N ILE D 290 -26.71 41.49 1.25
CA ILE D 290 -26.89 41.51 -0.20
C ILE D 290 -28.34 41.19 -0.55
N CYS D 291 -28.90 40.17 0.09
CA CYS D 291 -30.26 39.72 -0.15
C CYS D 291 -30.63 38.75 0.96
N GLU D 292 -31.93 38.52 1.12
CA GLU D 292 -32.42 37.40 1.90
C GLU D 292 -33.05 36.40 0.94
N GLU D 293 -32.51 35.19 0.91
CA GLU D 293 -33.00 34.15 0.03
C GLU D 293 -34.27 33.53 0.63
N LYS D 294 -34.96 32.70 -0.16
CA LYS D 294 -36.22 32.10 0.24
C LYS D 294 -36.06 30.80 1.00
N ALA D 295 -34.85 30.27 1.09
CA ALA D 295 -34.60 28.99 1.74
C ALA D 295 -33.17 29.04 2.28
N PRO D 296 -32.82 28.17 3.23
CA PRO D 296 -31.45 28.18 3.76
C PRO D 296 -30.42 28.08 2.64
N VAL D 297 -29.32 28.81 2.79
CA VAL D 297 -28.29 28.88 1.76
C VAL D 297 -27.28 27.77 1.98
N LEU D 298 -27.09 26.93 0.95
CA LEU D 298 -26.21 25.78 1.06
C LEU D 298 -24.81 26.04 0.51
N LYS D 299 -24.69 26.88 -0.51
CA LYS D 299 -23.45 27.08 -1.25
C LYS D 299 -23.60 28.32 -2.13
N MET D 300 -22.49 29.05 -2.29
CA MET D 300 -22.45 30.21 -3.18
C MET D 300 -21.22 30.09 -4.07
N GLU D 301 -21.32 30.67 -5.27
CA GLU D 301 -20.21 30.69 -6.22
C GLU D 301 -20.12 32.08 -6.85
N LEU D 302 -19.07 32.82 -6.53
CA LEU D 302 -18.86 34.14 -7.13
C LEU D 302 -18.63 34.04 -8.65
N ASP D 303 -19.23 34.99 -9.37
CA ASP D 303 -18.89 35.30 -10.75
C ASP D 303 -17.63 36.18 -10.74
N ARG D 304 -16.51 35.66 -11.21
CA ARG D 304 -15.23 36.35 -11.12
C ARG D 304 -14.79 36.99 -12.45
N SER D 305 -15.73 37.28 -13.34
CA SER D 305 -15.46 37.87 -14.65
C SER D 305 -14.96 39.32 -14.57
N ALA D 306 -15.10 39.98 -13.43
CA ALA D 306 -14.55 41.31 -13.22
C ALA D 306 -14.10 41.46 -11.76
N ASP D 307 -13.08 42.33 -11.54
CA ASP D 307 -12.27 42.37 -10.32
C ASP D 307 -13.31 42.52 -9.21
N PRO D 308 -13.98 43.66 -8.98
CA PRO D 308 -15.08 43.64 -7.99
C PRO D 308 -16.15 42.69 -8.50
N PRO D 309 -16.33 41.50 -7.90
CA PRO D 309 -17.18 40.46 -8.55
C PRO D 309 -18.56 40.99 -8.89
N PRO D 310 -19.00 40.81 -10.14
CA PRO D 310 -20.30 41.37 -10.55
C PRO D 310 -21.52 40.65 -10.02
N ALA D 311 -21.41 39.39 -9.60
CA ALA D 311 -22.58 38.63 -9.19
C ALA D 311 -22.16 37.42 -8.39
N ILE D 312 -23.13 36.83 -7.69
CA ILE D 312 -22.93 35.62 -6.90
C ILE D 312 -24.08 34.66 -7.16
N TRP D 313 -23.74 33.42 -7.54
CA TRP D 313 -24.72 32.37 -7.72
C TRP D 313 -24.93 31.66 -6.39
N VAL D 314 -26.18 31.30 -6.09
CA VAL D 314 -26.56 30.83 -4.76
C VAL D 314 -27.44 29.59 -4.88
N ALA D 315 -27.05 28.53 -4.18
CA ALA D 315 -27.83 27.29 -4.13
C ALA D 315 -28.46 27.15 -2.76
N THR D 316 -29.74 26.77 -2.73
CA THR D 316 -30.44 26.54 -1.47
C THR D 316 -31.10 25.18 -1.42
N THR D 317 -31.92 24.97 -0.39
CA THR D 317 -32.69 23.73 -0.30
C THR D 317 -33.83 23.70 -1.31
N LYS D 318 -34.22 24.86 -1.83
CA LYS D 318 -35.16 24.91 -2.94
C LYS D 318 -34.49 24.46 -4.23
N SER D 319 -35.31 24.02 -5.19
CA SER D 319 -34.80 23.53 -6.47
C SER D 319 -34.38 24.66 -7.39
N THR D 320 -34.82 25.89 -7.15
CA THR D 320 -34.42 27.02 -7.97
C THR D 320 -33.02 27.50 -7.59
N VAL D 321 -32.31 28.06 -8.57
CA VAL D 321 -30.97 28.59 -8.38
C VAL D 321 -30.95 30.02 -8.90
N ASN D 322 -30.52 30.95 -8.05
CA ASN D 322 -30.59 32.38 -8.33
C ASN D 322 -29.20 32.99 -8.52
N LYS D 323 -29.09 33.90 -9.48
CA LYS D 323 -27.91 34.77 -9.60
C LYS D 323 -28.31 36.13 -9.07
N TRP D 324 -27.59 36.60 -8.05
CA TRP D 324 -27.79 37.93 -7.49
C TRP D 324 -26.70 38.87 -7.97
N THR D 325 -27.11 40.05 -8.44
CA THR D 325 -26.18 41.07 -8.90
C THR D 325 -25.59 41.83 -7.71
N LEU D 326 -24.33 42.23 -7.84
CA LEU D 326 -23.64 42.94 -6.78
C LEU D 326 -23.32 44.39 -7.09
N LYS D 327 -23.69 44.90 -8.27
CA LYS D 327 -23.35 46.27 -8.63
C LYS D 327 -24.11 47.22 -7.70
N GLY D 328 -23.42 47.73 -6.68
CA GLY D 328 -23.99 48.70 -5.77
C GLY D 328 -23.95 48.21 -4.34
N ASP D 341 -22.24 50.96 6.51
CA ASP D 341 -22.38 51.82 7.68
C ASP D 341 -23.18 51.11 8.79
N CYS D 342 -24.22 50.38 8.40
CA CYS D 342 -25.11 49.71 9.33
C CYS D 342 -24.55 48.34 9.72
N THR D 343 -24.70 47.97 10.99
CA THR D 343 -24.23 46.66 11.45
C THR D 343 -25.32 45.60 11.44
N ASN D 344 -26.59 45.99 11.40
CA ASN D 344 -27.71 45.05 11.37
C ASN D 344 -28.77 45.57 10.39
N PRO D 345 -28.45 45.60 9.10
CA PRO D 345 -29.36 46.24 8.14
C PRO D 345 -30.66 45.47 7.98
N ILE D 346 -31.76 46.22 7.88
CA ILE D 346 -33.07 45.62 7.62
C ILE D 346 -33.26 45.38 6.12
N THR D 347 -33.11 46.42 5.31
CA THR D 347 -33.43 46.34 3.89
C THR D 347 -32.26 45.75 3.12
N PRO D 348 -32.45 44.67 2.37
CA PRO D 348 -31.35 44.09 1.58
C PRO D 348 -30.96 44.96 0.40
N LEU D 349 -29.74 44.71 -0.07
CA LEU D 349 -29.23 45.35 -1.28
C LEU D 349 -30.09 45.00 -2.50
N CYS D 350 -30.49 43.73 -2.62
CA CYS D 350 -31.25 43.24 -3.75
C CYS D 350 -32.55 42.60 -3.27
N THR D 351 -33.60 42.78 -4.07
CA THR D 351 -34.91 42.18 -3.84
C THR D 351 -35.29 41.13 -4.88
N GLN D 352 -34.69 41.16 -6.07
CA GLN D 352 -34.97 40.12 -7.04
C GLN D 352 -33.72 39.65 -7.77
N PRO D 353 -33.62 38.35 -8.07
CA PRO D 353 -32.41 37.80 -8.66
C PRO D 353 -32.16 38.35 -10.06
N ASP D 354 -30.88 38.48 -10.41
CA ASP D 354 -30.53 38.99 -11.73
C ASP D 354 -30.85 37.94 -12.79
N GLN D 355 -30.81 36.67 -12.42
CA GLN D 355 -31.08 35.52 -13.27
C GLN D 355 -31.63 34.41 -12.40
N VAL D 356 -32.54 33.62 -12.96
CA VAL D 356 -33.24 32.59 -12.20
C VAL D 356 -33.28 31.33 -13.05
N ILE D 357 -32.55 30.30 -12.62
CA ILE D 357 -32.64 28.98 -13.25
C ILE D 357 -33.78 28.24 -12.57
N LYS D 358 -34.86 27.99 -13.30
CA LYS D 358 -36.07 27.50 -12.68
C LYS D 358 -35.88 26.06 -12.21
N GLY D 359 -36.62 25.69 -11.16
CA GLY D 359 -36.57 24.36 -10.61
C GLY D 359 -37.96 23.74 -10.65
N GLY D 360 -38.01 22.43 -10.39
CA GLY D 360 -39.27 21.73 -10.34
C GLY D 360 -39.63 21.38 -8.90
N ALA D 361 -40.74 20.67 -8.76
CA ALA D 361 -41.23 20.39 -7.43
C ALA D 361 -40.63 19.09 -6.92
N SER D 362 -40.48 19.01 -5.60
CA SER D 362 -40.08 17.78 -4.95
C SER D 362 -41.32 17.13 -4.37
N ILE D 363 -41.40 15.81 -4.47
CA ILE D 363 -42.48 15.09 -3.80
C ILE D 363 -42.08 14.98 -2.33
N ILE D 364 -42.90 15.55 -1.45
CA ILE D 364 -42.56 15.59 -0.03
C ILE D 364 -43.56 14.82 0.82
N GLN D 365 -44.61 14.28 0.23
CA GLN D 365 -45.53 13.45 0.98
C GLN D 365 -46.05 12.35 0.08
N CYS D 366 -46.26 11.17 0.65
CA CYS D 366 -46.64 10.00 -0.15
C CYS D 366 -47.57 9.17 0.70
N HIS D 367 -48.72 8.79 0.15
CA HIS D 367 -49.63 7.89 0.85
C HIS D 367 -49.93 6.71 -0.06
N ILE D 368 -49.66 5.50 0.43
CA ILE D 368 -50.01 4.28 -0.30
C ILE D 368 -51.46 3.92 0.00
N LEU D 369 -52.23 3.72 -1.08
CA LEU D 369 -53.66 3.41 -1.01
C LEU D 369 -53.88 1.94 -0.68
N ASN D 370 -55.13 1.62 -0.31
CA ASN D 370 -55.43 0.30 0.23
C ASN D 370 -55.29 -0.82 -0.79
N ASP D 371 -55.25 -0.52 -2.09
CA ASP D 371 -55.06 -1.58 -3.08
C ASP D 371 -53.60 -1.99 -3.17
N LYS D 372 -52.74 -1.25 -2.46
CA LYS D 372 -51.28 -1.40 -2.45
C LYS D 372 -50.72 -1.39 -3.88
N ARG D 373 -51.35 -0.63 -4.76
CA ARG D 373 -51.01 -0.58 -6.18
C ARG D 373 -50.82 0.88 -6.58
N HIS D 374 -51.59 1.78 -5.98
CA HIS D 374 -51.64 3.18 -6.38
C HIS D 374 -51.17 4.07 -5.24
N ILE D 375 -50.63 5.23 -5.61
CA ILE D 375 -50.06 6.19 -4.66
C ILE D 375 -50.60 7.59 -4.94
N LEU D 376 -50.92 8.30 -3.86
CA LEU D 376 -51.19 9.74 -3.90
C LEU D 376 -49.96 10.47 -3.37
N THR D 377 -49.56 11.54 -4.06
CA THR D 377 -48.45 12.36 -3.63
C THR D 377 -48.84 13.82 -3.48
N LYS D 378 -47.98 14.56 -2.78
CA LYS D 378 -48.06 16.02 -2.63
C LYS D 378 -46.67 16.59 -2.81
N ASP D 379 -46.52 17.55 -3.71
CA ASP D 379 -45.21 18.14 -3.94
C ASP D 379 -45.12 19.52 -3.28
N THR D 380 -43.98 20.17 -3.47
CA THR D 380 -43.72 21.44 -2.81
C THR D 380 -44.53 22.58 -3.38
N ASN D 381 -45.30 22.33 -4.44
CA ASN D 381 -46.25 23.30 -4.96
C ASN D 381 -47.67 23.01 -4.49
N ASN D 382 -47.84 22.09 -3.54
CA ASN D 382 -49.14 21.63 -3.07
C ASN D 382 -49.93 20.93 -4.18
N ASN D 383 -49.25 20.47 -5.23
CA ASN D 383 -49.88 19.71 -6.29
C ASN D 383 -50.00 18.25 -5.90
N VAL D 384 -51.15 17.66 -6.19
CA VAL D 384 -51.45 16.28 -5.85
C VAL D 384 -51.49 15.47 -7.14
N ALA D 385 -50.94 14.27 -7.10
CA ALA D 385 -50.96 13.41 -8.28
C ALA D 385 -51.20 11.97 -7.86
N TYR D 386 -51.66 11.19 -8.84
CA TYR D 386 -52.07 9.80 -8.65
C TYR D 386 -51.19 8.91 -9.52
N TRP D 387 -50.57 7.91 -8.91
CA TRP D 387 -49.56 7.11 -9.61
C TRP D 387 -49.90 5.63 -9.55
N ASP D 388 -49.45 4.91 -10.58
CA ASP D 388 -49.60 3.45 -10.68
C ASP D 388 -48.23 2.84 -10.42
N VAL D 389 -48.06 2.22 -9.26
CA VAL D 389 -46.77 1.66 -8.88
C VAL D 389 -46.46 0.43 -9.70
N LEU D 390 -47.46 -0.42 -9.94
CA LEU D 390 -47.25 -1.65 -10.71
C LEU D 390 -46.78 -1.32 -12.13
N LYS D 391 -47.36 -0.32 -12.77
CA LYS D 391 -46.96 0.05 -14.12
C LYS D 391 -45.91 1.14 -14.15
N ALA D 392 -45.46 1.60 -12.98
CA ALA D 392 -44.38 2.59 -12.85
C ALA D 392 -44.65 3.86 -13.66
N CYS D 393 -45.83 4.44 -13.49
CA CYS D 393 -46.16 5.64 -14.24
C CYS D 393 -47.18 6.49 -13.50
N LYS D 394 -47.22 7.76 -13.87
CA LYS D 394 -48.24 8.68 -13.37
C LYS D 394 -49.58 8.36 -14.03
N VAL D 395 -50.67 8.52 -13.29
CA VAL D 395 -51.99 8.33 -13.84
C VAL D 395 -52.66 9.66 -14.15
N GLU D 396 -52.65 10.60 -13.20
CA GLU D 396 -53.19 11.92 -13.45
C GLU D 396 -52.73 12.91 -12.39
N ASP D 397 -52.57 14.17 -12.81
CA ASP D 397 -52.33 15.29 -11.90
C ASP D 397 -53.68 15.82 -11.44
N LEU D 398 -53.87 15.87 -10.13
CA LEU D 398 -55.14 16.25 -9.53
C LEU D 398 -55.18 17.74 -9.18
N GLY D 399 -54.10 18.46 -9.41
CA GLY D 399 -53.99 19.85 -9.04
C GLY D 399 -53.87 20.08 -7.55
N LYS D 400 -54.30 21.26 -7.12
CA LYS D 400 -54.17 21.68 -5.72
C LYS D 400 -55.41 21.31 -4.90
N VAL D 401 -55.76 20.03 -4.93
CA VAL D 401 -56.84 19.51 -4.09
C VAL D 401 -56.32 19.26 -2.69
N ASP D 402 -57.23 19.00 -1.75
CA ASP D 402 -56.85 18.71 -0.38
C ASP D 402 -56.35 17.27 -0.26
N PHE D 403 -55.12 17.12 0.26
CA PHE D 403 -54.44 15.84 0.26
C PHE D 403 -55.18 14.80 1.10
N GLU D 404 -55.49 15.14 2.35
CA GLU D 404 -56.15 14.17 3.22
C GLU D 404 -57.54 13.82 2.73
N ASP D 405 -58.28 14.80 2.19
CA ASP D 405 -59.59 14.48 1.65
C ASP D 405 -59.48 13.61 0.41
N GLU D 406 -58.47 13.85 -0.43
CA GLU D 406 -58.36 13.02 -1.63
C GLU D 406 -57.96 11.59 -1.28
N ILE D 407 -57.24 11.40 -0.17
CA ILE D 407 -56.96 10.07 0.34
C ILE D 407 -58.25 9.41 0.81
N LYS D 408 -59.01 10.14 1.62
CA LYS D 408 -60.25 9.64 2.19
C LYS D 408 -61.27 9.35 1.09
N LYS D 409 -61.34 10.23 0.09
CA LYS D 409 -62.23 10.03 -1.05
C LYS D 409 -61.90 8.74 -1.82
N ARG D 410 -60.64 8.31 -1.78
CA ARG D 410 -60.20 7.17 -2.59
C ARG D 410 -60.11 5.89 -1.79
N PHE D 411 -60.58 5.91 -0.55
CA PHE D 411 -60.59 4.74 0.33
C PHE D 411 -61.37 3.57 -0.28
N LYS D 412 -60.86 2.37 -0.03
CA LYS D 412 -61.46 1.11 -0.46
C LYS D 412 -61.20 0.10 0.64
N MET D 413 -62.25 -0.57 1.08
CA MET D 413 -62.11 -1.51 2.19
C MET D 413 -61.60 -2.85 1.65
N VAL D 414 -60.28 -2.94 1.57
CA VAL D 414 -59.57 -4.11 1.07
C VAL D 414 -58.25 -4.17 1.82
N TYR D 415 -57.78 -5.38 2.11
CA TYR D 415 -56.46 -5.51 2.70
C TYR D 415 -55.58 -6.28 1.73
N VAL D 416 -54.39 -5.77 1.48
CA VAL D 416 -53.36 -6.42 0.66
C VAL D 416 -52.04 -6.27 1.40
N PRO D 417 -51.24 -7.33 1.52
CA PRO D 417 -49.95 -7.20 2.21
C PRO D 417 -49.01 -6.23 1.48
N ASN D 418 -48.32 -5.41 2.28
CA ASN D 418 -47.22 -4.58 1.79
C ASN D 418 -46.21 -5.41 0.99
N TRP D 419 -45.72 -4.84 -0.10
CA TRP D 419 -44.79 -5.56 -0.95
C TRP D 419 -43.76 -4.65 -1.58
N PHE D 420 -43.78 -3.36 -1.26
CA PHE D 420 -42.76 -2.43 -1.72
C PHE D 420 -42.68 -1.32 -0.68
N SER D 421 -41.59 -0.57 -0.72
CA SER D 421 -41.48 0.65 0.07
C SER D 421 -41.20 1.83 -0.85
N VAL D 422 -41.55 3.02 -0.36
CA VAL D 422 -41.33 4.26 -1.08
C VAL D 422 -40.29 5.07 -0.32
N ASP D 423 -39.45 5.79 -1.06
CA ASP D 423 -38.64 6.80 -0.44
C ASP D 423 -38.58 8.03 -1.35
N LEU D 424 -38.36 9.18 -0.72
CA LEU D 424 -38.41 10.47 -1.40
C LEU D 424 -37.13 11.27 -1.23
N LYS D 425 -36.02 10.61 -0.88
CA LYS D 425 -34.77 11.32 -0.62
C LYS D 425 -34.33 12.21 -1.79
N THR D 426 -34.64 11.80 -3.01
CA THR D 426 -34.27 12.59 -4.18
C THR D 426 -35.35 13.59 -4.59
N GLY D 427 -36.53 13.53 -3.99
CA GLY D 427 -37.64 14.33 -4.45
C GLY D 427 -38.43 13.73 -5.58
N MET D 428 -38.00 12.58 -6.11
CA MET D 428 -38.74 11.82 -7.09
C MET D 428 -39.23 10.53 -6.45
N LEU D 429 -40.11 9.82 -7.16
CA LEU D 429 -40.69 8.60 -6.59
C LEU D 429 -39.76 7.43 -6.86
N THR D 430 -39.13 6.91 -5.83
CA THR D 430 -38.29 5.72 -5.94
C THR D 430 -38.93 4.57 -5.18
N ILE D 431 -39.16 3.46 -5.86
CA ILE D 431 -39.84 2.29 -5.30
C ILE D 431 -38.78 1.24 -5.07
N THR D 432 -38.76 0.64 -3.87
CA THR D 432 -37.78 -0.38 -3.53
C THR D 432 -38.48 -1.71 -3.26
N LEU D 433 -37.93 -2.78 -3.83
CA LEU D 433 -38.41 -4.14 -3.62
C LEU D 433 -37.38 -4.93 -2.82
N ASP D 434 -37.85 -5.61 -1.77
CA ASP D 434 -37.00 -6.42 -0.91
C ASP D 434 -37.51 -7.84 -0.89
N GLU D 435 -36.58 -8.80 -0.84
CA GLU D 435 -36.91 -10.23 -0.81
C GLU D 435 -37.93 -10.60 0.25
N SER D 436 -37.90 -9.91 1.41
CA SER D 436 -38.74 -10.31 2.53
C SER D 436 -40.22 -10.17 2.24
N ASP D 437 -40.63 -9.16 1.46
CA ASP D 437 -42.05 -8.98 1.20
C ASP D 437 -42.40 -8.70 -0.25
N CYS D 438 -41.44 -8.77 -1.18
CA CYS D 438 -41.71 -8.46 -2.59
C CYS D 438 -42.84 -9.30 -3.17
N PHE D 439 -42.95 -10.55 -2.75
CA PHE D 439 -43.89 -11.49 -3.32
C PHE D 439 -45.14 -11.68 -2.46
N ALA D 440 -45.39 -10.77 -1.52
CA ALA D 440 -46.45 -10.93 -0.53
C ALA D 440 -47.84 -10.60 -1.04
N ALA D 441 -47.97 -9.96 -2.20
CA ALA D 441 -49.25 -9.45 -2.69
C ALA D 441 -49.70 -10.28 -3.89
N TRP D 442 -50.55 -11.28 -3.63
CA TRP D 442 -51.26 -11.99 -4.68
C TRP D 442 -52.59 -11.30 -4.93
N VAL D 443 -52.93 -11.04 -6.19
CA VAL D 443 -54.23 -10.47 -6.55
C VAL D 443 -54.75 -11.15 -7.81
N SER D 444 -56.07 -11.17 -7.97
CA SER D 444 -56.67 -11.72 -9.18
C SER D 444 -56.43 -10.80 -10.38
N ALA D 445 -56.29 -11.42 -11.56
CA ALA D 445 -56.18 -10.66 -12.80
C ALA D 445 -57.33 -9.66 -13.00
N LYS D 446 -58.56 -10.06 -12.66
CA LYS D 446 -59.72 -9.19 -12.88
C LYS D 446 -59.72 -7.99 -11.95
N ASP D 447 -59.34 -8.17 -10.68
CA ASP D 447 -59.29 -7.05 -9.75
C ASP D 447 -58.19 -6.08 -10.11
N ALA D 448 -57.14 -6.55 -10.76
CA ALA D 448 -56.00 -5.72 -11.14
C ALA D 448 -56.19 -5.03 -12.48
N GLY D 449 -57.31 -5.26 -13.17
CA GLY D 449 -57.57 -4.53 -14.38
C GLY D 449 -57.00 -5.14 -15.64
N PHE D 450 -56.60 -6.40 -15.59
CA PHE D 450 -56.07 -7.09 -16.75
C PHE D 450 -57.14 -7.99 -17.36
N SER D 451 -56.99 -8.26 -18.66
CA SER D 451 -57.87 -9.13 -19.44
C SER D 451 -59.26 -8.50 -19.57
N GLY D 455 -60.41 -15.73 -21.32
CA GLY D 455 -61.35 -15.88 -20.23
C GLY D 455 -60.90 -16.88 -19.19
N SER D 456 -59.95 -16.48 -18.35
CA SER D 456 -59.40 -17.36 -17.33
C SER D 456 -59.47 -16.77 -15.94
N ASP D 457 -58.95 -15.55 -15.79
CA ASP D 457 -58.86 -14.77 -14.54
C ASP D 457 -57.99 -15.48 -13.50
N PRO D 458 -56.64 -15.55 -13.67
CA PRO D 458 -55.81 -16.22 -12.66
C PRO D 458 -55.35 -15.29 -11.56
N LYS D 459 -54.47 -15.81 -10.71
CA LYS D 459 -53.93 -15.12 -9.54
C LYS D 459 -52.54 -14.63 -9.92
N LEU D 460 -52.30 -13.34 -9.78
CA LEU D 460 -51.04 -12.70 -10.14
C LEU D 460 -50.32 -12.17 -8.90
N ASN D 461 -49.00 -12.34 -8.90
CA ASN D 461 -48.12 -11.77 -7.88
C ASN D 461 -47.51 -10.47 -8.39
N LEU D 462 -47.91 -9.37 -7.74
CA LEU D 462 -47.59 -8.02 -8.21
C LEU D 462 -46.08 -7.81 -8.33
N GLY D 463 -45.34 -8.14 -7.27
CA GLY D 463 -43.90 -8.00 -7.31
C GLY D 463 -43.25 -8.89 -8.35
N GLY D 464 -43.79 -10.09 -8.52
CA GLY D 464 -43.29 -10.98 -9.57
C GLY D 464 -43.44 -10.37 -10.96
N LEU D 465 -44.64 -9.88 -11.27
CA LEU D 465 -44.88 -9.25 -12.57
C LEU D 465 -43.98 -8.04 -12.76
N LEU D 466 -43.81 -7.23 -11.71
CA LEU D 466 -43.05 -6.00 -11.83
C LEU D 466 -41.57 -6.29 -12.11
N LEU D 467 -40.99 -7.26 -11.40
CA LEU D 467 -39.61 -7.66 -11.68
C LEU D 467 -39.45 -8.14 -13.11
N GLN D 468 -40.46 -8.85 -13.62
CA GLN D 468 -40.41 -9.33 -15.00
C GLN D 468 -40.46 -8.16 -15.98
N ALA D 469 -41.27 -7.15 -15.68
CA ALA D 469 -41.32 -5.96 -16.53
C ALA D 469 -40.01 -5.18 -16.48
N LEU D 470 -39.46 -5.01 -15.28
CA LEU D 470 -38.20 -4.27 -15.14
C LEU D 470 -37.08 -4.94 -15.94
N LEU D 471 -37.07 -6.26 -16.01
CA LEU D 471 -36.01 -6.99 -16.68
C LEU D 471 -36.46 -7.54 -18.04
N GLU D 472 -37.58 -7.03 -18.56
CA GLU D 472 -38.17 -7.52 -19.81
C GLU D 472 -37.19 -7.53 -20.97
N TYR D 473 -36.25 -6.58 -20.99
CA TYR D 473 -35.28 -6.48 -22.07
C TYR D 473 -34.06 -7.34 -21.88
N TRP D 474 -33.93 -8.00 -20.73
CA TRP D 474 -32.77 -8.84 -20.47
C TRP D 474 -32.93 -10.17 -21.19
N PRO D 475 -32.07 -10.48 -22.17
CA PRO D 475 -32.30 -11.66 -23.01
C PRO D 475 -32.29 -12.97 -22.25
N ARG D 476 -31.53 -13.04 -21.15
CA ARG D 476 -31.54 -14.21 -20.28
C ARG D 476 -32.93 -14.54 -19.76
N THR D 477 -33.83 -13.55 -19.69
CA THR D 477 -35.20 -13.81 -19.25
C THR D 477 -36.12 -14.32 -20.35
N HIS D 478 -35.65 -14.39 -21.60
CA HIS D 478 -36.51 -14.83 -22.70
C HIS D 478 -36.59 -16.36 -22.75
N GLY D 503 -41.35 -10.35 -21.75
CA GLY D 503 -42.12 -9.62 -20.77
C GLY D 503 -43.01 -10.53 -19.94
N ASN D 504 -44.01 -9.92 -19.30
CA ASN D 504 -44.86 -10.64 -18.35
C ASN D 504 -46.25 -10.92 -18.88
N GLY D 505 -46.56 -10.44 -20.09
CA GLY D 505 -47.82 -10.76 -20.71
C GLY D 505 -48.98 -9.89 -20.31
N TYR D 506 -48.77 -8.92 -19.42
CA TYR D 506 -49.90 -8.12 -18.95
C TYR D 506 -49.63 -6.62 -19.07
N PHE D 507 -48.38 -6.20 -18.91
CA PHE D 507 -48.02 -4.79 -18.93
C PHE D 507 -46.51 -4.65 -19.06
N GLN D 508 -46.11 -3.50 -19.59
CA GLN D 508 -44.72 -3.05 -19.61
C GLN D 508 -44.55 -1.80 -18.77
N VAL D 509 -43.41 -1.67 -18.09
CA VAL D 509 -43.01 -0.40 -17.51
C VAL D 509 -42.46 0.48 -18.64
N PRO D 510 -42.42 1.81 -18.48
CA PRO D 510 -41.82 2.65 -19.52
C PRO D 510 -40.36 2.31 -19.76
N PRO D 511 -39.93 2.25 -21.02
CA PRO D 511 -38.58 1.76 -21.33
C PRO D 511 -37.45 2.57 -20.70
N HIS D 512 -37.68 3.86 -20.42
CA HIS D 512 -36.66 4.70 -19.81
C HIS D 512 -36.59 4.55 -18.29
N THR D 513 -37.37 3.68 -17.69
CA THR D 513 -37.40 3.54 -16.24
C THR D 513 -36.03 3.13 -15.70
N PRO D 514 -35.39 3.94 -14.86
CA PRO D 514 -34.11 3.53 -14.27
C PRO D 514 -34.33 2.38 -13.30
N VAL D 515 -33.49 1.36 -13.40
CA VAL D 515 -33.58 0.16 -12.56
C VAL D 515 -32.28 0.04 -11.79
N ILE D 516 -32.37 -0.02 -10.46
CA ILE D 516 -31.19 0.12 -9.59
C ILE D 516 -31.07 -1.12 -8.71
N PHE D 517 -29.88 -1.71 -8.69
CA PHE D 517 -29.52 -2.81 -7.81
C PHE D 517 -28.52 -2.29 -6.78
N GLY D 518 -28.85 -2.43 -5.49
CA GLY D 518 -27.99 -1.94 -4.43
C GLY D 518 -28.19 -2.79 -3.20
N GLU D 519 -27.25 -2.69 -2.26
CA GLU D 519 -27.40 -3.41 -1.01
C GLU D 519 -28.22 -2.58 -0.02
N ALA D 520 -29.03 -3.26 0.79
CA ALA D 520 -29.77 -2.54 1.82
C ALA D 520 -28.80 -1.91 2.80
N GLY D 521 -29.03 -0.67 3.19
CA GLY D 521 -27.98 -0.07 4.00
C GLY D 521 -26.64 0.24 3.36
N GLY D 522 -26.57 0.48 2.05
CA GLY D 522 -25.39 1.14 1.53
C GLY D 522 -25.11 1.05 0.05
N ARG D 523 -24.01 0.40 -0.33
CA ARG D 523 -23.39 0.56 -1.66
C ARG D 523 -24.26 0.11 -2.82
N THR D 524 -24.69 1.09 -3.61
CA THR D 524 -25.38 0.80 -4.85
C THR D 524 -24.37 0.13 -5.76
N LEU D 525 -24.77 -1.01 -6.31
CA LEU D 525 -24.01 -1.89 -7.19
C LEU D 525 -24.18 -1.67 -8.68
N PHE D 526 -25.38 -1.36 -9.17
CA PHE D 526 -25.53 -1.20 -10.61
C PHE D 526 -26.82 -0.46 -10.90
N ARG D 527 -26.78 0.40 -11.91
CA ARG D 527 -27.98 1.07 -12.39
C ARG D 527 -27.96 1.18 -13.91
N LEU D 528 -29.15 1.09 -14.49
CA LEU D 528 -29.33 1.06 -15.94
C LEU D 528 -30.78 1.40 -16.24
N LEU D 529 -31.05 1.71 -17.50
CA LEU D 529 -32.42 1.98 -17.92
C LEU D 529 -33.02 0.66 -18.36
N CYS D 530 -34.31 0.48 -18.09
CA CYS D 530 -35.02 -0.74 -18.44
C CYS D 530 -34.73 -1.25 -19.86
N ARG D 531 -34.86 -0.37 -20.85
CA ARG D 531 -34.65 -0.72 -22.25
C ARG D 531 -33.20 -1.10 -22.59
N ASP D 532 -32.25 -0.90 -21.68
CA ASP D 532 -30.85 -1.13 -21.99
C ASP D 532 -30.35 -2.53 -21.62
N SER D 533 -31.18 -3.37 -21.00
CA SER D 533 -30.71 -4.64 -20.47
C SER D 533 -30.13 -5.57 -21.54
N GLY D 534 -30.47 -5.33 -22.82
CA GLY D 534 -29.97 -6.15 -23.91
C GLY D 534 -28.61 -5.75 -24.43
N GLY D 535 -28.04 -4.66 -23.92
CA GLY D 535 -26.69 -4.29 -24.28
C GLY D 535 -25.67 -5.29 -23.77
N GLU D 536 -24.54 -5.37 -24.49
CA GLU D 536 -23.48 -6.32 -24.13
C GLU D 536 -22.93 -6.05 -22.75
N THR D 537 -22.60 -4.78 -22.46
CA THR D 537 -22.06 -4.44 -21.15
C THR D 537 -23.11 -4.63 -20.06
N GLU D 538 -24.33 -4.10 -20.29
CA GLU D 538 -25.41 -4.24 -19.31
C GLU D 538 -25.70 -5.69 -18.98
N SER D 539 -25.75 -6.56 -19.99
CA SER D 539 -26.03 -7.98 -19.74
C SER D 539 -24.94 -8.63 -18.89
N MET D 540 -23.67 -8.35 -19.19
CA MET D 540 -22.58 -8.85 -18.36
C MET D 540 -22.71 -8.34 -16.93
N LEU D 541 -22.95 -7.02 -16.77
CA LEU D 541 -23.09 -6.44 -15.44
C LEU D 541 -24.30 -6.98 -14.70
N LEU D 542 -25.41 -7.22 -15.41
CA LEU D 542 -26.58 -7.81 -14.77
C LEU D 542 -26.30 -9.24 -14.30
N ASN D 543 -25.56 -10.01 -15.10
CA ASN D 543 -25.17 -11.37 -14.70
C ASN D 543 -24.40 -11.37 -13.38
N GLU D 544 -23.56 -10.36 -13.17
CA GLU D 544 -22.74 -10.21 -11.97
C GLU D 544 -23.50 -9.66 -10.77
N THR D 545 -24.58 -8.92 -10.99
CA THR D 545 -25.20 -8.11 -9.95
C THR D 545 -26.59 -8.59 -9.53
N VAL D 546 -27.40 -9.13 -10.43
CA VAL D 546 -28.78 -9.47 -10.05
C VAL D 546 -28.77 -10.65 -9.08
N PRO D 547 -29.49 -10.56 -7.95
CA PRO D 547 -29.44 -11.61 -6.93
C PRO D 547 -30.28 -12.82 -7.32
N GLN D 548 -29.93 -13.96 -6.71
CA GLN D 548 -30.58 -15.22 -7.07
C GLN D 548 -32.08 -15.16 -6.86
N TRP D 549 -32.55 -14.46 -5.82
CA TRP D 549 -33.99 -14.41 -5.54
C TRP D 549 -34.75 -13.67 -6.63
N VAL D 550 -34.08 -12.76 -7.35
CA VAL D 550 -34.69 -12.11 -8.52
C VAL D 550 -34.57 -13.03 -9.72
N ILE D 551 -33.43 -13.71 -9.82
CA ILE D 551 -33.15 -14.62 -10.93
C ILE D 551 -34.20 -15.72 -11.00
N ASP D 552 -34.62 -16.23 -9.84
CA ASP D 552 -35.55 -17.35 -9.88
C ASP D 552 -36.95 -16.93 -10.29
N ILE D 553 -37.27 -15.65 -10.25
CA ILE D 553 -38.52 -15.14 -10.80
C ILE D 553 -38.41 -14.80 -12.28
N THR D 554 -37.38 -14.05 -12.66
CA THR D 554 -37.29 -13.49 -14.00
C THR D 554 -36.67 -14.42 -15.02
N VAL D 555 -35.86 -15.38 -14.61
CA VAL D 555 -35.18 -16.28 -15.53
C VAL D 555 -35.74 -17.69 -15.43
N ASP D 556 -35.73 -18.27 -14.22
CA ASP D 556 -36.28 -19.60 -14.05
C ASP D 556 -37.81 -19.60 -14.17
N LYS D 557 -38.44 -18.43 -13.98
CA LYS D 557 -39.90 -18.28 -14.07
C LYS D 557 -40.67 -19.15 -13.08
N ASN D 558 -40.13 -19.34 -11.87
CA ASN D 558 -40.83 -20.07 -10.83
C ASN D 558 -40.70 -19.38 -9.47
N MET D 559 -41.74 -19.56 -8.65
CA MET D 559 -41.77 -19.04 -7.28
C MET D 559 -41.09 -20.02 -6.33
N THR E 25 -32.59 -13.79 48.65
CA THR E 25 -33.33 -12.57 48.32
C THR E 25 -32.63 -11.37 48.92
N CYS E 26 -31.30 -11.32 48.79
CA CYS E 26 -30.54 -10.20 49.33
C CYS E 26 -30.87 -8.89 48.63
N TYR E 27 -31.36 -8.97 47.39
CA TYR E 27 -31.76 -7.76 46.66
C TYR E 27 -32.94 -7.07 47.33
N LEU E 28 -33.88 -7.85 47.88
CA LEU E 28 -35.09 -7.27 48.46
C LEU E 28 -34.85 -6.71 49.85
N ASN E 29 -34.14 -7.47 50.70
CA ASN E 29 -33.83 -7.00 52.04
C ASN E 29 -33.03 -5.70 52.00
N SER E 30 -32.18 -5.54 50.98
CA SER E 30 -31.35 -4.35 50.88
C SER E 30 -32.17 -3.11 50.53
N ILE E 31 -32.95 -3.19 49.44
CA ILE E 31 -33.68 -2.01 48.96
C ILE E 31 -34.79 -1.62 49.93
N LEU E 32 -35.35 -2.58 50.65
CA LEU E 32 -36.37 -2.26 51.65
C LEU E 32 -35.78 -1.41 52.77
N GLN E 33 -34.56 -1.72 53.20
CA GLN E 33 -33.89 -0.90 54.21
C GLN E 33 -33.51 0.46 53.66
N VAL E 34 -33.21 0.54 52.35
CA VAL E 34 -32.90 1.81 51.72
C VAL E 34 -34.17 2.65 51.58
N LEU E 35 -35.30 1.99 51.33
CA LEU E 35 -36.56 2.71 51.19
C LEU E 35 -36.99 3.38 52.49
N TYR E 36 -36.72 2.75 53.64
CA TYR E 36 -37.17 3.28 54.93
C TYR E 36 -36.58 4.65 55.21
N PHE E 37 -35.29 4.85 54.95
CA PHE E 37 -34.64 6.13 55.19
C PHE E 37 -34.78 6.96 53.92
N CYS E 38 -35.83 7.77 53.86
CA CYS E 38 -36.09 8.67 52.76
C CYS E 38 -36.95 9.82 53.27
N PRO E 39 -36.75 11.05 52.76
CA PRO E 39 -37.38 12.24 53.37
C PRO E 39 -38.89 12.16 53.49
N GLY E 40 -39.57 12.02 52.36
CA GLY E 40 -41.02 12.01 52.33
C GLY E 40 -41.64 10.64 52.43
N PHE E 41 -40.82 9.60 52.54
CA PHE E 41 -41.32 8.23 52.49
C PHE E 41 -42.18 7.92 53.70
N LYS E 42 -41.71 8.28 54.90
CA LYS E 42 -42.46 7.98 56.13
C LYS E 42 -43.85 8.59 56.08
N SER E 43 -43.94 9.91 55.87
CA SER E 43 -45.23 10.58 55.88
C SER E 43 -46.09 10.18 54.67
N GLY E 44 -45.46 9.99 53.52
CA GLY E 44 -46.25 9.70 52.32
C GLY E 44 -46.82 8.30 52.31
N VAL E 45 -46.01 7.31 52.68
CA VAL E 45 -46.47 5.94 52.63
C VAL E 45 -47.42 5.65 53.80
N LYS E 46 -47.27 6.34 54.93
CA LYS E 46 -48.24 6.24 56.02
C LYS E 46 -49.59 6.84 55.62
N HIS E 47 -49.56 7.97 54.90
CA HIS E 47 -50.79 8.59 54.41
C HIS E 47 -51.51 7.68 53.43
N LEU E 48 -50.75 6.93 52.62
CA LEU E 48 -51.31 6.09 51.58
C LEU E 48 -52.06 4.87 52.11
N PHE E 49 -51.81 4.42 53.35
CA PHE E 49 -52.61 3.30 53.86
C PHE E 49 -54.04 3.72 54.18
N ASN E 50 -54.21 4.83 54.90
CA ASN E 50 -55.55 5.32 55.23
C ASN E 50 -56.08 6.17 54.07
N ILE E 51 -56.60 5.47 53.06
CA ILE E 51 -57.23 6.18 51.95
C ILE E 51 -58.70 6.45 52.27
N ALA E 63 -54.50 -8.23 44.57
CA ALA E 63 -53.10 -8.55 44.31
C ALA E 63 -52.19 -7.38 44.64
N SER E 64 -52.25 -6.33 43.81
CA SER E 64 -51.35 -5.19 43.99
C SER E 64 -51.66 -4.44 45.28
N TYR E 65 -52.94 -4.28 45.61
CA TYR E 65 -53.29 -3.63 46.87
C TYR E 65 -52.81 -4.45 48.06
N GLU E 66 -52.92 -5.79 47.98
CA GLU E 66 -52.46 -6.65 49.06
C GLU E 66 -50.99 -6.41 49.38
N LEU E 67 -50.17 -6.29 48.34
CA LEU E 67 -48.74 -6.03 48.52
C LEU E 67 -48.48 -4.64 49.10
N ILE E 68 -49.31 -3.65 48.77
CA ILE E 68 -49.14 -2.31 49.34
C ILE E 68 -49.34 -2.33 50.85
N CYS E 69 -50.39 -3.02 51.31
CA CYS E 69 -50.61 -3.17 52.75
C CYS E 69 -49.41 -3.83 53.43
N SER E 70 -48.83 -4.84 52.77
CA SER E 70 -47.64 -5.51 53.28
C SER E 70 -46.52 -4.53 53.63
N LEU E 71 -46.34 -3.48 52.80
CA LEU E 71 -45.33 -2.47 53.10
C LEU E 71 -45.63 -1.74 54.41
N GLN E 72 -46.91 -1.45 54.66
CA GLN E 72 -47.28 -0.82 55.92
C GLN E 72 -47.05 -1.76 57.09
N SER E 73 -47.33 -3.05 56.89
CA SER E 73 -47.04 -4.05 57.90
C SER E 73 -45.56 -4.05 58.25
N LEU E 74 -44.70 -3.95 57.23
CA LEU E 74 -43.26 -3.93 57.46
C LEU E 74 -42.83 -2.63 58.11
N ILE E 75 -43.43 -1.50 57.70
CA ILE E 75 -43.10 -0.21 58.31
C ILE E 75 -43.36 -0.27 59.82
N ILE E 76 -44.53 -0.77 60.22
CA ILE E 76 -44.83 -0.93 61.64
C ILE E 76 -43.95 -2.02 62.27
N SER E 77 -43.61 -3.06 61.50
CA SER E 77 -42.85 -4.20 61.99
C SER E 77 -41.45 -3.86 62.53
N VAL E 78 -41.15 -2.56 62.65
CA VAL E 78 -39.96 -2.02 63.32
C VAL E 78 -40.45 -0.87 64.18
N GLU E 79 -41.34 -0.04 63.61
CA GLU E 79 -41.93 1.09 64.34
C GLU E 79 -42.93 0.64 65.40
N ALA E 122 -32.03 -6.36 42.07
CA ALA E 122 -32.50 -5.25 42.89
C ALA E 122 -33.09 -4.13 42.04
N GLN E 123 -32.43 -3.83 40.90
CA GLN E 123 -32.97 -2.84 39.98
C GLN E 123 -34.35 -3.25 39.46
N GLU E 124 -34.47 -4.47 38.97
CA GLU E 124 -35.75 -4.94 38.46
C GLU E 124 -36.79 -5.06 39.57
N VAL E 125 -36.36 -5.42 40.77
CA VAL E 125 -37.28 -5.65 41.88
C VAL E 125 -37.72 -4.34 42.53
N LEU E 126 -36.80 -3.36 42.66
CA LEU E 126 -37.18 -2.07 43.22
C LEU E 126 -38.10 -1.30 42.27
N GLN E 127 -37.76 -1.30 40.98
CA GLN E 127 -38.62 -0.65 39.98
C GLN E 127 -40.00 -1.27 39.94
N CYS E 128 -40.10 -2.60 40.14
CA CYS E 128 -41.39 -3.26 40.19
C CYS E 128 -42.22 -2.77 41.37
N ILE E 129 -41.56 -2.50 42.50
CA ILE E 129 -42.26 -2.00 43.67
C ILE E 129 -42.72 -0.56 43.44
N LEU E 130 -41.78 0.33 43.08
CA LEU E 130 -42.10 1.73 42.84
C LEU E 130 -43.06 1.88 41.67
N GLY E 131 -42.89 1.05 40.63
CA GLY E 131 -43.79 1.13 39.49
C GLY E 131 -45.22 0.79 39.84
N ASN E 132 -45.43 -0.06 40.84
CA ASN E 132 -46.78 -0.38 41.30
C ASN E 132 -47.33 0.66 42.25
N ILE E 133 -46.49 1.17 43.17
CA ILE E 133 -46.94 2.16 44.15
C ILE E 133 -47.42 3.43 43.45
N GLN E 134 -46.71 3.84 42.39
CA GLN E 134 -47.14 5.01 41.64
C GLN E 134 -48.46 4.74 40.92
N GLU E 135 -48.60 3.56 40.30
CA GLU E 135 -49.80 3.24 39.55
C GLU E 135 -51.04 3.18 40.44
N THR E 136 -50.90 2.64 41.64
CA THR E 136 -52.02 2.59 42.57
C THR E 136 -52.43 3.98 43.01
N CYS E 137 -51.46 4.82 43.38
CA CYS E 137 -51.75 6.22 43.69
C CYS E 137 -52.32 6.93 42.47
N GLN E 138 -51.87 6.54 41.27
CA GLN E 138 -52.28 7.19 40.04
C GLN E 138 -53.72 6.88 39.68
N LEU E 139 -54.25 5.74 40.15
CA LEU E 139 -55.64 5.40 39.88
C LEU E 139 -56.61 6.23 40.73
N LEU E 140 -56.22 6.56 41.96
CA LEU E 140 -57.06 7.36 42.85
C LEU E 140 -56.81 8.86 42.72
N LYS E 141 -55.67 9.27 42.15
CA LYS E 141 -55.39 10.69 41.95
C LYS E 141 -56.39 11.34 41.00
N LYS E 142 -56.76 10.63 39.92
CA LYS E 142 -57.63 11.18 38.89
C LYS E 142 -59.06 11.43 39.36
N GLU E 143 -59.49 10.75 40.42
CA GLU E 143 -60.87 10.88 40.91
C GLU E 143 -61.20 12.31 41.34
N GLU E 166 -49.61 15.13 44.49
CA GLU E 166 -48.82 14.07 43.86
C GLU E 166 -47.69 13.64 44.77
N LEU E 167 -47.92 12.56 45.54
CA LEU E 167 -46.96 12.11 46.53
C LEU E 167 -45.71 11.54 45.89
N VAL E 168 -45.88 10.47 45.09
CA VAL E 168 -44.75 9.77 44.48
C VAL E 168 -43.98 10.68 43.53
N GLU E 169 -44.67 11.62 42.88
CA GLU E 169 -44.07 12.41 41.81
C GLU E 169 -43.03 13.41 42.32
N LYS E 170 -43.13 13.83 43.59
CA LYS E 170 -42.16 14.76 44.17
C LYS E 170 -40.98 14.05 44.84
N LEU E 171 -41.05 12.73 45.00
CA LEU E 171 -40.00 11.98 45.69
C LEU E 171 -38.96 11.43 44.72
N PHE E 172 -39.39 10.70 43.70
CA PHE E 172 -38.49 10.03 42.76
C PHE E 172 -38.66 10.46 41.32
N GLN E 173 -39.77 11.12 40.96
CA GLN E 173 -40.07 11.38 39.57
C GLN E 173 -39.37 12.66 39.11
N GLY E 174 -38.76 12.58 37.93
CA GLY E 174 -38.19 13.75 37.30
C GLY E 174 -38.58 13.76 35.84
N GLN E 175 -38.48 14.94 35.24
CA GLN E 175 -38.88 15.14 33.85
C GLN E 175 -37.65 15.46 33.01
N LEU E 176 -37.48 14.70 31.93
CA LEU E 176 -36.35 14.86 31.01
C LEU E 176 -36.80 15.55 29.72
N VAL E 177 -35.85 16.22 29.09
CA VAL E 177 -36.08 16.91 27.82
C VAL E 177 -35.04 16.38 26.85
N LEU E 178 -35.49 15.58 25.88
CA LEU E 178 -34.62 14.89 24.95
C LEU E 178 -34.55 15.71 23.66
N ARG E 179 -33.40 16.33 23.42
CA ARG E 179 -33.20 17.19 22.27
C ARG E 179 -32.49 16.40 21.17
N THR E 180 -33.03 16.48 19.95
CA THR E 180 -32.45 15.84 18.78
C THR E 180 -32.18 16.91 17.73
N ARG E 181 -30.92 16.99 17.29
CA ARG E 181 -30.47 18.05 16.39
C ARG E 181 -29.92 17.43 15.11
N CYS E 182 -30.61 17.64 14.00
CA CYS E 182 -30.13 17.19 12.70
C CYS E 182 -28.88 17.96 12.29
N LEU E 183 -27.79 17.27 12.01
CA LEU E 183 -26.57 17.97 11.67
C LEU E 183 -26.57 18.54 10.26
N GLU E 184 -27.53 18.15 9.42
CA GLU E 184 -27.63 18.72 8.08
C GLU E 184 -28.32 20.08 8.10
N CYS E 185 -29.57 20.11 8.56
CA CYS E 185 -30.35 21.35 8.57
C CYS E 185 -30.33 22.07 9.91
N GLU E 186 -29.81 21.44 10.96
CA GLU E 186 -29.66 22.06 12.29
C GLU E 186 -31.01 22.43 12.91
N SER E 187 -32.06 21.68 12.55
CA SER E 187 -33.34 21.79 13.22
C SER E 187 -33.34 20.97 14.50
N LEU E 188 -33.84 21.56 15.58
CA LEU E 188 -33.76 20.96 16.92
C LEU E 188 -35.16 20.66 17.44
N THR E 189 -35.50 19.38 17.55
CA THR E 189 -36.77 18.90 18.09
C THR E 189 -36.61 18.46 19.55
N GLU E 190 -37.74 18.30 20.24
CA GLU E 190 -37.72 18.04 21.68
C GLU E 190 -38.78 17.00 22.05
N ARG E 191 -38.49 16.28 23.15
CA ARG E 191 -39.41 15.31 23.74
C ARG E 191 -39.40 15.45 25.26
N ARG E 192 -40.57 15.38 25.88
CA ARG E 192 -40.72 15.45 27.33
C ARG E 192 -41.00 14.05 27.89
N GLU E 193 -40.09 13.53 28.72
CA GLU E 193 -40.23 12.21 29.32
C GLU E 193 -40.02 12.26 30.84
N ASP E 194 -40.86 11.53 31.56
CA ASP E 194 -40.67 11.34 33.00
C ASP E 194 -39.67 10.20 33.25
N PHE E 195 -39.08 10.19 34.45
CA PHE E 195 -38.10 9.15 34.79
C PHE E 195 -37.93 9.06 36.29
N GLN E 196 -37.45 7.89 36.76
CA GLN E 196 -37.14 7.70 38.16
C GLN E 196 -35.68 7.40 38.42
N ASP E 197 -35.07 6.55 37.61
CA ASP E 197 -33.67 6.17 37.81
C ASP E 197 -32.86 6.60 36.60
N ILE E 198 -31.54 6.61 36.79
CA ILE E 198 -30.62 7.05 35.75
C ILE E 198 -29.82 5.84 35.30
N SER E 199 -30.14 5.33 34.11
CA SER E 199 -29.40 4.20 33.56
C SER E 199 -28.06 4.71 33.06
N VAL E 200 -26.99 4.35 33.75
CA VAL E 200 -25.70 4.97 33.52
C VAL E 200 -24.62 3.90 33.54
N PRO E 201 -23.59 3.97 32.68
CA PRO E 201 -22.48 3.00 32.75
C PRO E 201 -21.42 3.41 33.76
N THR E 226 -14.78 9.06 36.87
CA THR E 226 -15.64 9.56 37.94
C THR E 226 -17.11 9.49 37.53
N LEU E 227 -18.00 9.77 38.49
CA LEU E 227 -19.42 9.80 38.18
C LEU E 227 -19.77 10.96 37.25
N ARG E 228 -19.01 12.06 37.33
CA ARG E 228 -19.15 13.16 36.38
C ARG E 228 -19.05 12.65 34.94
N TRP E 229 -18.07 11.79 34.68
CA TRP E 229 -17.94 11.17 33.36
C TRP E 229 -19.17 10.37 32.99
N ALA E 230 -19.71 9.60 33.95
CA ALA E 230 -20.79 8.67 33.62
C ALA E 230 -22.08 9.40 33.25
N ILE E 231 -22.44 10.43 34.00
CA ILE E 231 -23.65 11.19 33.67
C ILE E 231 -23.47 11.95 32.36
N SER E 232 -22.24 12.37 32.05
CA SER E 232 -22.00 13.07 30.78
C SER E 232 -22.18 12.13 29.60
N GLN E 233 -21.80 10.86 29.75
CA GLN E 233 -22.10 9.87 28.72
C GLN E 233 -23.61 9.70 28.54
N PHE E 234 -24.38 9.91 29.61
CA PHE E 234 -25.82 9.76 29.57
C PHE E 234 -26.50 11.03 29.05
N ALA E 235 -26.05 12.20 29.48
CA ALA E 235 -26.75 13.46 29.25
C ALA E 235 -26.10 14.37 28.21
N SER E 236 -24.78 14.46 28.18
CA SER E 236 -24.09 15.41 27.30
C SER E 236 -24.21 14.98 25.84
N VAL E 237 -23.55 15.74 24.96
CA VAL E 237 -23.71 15.54 23.52
C VAL E 237 -23.24 14.14 23.13
N GLU E 238 -24.08 13.44 22.38
CA GLU E 238 -23.79 12.08 21.91
C GLU E 238 -24.28 11.98 20.47
N ARG E 239 -23.33 11.91 19.53
CA ARG E 239 -23.65 11.96 18.10
C ARG E 239 -24.00 10.60 17.51
N ILE E 240 -25.00 10.60 16.64
CA ILE E 240 -25.52 9.40 15.99
C ILE E 240 -24.96 9.36 14.56
N VAL E 241 -24.16 8.33 14.26
CA VAL E 241 -23.39 8.26 13.02
C VAL E 241 -23.50 6.85 12.46
N GLY E 242 -23.22 6.70 11.16
CA GLY E 242 -22.96 5.39 10.60
C GLY E 242 -24.23 4.64 10.24
N GLU E 243 -24.28 3.38 10.66
CA GLU E 243 -25.44 2.53 10.40
C GLU E 243 -26.67 3.03 11.15
N ASP E 244 -26.52 3.33 12.44
CA ASP E 244 -27.60 3.95 13.19
C ASP E 244 -27.55 5.44 12.86
N LYS E 245 -28.55 5.93 12.14
CA LYS E 245 -28.51 7.29 11.62
C LYS E 245 -29.92 7.86 11.78
N TYR E 246 -30.00 9.10 12.26
CA TYR E 246 -31.30 9.75 12.41
C TYR E 246 -31.93 10.02 11.05
N PHE E 247 -33.26 9.91 11.00
CA PHE E 247 -34.02 10.26 9.82
C PHE E 247 -34.66 11.63 10.03
N CYS E 248 -34.16 12.64 9.32
CA CYS E 248 -34.71 13.98 9.37
C CYS E 248 -35.86 14.11 8.38
N GLU E 249 -37.07 14.34 8.89
CA GLU E 249 -38.22 14.53 8.01
C GLU E 249 -38.19 15.86 7.27
N ASN E 250 -37.46 16.86 7.79
CA ASN E 250 -37.30 18.11 7.07
C ASN E 250 -36.37 17.92 5.87
N CYS E 251 -35.22 17.27 6.09
CA CYS E 251 -34.32 16.94 4.98
C CYS E 251 -34.84 15.80 4.12
N HIS E 252 -35.81 15.02 4.61
CA HIS E 252 -36.31 13.83 3.93
C HIS E 252 -35.18 12.86 3.62
N HIS E 253 -34.27 12.68 4.59
CA HIS E 253 -33.05 11.94 4.36
C HIS E 253 -32.49 11.47 5.70
N TYR E 254 -31.77 10.35 5.66
CA TYR E 254 -31.01 9.93 6.82
C TYR E 254 -29.82 10.86 7.02
N THR E 255 -29.70 11.43 8.22
CA THR E 255 -28.64 12.38 8.51
C THR E 255 -28.06 12.08 9.89
N GLU E 256 -26.90 12.66 10.15
CA GLU E 256 -26.28 12.59 11.46
C GLU E 256 -27.00 13.51 12.44
N ALA E 257 -27.03 13.11 13.70
CA ALA E 257 -27.77 13.83 14.72
C ALA E 257 -26.92 14.03 15.97
N GLU E 258 -27.27 15.06 16.72
CA GLU E 258 -26.64 15.38 17.99
C GLU E 258 -27.73 15.28 19.06
N ARG E 259 -27.60 14.30 19.95
CA ARG E 259 -28.59 14.04 20.99
C ARG E 259 -28.02 14.37 22.35
N SER E 260 -28.71 15.24 23.09
CA SER E 260 -28.32 15.59 24.45
C SER E 260 -29.57 15.60 25.31
N LEU E 261 -29.42 15.14 26.55
CA LEU E 261 -30.53 15.02 27.48
C LEU E 261 -30.33 15.98 28.65
N LEU E 262 -31.41 16.66 29.04
CA LEU E 262 -31.36 17.67 30.09
C LEU E 262 -32.45 17.45 31.13
N PHE E 263 -32.09 17.66 32.40
CA PHE E 263 -33.04 17.53 33.51
C PHE E 263 -33.83 18.82 33.70
N ASP E 264 -35.15 18.68 33.79
CA ASP E 264 -36.03 19.84 33.94
C ASP E 264 -36.69 19.87 35.32
N LYS E 265 -37.63 18.96 35.58
CA LYS E 265 -38.29 18.89 36.88
C LYS E 265 -37.52 17.91 37.78
N MET E 266 -37.19 18.36 38.99
CA MET E 266 -36.37 17.56 39.88
C MET E 266 -37.13 17.13 41.12
N PRO E 267 -36.92 15.89 41.59
CA PRO E 267 -37.50 15.47 42.87
C PRO E 267 -36.53 15.69 44.01
N GLU E 268 -36.85 15.17 45.19
CA GLU E 268 -35.95 15.28 46.33
C GLU E 268 -34.93 14.14 46.38
N VAL E 269 -35.25 12.98 45.82
CA VAL E 269 -34.39 11.80 45.86
C VAL E 269 -34.05 11.38 44.44
N ILE E 270 -32.76 11.22 44.15
CA ILE E 270 -32.24 10.83 42.84
C ILE E 270 -31.74 9.39 42.90
N THR E 271 -32.31 8.53 42.06
CA THR E 271 -31.85 7.15 41.90
C THR E 271 -30.91 7.05 40.70
N ILE E 272 -29.74 6.45 40.91
CA ILE E 272 -28.74 6.25 39.86
C ILE E 272 -28.45 4.76 39.73
N HIS E 273 -28.63 4.22 38.53
CA HIS E 273 -28.53 2.79 38.27
C HIS E 273 -27.27 2.50 37.46
N LEU E 274 -26.28 1.86 38.10
CA LEU E 274 -24.98 1.58 37.49
C LEU E 274 -25.02 0.28 36.70
N LYS E 275 -24.38 0.28 35.53
CA LYS E 275 -24.29 -0.92 34.71
C LYS E 275 -22.94 -1.63 34.87
N ASN E 295 -17.08 -4.46 36.56
CA ASN E 295 -17.32 -4.82 37.96
C ASN E 295 -17.13 -3.64 38.90
N THR E 296 -16.01 -2.96 38.75
CA THR E 296 -15.68 -1.83 39.61
C THR E 296 -16.26 -0.54 39.06
N PRO E 297 -16.91 0.28 39.87
CA PRO E 297 -17.41 1.56 39.36
C PRO E 297 -16.44 2.69 39.67
N LEU E 298 -16.73 3.88 39.18
CA LEU E 298 -15.85 5.04 39.31
C LEU E 298 -16.08 5.79 40.61
N LEU E 299 -15.49 6.99 40.70
CA LEU E 299 -15.57 7.86 41.85
C LEU E 299 -16.98 8.32 42.17
N THR E 300 -17.50 7.86 43.31
CA THR E 300 -18.85 8.21 43.74
C THR E 300 -18.72 9.37 44.71
N PRO E 301 -19.11 10.59 44.34
CA PRO E 301 -18.96 11.71 45.26
C PRO E 301 -20.13 11.82 46.22
N LEU E 302 -19.91 12.57 47.29
CA LEU E 302 -20.97 12.74 48.27
C LEU E 302 -21.98 13.80 47.85
N LYS E 303 -21.50 14.93 47.34
CA LYS E 303 -22.37 16.00 46.89
C LYS E 303 -22.47 15.97 45.37
N LEU E 304 -23.68 16.10 44.85
CA LEU E 304 -23.96 16.00 43.42
C LEU E 304 -24.85 17.15 42.99
N SER E 305 -24.53 17.73 41.83
CA SER E 305 -25.33 18.79 41.25
C SER E 305 -25.51 18.51 39.77
N LEU E 306 -26.74 18.64 39.28
CA LEU E 306 -27.05 18.45 37.87
C LEU E 306 -27.03 19.76 37.08
N GLU E 307 -26.25 20.73 37.56
CA GLU E 307 -26.12 22.02 36.91
C GLU E 307 -25.63 21.88 35.47
N GLU E 308 -24.64 21.01 35.27
CA GLU E 308 -24.01 20.87 33.95
C GLU E 308 -24.97 20.33 32.91
N TRP E 309 -25.95 19.53 33.33
CA TRP E 309 -26.87 18.88 32.39
C TRP E 309 -28.33 19.28 32.56
N SER E 310 -28.62 20.44 33.17
CA SER E 310 -30.00 20.90 33.36
C SER E 310 -30.40 21.94 32.31
N THR E 311 -31.71 22.24 32.27
CA THR E 311 -32.24 23.25 31.36
C THR E 311 -32.10 24.66 31.92
N LYS E 312 -32.25 24.83 33.24
CA LYS E 312 -32.20 26.17 33.79
C LYS E 312 -31.17 26.22 34.91
N PRO E 313 -30.38 27.29 34.99
CA PRO E 313 -29.39 27.40 36.07
C PRO E 313 -30.07 27.53 37.42
N THR E 314 -29.80 26.56 38.30
CA THR E 314 -30.32 26.53 39.67
C THR E 314 -29.18 26.30 40.64
N ASN E 315 -29.45 26.23 41.95
CA ASN E 315 -28.38 25.90 42.87
C ASN E 315 -28.77 24.78 43.83
N ASP E 316 -29.57 23.80 43.37
CA ASP E 316 -29.94 22.67 44.23
C ASP E 316 -28.86 21.61 44.21
N SER E 317 -28.34 21.26 45.39
CA SER E 317 -27.32 20.23 45.53
C SER E 317 -27.89 19.00 46.21
N TYR E 318 -27.45 17.83 45.77
CA TYR E 318 -27.95 16.56 46.29
C TYR E 318 -26.83 15.84 47.03
N GLY E 319 -27.19 15.19 48.14
CA GLY E 319 -26.20 14.53 48.97
C GLY E 319 -26.37 13.03 49.04
N LEU E 320 -25.28 12.30 48.79
CA LEU E 320 -25.31 10.84 48.84
C LEU E 320 -25.62 10.35 50.24
N PHE E 321 -26.59 9.45 50.36
CA PHE E 321 -26.96 8.91 51.66
C PHE E 321 -27.17 7.40 51.69
N ALA E 322 -27.40 6.75 50.54
CA ALA E 322 -27.65 5.30 50.52
C ALA E 322 -26.98 4.69 49.31
N VAL E 323 -26.49 3.46 49.50
CA VAL E 323 -25.74 2.73 48.46
C VAL E 323 -26.14 1.26 48.50
N VAL E 324 -26.51 0.72 47.35
CA VAL E 324 -26.78 -0.71 47.18
C VAL E 324 -25.59 -1.33 46.48
N MET E 325 -25.09 -2.45 47.02
CA MET E 325 -23.85 -3.07 46.57
C MET E 325 -24.09 -4.43 45.96
N HIS E 326 -23.22 -4.81 44.99
CA HIS E 326 -23.20 -6.15 44.42
C HIS E 326 -21.73 -6.60 44.34
N SER E 327 -21.12 -6.82 45.50
CA SER E 327 -19.73 -7.27 45.53
C SER E 327 -19.56 -8.47 46.47
N HIS E 335 -24.83 -11.86 45.36
CA HIS E 335 -24.67 -11.27 46.69
C HIS E 335 -24.93 -9.75 46.66
N TYR E 336 -25.98 -9.32 47.36
CA TYR E 336 -26.35 -7.91 47.49
C TYR E 336 -26.21 -7.44 48.93
N THR E 337 -25.81 -6.18 49.13
CA THR E 337 -25.80 -5.55 50.45
C THR E 337 -26.42 -4.16 50.39
N ALA E 338 -26.58 -3.54 51.56
CA ALA E 338 -27.19 -2.21 51.67
C ALA E 338 -26.32 -1.29 52.53
N SER E 339 -26.51 0.03 52.37
CA SER E 339 -25.78 1.04 53.13
C SER E 339 -26.62 2.30 53.32
N VAL E 340 -26.62 2.84 54.55
CA VAL E 340 -27.36 4.06 54.88
C VAL E 340 -26.44 4.99 55.68
N LYS E 341 -26.42 6.27 55.32
CA LYS E 341 -25.63 7.29 56.02
C LYS E 341 -26.46 8.15 56.97
N VAL E 342 -27.37 7.54 57.72
CA VAL E 342 -28.19 8.13 58.80
C VAL E 342 -28.58 9.59 58.63
N THR E 343 -29.04 9.96 57.43
CA THR E 343 -29.48 11.33 57.10
C THR E 343 -28.41 12.37 57.39
N PRO E 389 -20.73 -0.89 44.14
CA PRO E 389 -22.11 -0.39 44.18
C PRO E 389 -22.88 -0.62 42.89
N TYR E 390 -24.20 -0.81 43.03
CA TYR E 390 -25.11 -1.02 41.91
C TYR E 390 -26.19 0.06 41.81
N LEU E 391 -26.66 0.59 42.94
CA LEU E 391 -27.60 1.70 42.97
C LEU E 391 -27.12 2.76 43.96
N LEU E 392 -27.41 4.02 43.65
CA LEU E 392 -27.02 5.16 44.48
C LEU E 392 -28.21 6.08 44.70
N PHE E 393 -28.40 6.50 45.95
CA PHE E 393 -29.53 7.34 46.35
C PHE E 393 -29.02 8.64 46.96
N TYR E 394 -29.51 9.77 46.44
CA TYR E 394 -29.09 11.12 46.85
C TYR E 394 -30.25 11.88 47.51
N LYS E 395 -29.89 12.94 48.23
CA LYS E 395 -30.84 13.69 49.05
C LYS E 395 -30.60 15.20 48.89
N LYS E 396 -31.67 15.98 48.79
CA LYS E 396 -31.58 17.42 48.61
C LYS E 396 -31.95 18.14 49.90
N LEU E 397 -31.09 19.09 50.31
CA LEU E 397 -31.41 20.01 51.40
C LEU E 397 -30.95 21.42 51.06
N MET F 1 -41.55 4.03 11.63
CA MET F 1 -40.98 5.12 12.41
C MET F 1 -39.63 4.74 12.99
N GLN F 2 -38.86 5.73 13.42
CA GLN F 2 -37.51 5.53 13.94
C GLN F 2 -37.50 5.89 15.42
N ILE F 3 -37.08 4.94 16.25
CA ILE F 3 -36.96 5.14 17.70
C ILE F 3 -35.49 5.01 18.09
N PHE F 4 -35.17 5.53 19.27
CA PHE F 4 -33.81 5.52 19.80
C PHE F 4 -33.70 4.52 20.94
N VAL F 5 -32.51 3.94 21.08
CA VAL F 5 -32.23 2.96 22.13
C VAL F 5 -30.87 3.30 22.75
N LYS F 6 -30.84 3.53 24.05
CA LYS F 6 -29.60 3.78 24.78
C LYS F 6 -29.02 2.45 25.25
N THR F 7 -27.84 2.10 24.72
CA THR F 7 -27.24 0.80 25.00
C THR F 7 -26.52 0.84 26.35
N LEU F 8 -25.89 -0.30 26.70
CA LEU F 8 -25.25 -0.42 28.00
C LEU F 8 -24.00 0.45 28.11
N THR F 9 -23.34 0.74 26.98
CA THR F 9 -22.15 1.58 26.99
C THR F 9 -22.47 3.06 27.02
N GLY F 10 -23.74 3.44 26.90
CA GLY F 10 -24.13 4.82 26.74
C GLY F 10 -24.31 5.28 25.31
N LYS F 11 -24.04 4.41 24.34
CA LYS F 11 -24.22 4.75 22.93
C LYS F 11 -25.68 4.60 22.51
N THR F 12 -26.14 5.51 21.67
CA THR F 12 -27.50 5.49 21.16
C THR F 12 -27.52 4.82 19.79
N ILE F 13 -28.49 3.94 19.56
CA ILE F 13 -28.68 3.30 18.27
C ILE F 13 -30.12 3.53 17.83
N THR F 14 -30.35 3.51 16.53
CA THR F 14 -31.67 3.72 15.96
C THR F 14 -32.28 2.39 15.55
N LEU F 15 -33.60 2.31 15.65
CA LEU F 15 -34.35 1.12 15.28
C LEU F 15 -35.55 1.53 14.43
N GLU F 16 -35.71 0.89 13.27
CA GLU F 16 -36.87 1.12 12.41
C GLU F 16 -37.98 0.17 12.83
N VAL F 17 -39.07 0.73 13.35
CA VAL F 17 -40.16 -0.02 13.95
C VAL F 17 -41.49 0.55 13.46
N GLU F 18 -42.57 -0.13 13.84
CA GLU F 18 -43.94 0.30 13.59
C GLU F 18 -44.72 0.23 14.89
N PRO F 19 -45.77 1.05 15.05
CA PRO F 19 -46.49 1.07 16.34
C PRO F 19 -47.12 -0.25 16.72
N SER F 20 -47.46 -1.10 15.75
CA SER F 20 -48.03 -2.40 16.05
C SER F 20 -46.99 -3.47 16.38
N ASP F 21 -45.70 -3.13 16.32
CA ASP F 21 -44.66 -4.09 16.66
C ASP F 21 -44.68 -4.40 18.15
N THR F 22 -44.58 -5.68 18.48
CA THR F 22 -44.48 -6.08 19.88
C THR F 22 -43.09 -5.75 20.43
N ILE F 23 -42.98 -5.81 21.76
CA ILE F 23 -41.70 -5.56 22.41
C ILE F 23 -40.72 -6.68 22.10
N GLU F 24 -41.22 -7.88 21.80
CA GLU F 24 -40.36 -8.97 21.37
C GLU F 24 -39.65 -8.64 20.07
N ASN F 25 -40.35 -7.96 19.16
CA ASN F 25 -39.74 -7.53 17.91
C ASN F 25 -38.60 -6.55 18.16
N VAL F 26 -38.78 -5.63 19.12
CA VAL F 26 -37.77 -4.63 19.42
C VAL F 26 -36.53 -5.31 20.00
N LYS F 27 -36.72 -6.23 20.94
CA LYS F 27 -35.58 -6.94 21.54
C LYS F 27 -34.86 -7.79 20.51
N ALA F 28 -35.59 -8.35 19.53
CA ALA F 28 -34.94 -9.11 18.47
C ALA F 28 -34.18 -8.20 17.51
N LYS F 29 -34.68 -6.99 17.29
CA LYS F 29 -33.96 -6.02 16.48
C LYS F 29 -32.71 -5.51 17.18
N ILE F 30 -32.73 -5.42 18.50
CA ILE F 30 -31.53 -5.07 19.25
C ILE F 30 -30.53 -6.21 19.19
N GLN F 31 -31.01 -7.45 19.22
CA GLN F 31 -30.14 -8.61 19.05
C GLN F 31 -29.49 -8.62 17.67
N ASP F 32 -30.24 -8.19 16.64
CA ASP F 32 -29.68 -8.09 15.30
C ASP F 32 -28.55 -7.08 15.24
N LYS F 33 -28.65 -6.00 16.02
CA LYS F 33 -27.65 -4.95 15.99
C LYS F 33 -26.59 -5.14 17.07
N GLU F 34 -26.97 -5.69 18.22
CA GLU F 34 -26.05 -5.88 19.33
C GLU F 34 -26.01 -7.35 19.73
N ILE F 36 -28.00 -8.88 22.27
CA ILE F 36 -28.45 -9.60 23.45
C ILE F 36 -29.86 -10.15 23.25
N PRO F 37 -30.03 -11.46 23.46
CA PRO F 37 -31.35 -12.10 23.32
C PRO F 37 -32.30 -11.65 24.41
N PRO F 38 -33.62 -11.70 24.15
CA PRO F 38 -34.62 -11.39 25.18
C PRO F 38 -34.51 -12.32 26.39
N LEU F 43 -35.81 -3.13 29.14
CA LEU F 43 -35.92 -1.88 28.40
C LEU F 43 -36.97 -0.97 29.03
N ILE F 44 -36.56 0.24 29.37
CA ILE F 44 -37.42 1.22 30.05
C ILE F 44 -37.76 2.34 29.08
N PHE F 45 -39.03 2.71 29.04
CA PHE F 45 -39.51 3.90 28.33
C PHE F 45 -40.17 4.78 29.37
N ALA F 46 -39.54 5.93 29.65
CA ALA F 46 -40.00 6.88 30.66
C ALA F 46 -40.17 6.21 32.03
N ASP F 52 -43.02 -7.70 27.14
CA ASP F 52 -43.36 -8.60 26.04
C ASP F 52 -44.87 -8.84 26.00
N GLY F 53 -45.38 -9.15 24.81
CA GLY F 53 -46.80 -9.34 24.60
C GLY F 53 -47.55 -8.06 24.29
N ARG F 54 -47.04 -6.92 24.75
CA ARG F 54 -47.59 -5.62 24.45
C ARG F 54 -46.86 -5.00 23.27
N THR F 55 -47.51 -4.02 22.64
CA THR F 55 -46.95 -3.34 21.49
C THR F 55 -46.43 -1.96 21.87
N LEU F 56 -45.84 -1.27 20.90
CA LEU F 56 -45.29 0.06 21.15
C LEU F 56 -46.39 1.08 21.35
N SER F 57 -47.52 0.92 20.65
CA SER F 57 -48.66 1.81 20.82
C SER F 57 -49.30 1.68 22.19
N ASP F 58 -49.13 0.52 22.84
CA ASP F 58 -49.64 0.36 24.20
C ASP F 58 -48.95 1.33 25.17
N TYR F 59 -47.69 1.64 24.93
CA TYR F 59 -46.93 2.57 25.74
C TYR F 59 -46.85 3.96 25.13
N ASN F 60 -47.52 4.18 23.99
CA ASN F 60 -47.53 5.47 23.28
C ASN F 60 -46.12 5.86 22.83
N ILE F 61 -45.34 4.89 22.40
CA ILE F 61 -44.00 5.14 21.87
C ILE F 61 -44.12 5.62 20.44
N GLN F 62 -43.51 6.77 20.15
CA GLN F 62 -43.62 7.43 18.85
C GLN F 62 -42.22 7.61 18.26
N LYS F 63 -42.16 8.38 17.17
CA LYS F 63 -40.87 8.75 16.58
C LYS F 63 -40.04 9.53 17.60
N GLU F 64 -38.73 9.29 17.56
CA GLU F 64 -37.73 9.93 18.42
C GLU F 64 -37.89 9.57 19.90
N SER F 65 -38.73 8.60 20.22
CA SER F 65 -38.81 8.11 21.59
C SER F 65 -37.55 7.31 21.91
N THR F 66 -37.12 7.40 23.17
CA THR F 66 -35.87 6.80 23.61
C THR F 66 -36.15 5.65 24.58
N LEU F 67 -35.64 4.46 24.26
CA LEU F 67 -35.64 3.33 25.17
C LEU F 67 -34.27 3.20 25.82
N HIS F 68 -34.27 2.81 27.09
CA HIS F 68 -33.02 2.63 27.83
C HIS F 68 -32.77 1.15 28.13
ZN ZN G . 19.38 -18.66 -3.79
C2 AYE H . 55.89 13.05 -15.46
C3 AYE H . 56.48 14.08 -16.02
C1 AYE H . 54.98 12.22 -16.36
N1 AYE H . 53.59 12.56 -16.15
ZN ZN I . -32.39 17.84 8.64
#